data_2DNF
#
_entry.id   2DNF
#
_entity_poly.entity_id   1
_entity_poly.type   'polypeptide(L)'
_entity_poly.pdbx_seq_one_letter_code
;GSSGSSGRKPLQEPCTIFLIANGDLINPASRLLIPRKTLNQWDHVLQMVTEKITLRSGAVHRLYTLEGKLVESGAELENG
QFYVAVGRDKFKKLPYGELLFDSGPSSG
;
_entity_poly.pdbx_strand_id   A
#
# COMPACT_ATOMS: atom_id res chain seq x y z
N GLY A 1 -18.05 -2.49 11.86
CA GLY A 1 -18.51 -1.11 11.72
C GLY A 1 -19.86 -1.02 11.04
N SER A 2 -20.92 -1.30 11.80
CA SER A 2 -22.28 -1.25 11.25
C SER A 2 -22.67 0.18 10.90
N SER A 3 -22.48 0.54 9.63
CA SER A 3 -22.82 1.87 9.16
C SER A 3 -24.31 1.98 8.80
N GLY A 4 -25.11 2.40 9.77
CA GLY A 4 -26.54 2.53 9.53
C GLY A 4 -26.88 3.71 8.65
N SER A 5 -28.09 4.23 8.79
CA SER A 5 -28.53 5.37 7.99
C SER A 5 -28.33 6.67 8.76
N SER A 6 -27.25 6.75 9.51
CA SER A 6 -26.94 7.95 10.29
C SER A 6 -26.07 8.91 9.49
N GLY A 7 -26.26 10.20 9.70
CA GLY A 7 -25.49 11.20 9.00
C GLY A 7 -24.04 11.23 9.44
N ARG A 8 -23.73 12.10 10.40
CA ARG A 8 -22.36 12.22 10.91
C ARG A 8 -21.81 10.85 11.29
N LYS A 9 -20.64 10.51 10.74
CA LYS A 9 -20.00 9.24 11.03
C LYS A 9 -19.11 9.34 12.26
N PRO A 10 -18.86 8.19 12.91
CA PRO A 10 -18.03 8.13 14.12
C PRO A 10 -16.55 8.38 13.81
N LEU A 11 -15.72 8.30 14.84
CA LEU A 11 -14.29 8.53 14.68
C LEU A 11 -13.69 7.54 13.68
N GLN A 12 -13.39 8.03 12.48
CA GLN A 12 -12.81 7.19 11.44
C GLN A 12 -11.56 7.83 10.85
N GLU A 13 -10.47 7.77 11.61
CA GLU A 13 -9.20 8.35 11.17
C GLU A 13 -8.61 7.56 10.01
N PRO A 14 -8.08 8.28 9.01
CA PRO A 14 -7.48 7.66 7.82
C PRO A 14 -6.18 6.94 8.14
N CYS A 15 -5.67 6.19 7.17
CA CYS A 15 -4.42 5.46 7.34
C CYS A 15 -3.43 5.79 6.23
N THR A 16 -2.22 6.16 6.62
CA THR A 16 -1.18 6.50 5.65
C THR A 16 -0.20 5.35 5.45
N ILE A 17 -0.36 4.62 4.35
CA ILE A 17 0.50 3.50 4.04
C ILE A 17 1.38 3.79 2.82
N PHE A 18 2.55 3.16 2.78
CA PHE A 18 3.48 3.35 1.67
C PHE A 18 3.39 2.20 0.67
N LEU A 19 3.46 2.53 -0.61
CA LEU A 19 3.38 1.51 -1.65
C LEU A 19 4.71 1.39 -2.40
N ILE A 20 4.95 0.23 -2.99
CA ILE A 20 6.18 -0.01 -3.74
C ILE A 20 5.94 -0.95 -4.91
N ALA A 21 6.47 -0.59 -6.07
CA ALA A 21 6.31 -1.41 -7.27
C ALA A 21 7.01 -2.75 -7.11
N ASN A 22 6.27 -3.83 -7.32
CA ASN A 22 6.82 -5.17 -7.20
C ASN A 22 7.88 -5.43 -8.27
N GLY A 23 9.04 -5.90 -7.84
CA GLY A 23 10.12 -6.18 -8.78
C GLY A 23 10.95 -4.94 -9.10
N ASP A 24 10.68 -3.86 -8.38
CA ASP A 24 11.42 -2.61 -8.58
C ASP A 24 12.32 -2.31 -7.39
N LEU A 25 13.62 -2.29 -7.65
CA LEU A 25 14.60 -2.01 -6.60
C LEU A 25 15.41 -0.75 -6.94
N ILE A 26 14.80 0.17 -7.67
CA ILE A 26 15.45 1.41 -8.05
C ILE A 26 14.67 2.62 -7.54
N ASN A 27 13.35 2.53 -7.58
CA ASN A 27 12.49 3.61 -7.13
C ASN A 27 12.03 3.38 -5.69
N PRO A 28 11.94 4.48 -4.92
CA PRO A 28 11.52 4.42 -3.52
C PRO A 28 10.04 4.08 -3.37
N ALA A 29 9.51 4.29 -2.18
CA ALA A 29 8.10 4.00 -1.90
C ALA A 29 7.23 5.22 -2.19
N SER A 30 5.92 5.07 -1.97
CA SER A 30 4.98 6.15 -2.21
C SER A 30 3.96 6.24 -1.08
N ARG A 31 4.08 7.30 -0.27
CA ARG A 31 3.18 7.50 0.85
C ARG A 31 1.78 7.86 0.36
N LEU A 32 0.84 6.92 0.52
CA LEU A 32 -0.53 7.14 0.09
C LEU A 32 -1.50 6.95 1.25
N LEU A 33 -2.56 7.75 1.26
CA LEU A 33 -3.57 7.68 2.32
C LEU A 33 -4.86 7.04 1.81
N ILE A 34 -5.46 6.18 2.63
CA ILE A 34 -6.69 5.51 2.26
C ILE A 34 -7.81 5.84 3.25
N PRO A 35 -8.90 6.44 2.73
CA PRO A 35 -10.05 6.82 3.54
C PRO A 35 -10.84 5.61 4.02
N ARG A 36 -11.47 5.74 5.19
CA ARG A 36 -12.26 4.65 5.76
C ARG A 36 -13.37 4.22 4.80
N LYS A 37 -13.89 5.18 4.03
CA LYS A 37 -14.95 4.89 3.07
C LYS A 37 -14.47 3.91 2.01
N THR A 38 -13.17 3.95 1.72
CA THR A 38 -12.59 3.07 0.72
C THR A 38 -11.96 1.85 1.36
N LEU A 39 -11.42 2.03 2.56
CA LEU A 39 -10.78 0.93 3.28
C LEU A 39 -11.67 -0.31 3.30
N ASN A 40 -12.96 -0.11 3.55
CA ASN A 40 -13.92 -1.20 3.57
C ASN A 40 -13.94 -1.94 2.24
N GLN A 41 -13.88 -1.19 1.15
CA GLN A 41 -13.89 -1.78 -0.18
C GLN A 41 -12.47 -2.00 -0.69
N TRP A 42 -11.97 -3.21 -0.50
CA TRP A 42 -10.62 -3.56 -0.95
C TRP A 42 -10.41 -3.19 -2.40
N ASP A 43 -11.42 -3.48 -3.23
CA ASP A 43 -11.35 -3.18 -4.66
C ASP A 43 -11.04 -1.70 -4.88
N HIS A 44 -11.67 -0.85 -4.08
CA HIS A 44 -11.46 0.59 -4.20
C HIS A 44 -10.02 0.97 -3.87
N VAL A 45 -9.41 0.21 -2.95
CA VAL A 45 -8.04 0.46 -2.54
C VAL A 45 -7.07 0.26 -3.72
N LEU A 46 -7.17 -0.89 -4.36
CA LEU A 46 -6.31 -1.21 -5.49
C LEU A 46 -6.45 -0.16 -6.60
N GLN A 47 -7.67 0.34 -6.77
CA GLN A 47 -7.95 1.35 -7.79
C GLN A 47 -7.15 2.63 -7.52
N MET A 48 -6.84 2.86 -6.24
CA MET A 48 -6.08 4.04 -5.85
C MET A 48 -4.59 3.74 -5.79
N VAL A 49 -4.25 2.54 -5.31
CA VAL A 49 -2.87 2.12 -5.19
C VAL A 49 -2.16 2.20 -6.53
N THR A 50 -2.87 1.85 -7.59
CA THR A 50 -2.31 1.88 -8.94
C THR A 50 -1.90 3.30 -9.33
N GLU A 51 -2.74 4.27 -8.98
CA GLU A 51 -2.47 5.67 -9.31
C GLU A 51 -1.08 6.07 -8.84
N LYS A 52 -0.61 5.45 -7.77
CA LYS A 52 0.71 5.74 -7.22
C LYS A 52 1.74 4.74 -7.73
N ILE A 53 1.34 3.47 -7.81
CA ILE A 53 2.24 2.42 -8.28
C ILE A 53 1.64 1.70 -9.47
N THR A 54 1.94 2.19 -10.67
CA THR A 54 1.44 1.59 -11.90
C THR A 54 2.38 0.52 -12.42
N LEU A 55 2.05 -0.74 -12.16
CA LEU A 55 2.87 -1.86 -12.61
C LEU A 55 2.91 -1.94 -14.12
N ARG A 56 4.07 -2.31 -14.67
CA ARG A 56 4.23 -2.42 -16.11
C ARG A 56 3.23 -3.42 -16.70
N SER A 57 2.82 -4.39 -15.89
CA SER A 57 1.88 -5.41 -16.32
C SER A 57 0.46 -4.83 -16.41
N GLY A 58 0.24 -3.71 -15.73
CA GLY A 58 -1.06 -3.07 -15.75
C GLY A 58 -1.38 -2.39 -14.43
N ALA A 59 -2.35 -2.92 -13.70
CA ALA A 59 -2.75 -2.36 -12.42
C ALA A 59 -2.47 -3.34 -11.28
N VAL A 60 -2.78 -2.91 -10.06
CA VAL A 60 -2.56 -3.74 -8.88
C VAL A 60 -3.80 -4.58 -8.57
N HIS A 61 -3.57 -5.81 -8.12
CA HIS A 61 -4.67 -6.72 -7.78
C HIS A 61 -4.54 -7.20 -6.35
N ARG A 62 -3.33 -7.13 -5.80
CA ARG A 62 -3.09 -7.57 -4.43
C ARG A 62 -1.86 -6.86 -3.85
N LEU A 63 -1.78 -6.82 -2.52
CA LEU A 63 -0.67 -6.16 -1.84
C LEU A 63 0.15 -7.19 -1.06
N TYR A 64 1.41 -6.87 -0.83
CA TYR A 64 2.31 -7.75 -0.09
C TYR A 64 3.28 -6.95 0.77
N THR A 65 3.37 -7.34 2.05
CA THR A 65 4.27 -6.66 2.98
C THR A 65 5.71 -7.06 2.76
N LEU A 66 6.63 -6.39 3.46
CA LEU A 66 8.05 -6.68 3.33
C LEU A 66 8.38 -8.04 3.94
N GLU A 67 7.46 -8.57 4.75
CA GLU A 67 7.66 -9.86 5.40
C GLU A 67 7.16 -10.99 4.50
N GLY A 68 6.35 -10.64 3.51
CA GLY A 68 5.82 -11.64 2.61
C GLY A 68 4.37 -11.97 2.89
N LYS A 69 3.69 -11.08 3.60
CA LYS A 69 2.28 -11.28 3.94
C LYS A 69 1.38 -10.89 2.77
N LEU A 70 0.15 -11.38 2.79
CA LEU A 70 -0.82 -11.07 1.74
C LEU A 70 -2.03 -10.36 2.31
N VAL A 71 -2.30 -9.15 1.80
CA VAL A 71 -3.43 -8.36 2.26
C VAL A 71 -4.57 -8.40 1.24
N GLU A 72 -5.55 -9.26 1.49
CA GLU A 72 -6.70 -9.39 0.60
C GLU A 72 -7.74 -8.32 0.89
N SER A 73 -7.66 -7.74 2.08
CA SER A 73 -8.60 -6.70 2.48
C SER A 73 -7.91 -5.64 3.32
N GLY A 74 -8.67 -4.62 3.74
CA GLY A 74 -8.11 -3.55 4.54
C GLY A 74 -8.01 -3.91 6.01
N ALA A 75 -7.90 -5.21 6.29
CA ALA A 75 -7.79 -5.69 7.66
C ALA A 75 -6.34 -5.95 8.04
N GLU A 76 -5.52 -6.25 7.05
CA GLU A 76 -4.11 -6.52 7.28
C GLU A 76 -3.28 -5.24 7.20
N LEU A 77 -3.92 -4.17 6.75
CA LEU A 77 -3.25 -2.87 6.63
C LEU A 77 -2.82 -2.34 7.98
N GLU A 78 -2.06 -1.26 7.98
CA GLU A 78 -1.57 -0.64 9.22
C GLU A 78 -1.36 0.85 9.03
N ASN A 79 -1.04 1.53 10.13
CA ASN A 79 -0.81 2.97 10.09
C ASN A 79 0.68 3.28 10.06
N GLY A 80 1.16 3.70 8.88
CA GLY A 80 2.56 4.02 8.73
C GLY A 80 3.42 2.80 8.44
N GLN A 81 2.92 1.93 7.56
CA GLN A 81 3.65 0.71 7.20
C GLN A 81 3.98 0.70 5.71
N PHE A 82 4.88 -0.20 5.33
CA PHE A 82 5.28 -0.33 3.93
C PHE A 82 4.67 -1.56 3.29
N TYR A 83 4.28 -1.44 2.03
CA TYR A 83 3.67 -2.55 1.31
C TYR A 83 4.11 -2.56 -0.15
N VAL A 84 3.86 -3.67 -0.83
CA VAL A 84 4.23 -3.80 -2.24
C VAL A 84 3.01 -4.11 -3.10
N ALA A 85 2.95 -3.49 -4.28
CA ALA A 85 1.84 -3.70 -5.20
C ALA A 85 2.13 -4.85 -6.16
N VAL A 86 1.43 -5.96 -5.97
CA VAL A 86 1.61 -7.13 -6.82
C VAL A 86 0.42 -7.32 -7.76
N GLY A 87 0.70 -7.36 -9.05
CA GLY A 87 -0.35 -7.54 -10.04
C GLY A 87 -0.71 -8.99 -10.26
N ARG A 88 -0.88 -9.38 -11.51
CA ARG A 88 -1.23 -10.75 -11.86
C ARG A 88 0.02 -11.62 -11.93
N ASP A 89 0.94 -11.41 -10.99
CA ASP A 89 2.18 -12.18 -10.95
C ASP A 89 2.49 -12.64 -9.52
N LYS A 90 3.59 -13.36 -9.37
CA LYS A 90 4.00 -13.87 -8.06
C LYS A 90 4.75 -12.80 -7.27
N PHE A 91 4.73 -12.90 -5.95
CA PHE A 91 5.40 -11.94 -5.08
C PHE A 91 6.91 -12.16 -5.13
N LYS A 92 7.62 -11.18 -5.69
CA LYS A 92 9.08 -11.25 -5.79
C LYS A 92 9.74 -10.72 -4.52
N LYS A 93 9.69 -11.51 -3.46
CA LYS A 93 10.29 -11.12 -2.19
C LYS A 93 11.62 -10.41 -2.41
N LEU A 94 11.58 -9.08 -2.42
CA LEU A 94 12.78 -8.28 -2.62
C LEU A 94 13.02 -7.34 -1.44
N PRO A 95 14.29 -6.95 -1.23
CA PRO A 95 14.67 -6.05 -0.15
C PRO A 95 14.18 -4.63 -0.37
N TYR A 96 13.12 -4.26 0.36
CA TYR A 96 12.55 -2.93 0.24
C TYR A 96 12.97 -2.04 1.40
N GLY A 97 13.18 -2.66 2.57
CA GLY A 97 13.59 -1.91 3.75
C GLY A 97 14.81 -1.06 3.49
N GLU A 98 15.54 -1.38 2.43
CA GLU A 98 16.75 -0.64 2.09
C GLU A 98 16.41 0.59 1.25
N LEU A 99 15.43 0.45 0.36
CA LEU A 99 15.01 1.54 -0.50
C LEU A 99 14.42 2.69 0.32
N LEU A 100 13.88 2.36 1.48
CA LEU A 100 13.29 3.36 2.36
C LEU A 100 14.32 4.41 2.77
N PHE A 101 15.35 3.96 3.50
CA PHE A 101 16.41 4.86 3.95
C PHE A 101 17.60 4.81 3.00
N ASP A 102 17.69 5.81 2.13
CA ASP A 102 18.78 5.89 1.17
C ASP A 102 20.09 5.42 1.79
N SER A 103 20.96 4.83 0.98
CA SER A 103 22.25 4.33 1.45
C SER A 103 23.32 4.48 0.38
N GLY A 104 24.44 5.10 0.74
CA GLY A 104 25.52 5.29 -0.20
C GLY A 104 25.72 4.09 -1.11
N PRO A 105 25.71 4.34 -2.43
CA PRO A 105 25.89 3.29 -3.43
C PRO A 105 27.31 2.73 -3.44
N SER A 106 27.46 1.50 -3.92
CA SER A 106 28.77 0.87 -3.98
C SER A 106 29.49 1.23 -5.29
N SER A 107 28.85 0.92 -6.40
CA SER A 107 29.42 1.22 -7.71
C SER A 107 29.54 2.73 -7.93
N GLY A 108 30.77 3.24 -7.84
CA GLY A 108 31.00 4.66 -8.03
C GLY A 108 32.47 5.00 -8.09
N GLY A 1 -14.04 30.46 0.74
CA GLY A 1 -15.28 31.06 1.19
C GLY A 1 -16.48 30.17 0.96
N SER A 2 -17.55 30.41 1.73
CA SER A 2 -18.76 29.60 1.61
C SER A 2 -18.53 28.20 2.14
N SER A 3 -17.83 28.10 3.27
CA SER A 3 -17.54 26.81 3.87
C SER A 3 -18.31 26.64 5.19
N GLY A 4 -18.95 25.48 5.35
CA GLY A 4 -19.70 25.21 6.56
C GLY A 4 -18.83 24.76 7.71
N SER A 5 -19.28 25.02 8.93
CA SER A 5 -18.52 24.64 10.12
C SER A 5 -18.88 23.23 10.55
N SER A 6 -17.93 22.56 11.21
CA SER A 6 -18.14 21.19 11.67
C SER A 6 -18.60 21.18 13.12
N GLY A 7 -19.44 20.21 13.47
CA GLY A 7 -19.95 20.10 14.82
C GLY A 7 -19.45 18.85 15.53
N ARG A 8 -19.88 17.69 15.05
CA ARG A 8 -19.48 16.42 15.65
C ARG A 8 -18.80 15.53 14.62
N LYS A 9 -17.49 15.68 14.48
CA LYS A 9 -16.72 14.90 13.54
C LYS A 9 -16.75 13.42 13.90
N PRO A 10 -16.75 12.54 12.89
CA PRO A 10 -16.78 11.09 13.08
C PRO A 10 -15.47 10.56 13.66
N LEU A 11 -15.40 9.24 13.84
CA LEU A 11 -14.21 8.61 14.39
C LEU A 11 -13.46 7.82 13.32
N GLN A 12 -13.86 8.04 12.07
CA GLN A 12 -13.23 7.34 10.94
C GLN A 12 -12.04 8.14 10.41
N GLU A 13 -10.88 7.96 11.03
CA GLU A 13 -9.68 8.66 10.61
C GLU A 13 -8.94 7.89 9.54
N PRO A 14 -8.35 8.63 8.58
CA PRO A 14 -7.59 8.03 7.47
C PRO A 14 -6.29 7.40 7.93
N CYS A 15 -5.63 6.68 7.01
CA CYS A 15 -4.37 6.02 7.33
C CYS A 15 -3.36 6.21 6.20
N THR A 16 -2.14 6.59 6.56
CA THR A 16 -1.09 6.81 5.58
C THR A 16 -0.18 5.59 5.47
N ILE A 17 -0.22 4.93 4.31
CA ILE A 17 0.59 3.74 4.07
C ILE A 17 1.53 3.95 2.89
N PHE A 18 2.59 3.15 2.83
CA PHE A 18 3.57 3.26 1.74
C PHE A 18 3.42 2.09 0.77
N LEU A 19 3.52 2.38 -0.51
CA LEU A 19 3.40 1.36 -1.54
C LEU A 19 4.66 1.29 -2.39
N ILE A 20 4.95 0.11 -2.93
CA ILE A 20 6.12 -0.10 -3.76
C ILE A 20 5.82 -1.03 -4.93
N ALA A 21 6.42 -0.74 -6.08
CA ALA A 21 6.21 -1.55 -7.27
C ALA A 21 6.94 -2.90 -7.15
N ASN A 22 6.19 -3.98 -7.29
CA ASN A 22 6.77 -5.32 -7.20
C ASN A 22 7.87 -5.50 -8.24
N GLY A 23 9.05 -5.94 -7.79
CA GLY A 23 10.16 -6.16 -8.67
C GLY A 23 11.03 -4.92 -8.82
N ASP A 24 10.75 -3.91 -8.02
CA ASP A 24 11.52 -2.66 -8.06
C ASP A 24 12.34 -2.49 -6.79
N LEU A 25 13.66 -2.40 -6.95
CA LEU A 25 14.55 -2.24 -5.82
C LEU A 25 15.45 -1.00 -6.00
N ILE A 26 15.06 -0.14 -6.92
CA ILE A 26 15.81 1.08 -7.20
C ILE A 26 15.04 2.32 -6.76
N ASN A 27 13.74 2.34 -7.07
CA ASN A 27 12.89 3.47 -6.72
C ASN A 27 12.24 3.24 -5.36
N PRO A 28 12.10 4.33 -4.58
CA PRO A 28 11.49 4.28 -3.26
C PRO A 28 9.99 4.01 -3.31
N ALA A 29 9.33 4.13 -2.16
CA ALA A 29 7.89 3.90 -2.09
C ALA A 29 7.12 5.20 -2.30
N SER A 30 5.79 5.12 -2.20
CA SER A 30 4.94 6.28 -2.39
C SER A 30 3.96 6.42 -1.23
N ARG A 31 4.00 7.58 -0.57
CA ARG A 31 3.11 7.85 0.55
C ARG A 31 1.69 8.17 0.07
N LEU A 32 0.76 7.29 0.39
CA LEU A 32 -0.63 7.47 -0.01
C LEU A 32 -1.58 7.26 1.18
N LEU A 33 -2.62 8.08 1.24
CA LEU A 33 -3.59 7.98 2.33
C LEU A 33 -4.88 7.32 1.84
N ILE A 34 -5.45 6.47 2.68
CA ILE A 34 -6.68 5.77 2.34
C ILE A 34 -7.78 6.07 3.36
N PRO A 35 -8.88 6.68 2.88
CA PRO A 35 -10.02 7.04 3.74
C PRO A 35 -10.79 5.80 4.21
N ARG A 36 -11.27 5.86 5.44
CA ARG A 36 -12.02 4.75 6.02
C ARG A 36 -13.03 4.20 5.02
N LYS A 37 -13.96 5.06 4.59
CA LYS A 37 -14.99 4.67 3.64
C LYS A 37 -14.40 3.77 2.55
N THR A 38 -13.12 3.96 2.26
CA THR A 38 -12.44 3.17 1.24
C THR A 38 -11.76 1.96 1.85
N LEU A 39 -11.14 2.14 3.00
CA LEU A 39 -10.44 1.05 3.69
C LEU A 39 -11.31 -0.20 3.72
N ASN A 40 -12.61 -0.02 3.87
CA ASN A 40 -13.54 -1.14 3.91
C ASN A 40 -13.59 -1.86 2.58
N GLN A 41 -13.55 -1.09 1.49
CA GLN A 41 -13.57 -1.65 0.14
C GLN A 41 -12.17 -1.93 -0.36
N TRP A 42 -11.89 -3.20 -0.67
CA TRP A 42 -10.58 -3.60 -1.16
C TRP A 42 -10.35 -3.09 -2.58
N ASP A 43 -11.38 -3.21 -3.43
CA ASP A 43 -11.29 -2.75 -4.81
C ASP A 43 -10.92 -1.28 -4.87
N HIS A 44 -11.58 -0.46 -4.05
CA HIS A 44 -11.31 0.97 -4.02
C HIS A 44 -9.83 1.24 -3.73
N VAL A 45 -9.23 0.39 -2.91
CA VAL A 45 -7.83 0.53 -2.55
C VAL A 45 -6.93 0.28 -3.75
N LEU A 46 -7.03 -0.90 -4.33
CA LEU A 46 -6.22 -1.26 -5.49
C LEU A 46 -6.32 -0.20 -6.58
N GLN A 47 -7.41 0.57 -6.54
CA GLN A 47 -7.63 1.61 -7.53
C GLN A 47 -6.76 2.83 -7.23
N MET A 48 -6.51 3.08 -5.95
CA MET A 48 -5.70 4.22 -5.54
C MET A 48 -4.22 3.84 -5.49
N VAL A 49 -3.95 2.57 -5.16
CA VAL A 49 -2.59 2.08 -5.08
C VAL A 49 -1.91 2.09 -6.46
N THR A 50 -2.70 1.79 -7.49
CA THR A 50 -2.18 1.76 -8.86
C THR A 50 -1.74 3.15 -9.31
N GLU A 51 -2.60 4.14 -9.08
CA GLU A 51 -2.29 5.52 -9.46
C GLU A 51 -0.90 5.91 -8.97
N LYS A 52 -0.46 5.29 -7.88
CA LYS A 52 0.85 5.59 -7.32
C LYS A 52 1.88 4.56 -7.77
N ILE A 53 1.46 3.30 -7.87
CA ILE A 53 2.34 2.23 -8.29
C ILE A 53 1.85 1.58 -9.59
N THR A 54 2.38 2.05 -10.72
CA THR A 54 1.99 1.52 -12.01
C THR A 54 2.81 0.29 -12.37
N LEU A 55 2.19 -0.88 -12.30
CA LEU A 55 2.86 -2.13 -12.62
C LEU A 55 2.87 -2.38 -14.13
N ARG A 56 3.70 -3.33 -14.57
CA ARG A 56 3.80 -3.66 -15.98
C ARG A 56 2.42 -3.94 -16.57
N SER A 57 1.53 -4.49 -15.75
CA SER A 57 0.18 -4.82 -16.20
C SER A 57 -0.66 -3.55 -16.35
N GLY A 58 -0.36 -2.55 -15.53
CA GLY A 58 -1.10 -1.30 -15.60
C GLY A 58 -1.99 -1.09 -14.39
N ALA A 59 -2.18 -2.15 -13.60
CA ALA A 59 -3.01 -2.08 -12.41
C ALA A 59 -2.67 -3.20 -11.44
N VAL A 60 -2.84 -2.94 -10.15
CA VAL A 60 -2.57 -3.93 -9.12
C VAL A 60 -3.78 -4.81 -8.85
N HIS A 61 -3.54 -6.03 -8.37
CA HIS A 61 -4.61 -6.96 -8.07
C HIS A 61 -4.46 -7.53 -6.66
N ARG A 62 -3.21 -7.69 -6.23
CA ARG A 62 -2.93 -8.23 -4.90
C ARG A 62 -1.80 -7.46 -4.24
N LEU A 63 -1.76 -7.49 -2.91
CA LEU A 63 -0.72 -6.81 -2.15
C LEU A 63 0.14 -7.80 -1.38
N TYR A 64 1.33 -7.35 -0.98
CA TYR A 64 2.26 -8.21 -0.23
C TYR A 64 3.17 -7.37 0.65
N THR A 65 3.45 -7.89 1.84
CA THR A 65 4.32 -7.19 2.79
C THR A 65 5.80 -7.44 2.48
N LEU A 66 6.67 -6.87 3.28
CA LEU A 66 8.11 -7.03 3.11
C LEU A 66 8.61 -8.28 3.81
N GLU A 67 7.76 -8.85 4.66
CA GLU A 67 8.12 -10.06 5.40
C GLU A 67 7.73 -11.31 4.61
N GLY A 68 6.86 -11.13 3.62
CA GLY A 68 6.43 -12.25 2.81
C GLY A 68 4.98 -12.63 3.06
N LYS A 69 4.16 -11.63 3.41
CA LYS A 69 2.75 -11.85 3.68
C LYS A 69 1.88 -11.24 2.59
N LEU A 70 0.62 -11.66 2.53
CA LEU A 70 -0.30 -11.15 1.53
C LEU A 70 -1.55 -10.58 2.20
N VAL A 71 -2.09 -9.51 1.63
CA VAL A 71 -3.28 -8.87 2.17
C VAL A 71 -4.50 -9.13 1.28
N GLU A 72 -5.62 -9.45 1.91
CA GLU A 72 -6.85 -9.74 1.17
C GLU A 72 -7.93 -8.69 1.49
N SER A 73 -7.55 -7.69 2.29
CA SER A 73 -8.48 -6.64 2.68
C SER A 73 -7.75 -5.53 3.43
N GLY A 74 -8.51 -4.53 3.88
CA GLY A 74 -7.93 -3.42 4.61
C GLY A 74 -7.68 -3.76 6.06
N ALA A 75 -7.66 -5.05 6.37
CA ALA A 75 -7.43 -5.50 7.75
C ALA A 75 -5.93 -5.59 8.05
N GLU A 76 -5.14 -5.80 7.00
CA GLU A 76 -3.70 -5.91 7.16
C GLU A 76 -3.04 -4.54 7.04
N LEU A 77 -3.66 -3.65 6.28
CA LEU A 77 -3.13 -2.30 6.08
C LEU A 77 -2.70 -1.69 7.41
N GLU A 78 -1.47 -1.20 7.45
CA GLU A 78 -0.93 -0.59 8.66
C GLU A 78 -0.76 0.92 8.48
N ASN A 79 -0.45 1.62 9.56
CA ASN A 79 -0.26 3.06 9.51
C ASN A 79 1.23 3.42 9.58
N GLY A 80 1.79 3.76 8.42
CA GLY A 80 3.20 4.11 8.36
C GLY A 80 4.07 2.95 7.93
N GLN A 81 3.44 1.84 7.55
CA GLN A 81 4.16 0.66 7.11
C GLN A 81 4.33 0.64 5.60
N PHE A 82 5.11 -0.30 5.09
CA PHE A 82 5.35 -0.42 3.66
C PHE A 82 4.72 -1.70 3.11
N TYR A 83 4.03 -1.57 1.99
CA TYR A 83 3.37 -2.71 1.36
C TYR A 83 3.66 -2.75 -0.14
N VAL A 84 4.15 -3.90 -0.61
CA VAL A 84 4.47 -4.07 -2.02
C VAL A 84 3.23 -4.43 -2.83
N ALA A 85 3.05 -3.78 -3.97
CA ALA A 85 1.92 -4.04 -4.84
C ALA A 85 2.26 -5.07 -5.91
N VAL A 86 1.44 -6.12 -6.00
CA VAL A 86 1.66 -7.17 -6.97
C VAL A 86 0.43 -7.35 -7.86
N GLY A 87 0.65 -7.35 -9.18
CA GLY A 87 -0.43 -7.50 -10.12
C GLY A 87 -0.76 -8.95 -10.39
N ARG A 88 -1.33 -9.23 -11.56
CA ARG A 88 -1.69 -10.59 -11.93
C ARG A 88 -0.48 -11.52 -11.84
N ASP A 89 0.70 -10.93 -11.76
CA ASP A 89 1.94 -11.71 -11.66
C ASP A 89 2.19 -12.14 -10.21
N LYS A 90 3.19 -13.00 -10.03
CA LYS A 90 3.53 -13.50 -8.70
C LYS A 90 4.31 -12.45 -7.92
N PHE A 91 4.44 -12.67 -6.61
CA PHE A 91 5.16 -11.75 -5.75
C PHE A 91 6.65 -12.06 -5.73
N LYS A 92 7.46 -11.11 -6.16
CA LYS A 92 8.91 -11.27 -6.18
C LYS A 92 9.51 -11.01 -4.81
N LYS A 93 9.66 -12.06 -4.01
CA LYS A 93 10.23 -11.93 -2.67
C LYS A 93 11.52 -11.13 -2.71
N LEU A 94 11.41 -9.83 -2.46
CA LEU A 94 12.58 -8.95 -2.47
C LEU A 94 12.62 -8.09 -1.21
N PRO A 95 13.83 -7.72 -0.78
CA PRO A 95 14.03 -6.89 0.42
C PRO A 95 13.56 -5.46 0.21
N TYR A 96 12.41 -5.13 0.78
CA TYR A 96 11.84 -3.80 0.66
C TYR A 96 12.14 -2.97 1.91
N GLY A 97 12.13 -3.62 3.06
CA GLY A 97 12.40 -2.93 4.31
C GLY A 97 13.75 -2.23 4.31
N GLU A 98 14.59 -2.60 3.36
CA GLU A 98 15.93 -2.01 3.25
C GLU A 98 15.87 -0.69 2.49
N LEU A 99 15.01 -0.64 1.47
CA LEU A 99 14.87 0.56 0.65
C LEU A 99 14.31 1.71 1.48
N LEU A 100 13.63 1.38 2.57
CA LEU A 100 13.04 2.39 3.45
C LEU A 100 14.13 3.21 4.14
N PHE A 101 14.97 2.52 4.91
CA PHE A 101 16.05 3.18 5.63
C PHE A 101 17.40 2.61 5.22
N ASP A 102 18.09 3.29 4.32
CA ASP A 102 19.40 2.86 3.84
C ASP A 102 20.20 2.24 4.97
N SER A 103 21.15 1.37 4.61
CA SER A 103 21.99 0.69 5.60
C SER A 103 23.41 1.23 5.55
N GLY A 104 23.95 1.35 4.34
CA GLY A 104 25.30 1.85 4.18
C GLY A 104 25.58 2.30 2.76
N PRO A 105 26.40 3.37 2.62
CA PRO A 105 26.77 3.91 1.31
C PRO A 105 27.69 2.99 0.53
N SER A 106 28.31 2.04 1.23
CA SER A 106 29.22 1.09 0.61
C SER A 106 28.63 0.56 -0.69
N SER A 107 27.39 0.07 -0.62
CA SER A 107 26.72 -0.47 -1.80
C SER A 107 26.08 0.64 -2.62
N GLY A 108 25.34 1.52 -1.95
CA GLY A 108 24.69 2.62 -2.62
C GLY A 108 23.66 3.31 -1.75
N GLY A 1 -32.35 -4.75 17.92
CA GLY A 1 -32.13 -3.61 18.78
C GLY A 1 -32.58 -2.31 18.15
N SER A 2 -32.07 -2.02 16.96
CA SER A 2 -32.43 -0.80 16.25
C SER A 2 -32.54 0.38 17.21
N SER A 3 -31.51 0.58 18.02
CA SER A 3 -31.50 1.66 19.00
C SER A 3 -30.73 2.87 18.47
N GLY A 4 -29.55 2.62 17.91
CA GLY A 4 -28.74 3.69 17.37
C GLY A 4 -29.41 4.38 16.20
N SER A 5 -28.75 5.41 15.68
CA SER A 5 -29.30 6.17 14.56
C SER A 5 -28.64 5.74 13.25
N SER A 6 -28.53 4.44 13.06
CA SER A 6 -27.91 3.89 11.84
C SER A 6 -26.48 4.39 11.69
N GLY A 7 -25.74 4.38 12.80
CA GLY A 7 -24.36 4.84 12.76
C GLY A 7 -23.61 4.51 14.04
N ARG A 8 -23.43 5.51 14.89
CA ARG A 8 -22.72 5.32 16.15
C ARG A 8 -21.43 4.54 15.94
N LYS A 9 -20.68 4.91 14.90
CA LYS A 9 -19.42 4.25 14.59
C LYS A 9 -18.24 5.05 15.12
N PRO A 10 -17.11 4.35 15.35
CA PRO A 10 -15.89 4.98 15.86
C PRO A 10 -15.23 5.89 14.84
N LEU A 11 -14.25 6.68 15.28
CA LEU A 11 -13.54 7.59 14.40
C LEU A 11 -13.25 6.94 13.06
N GLN A 12 -13.25 7.75 12.00
CA GLN A 12 -12.99 7.24 10.66
C GLN A 12 -11.77 7.94 10.05
N GLU A 13 -10.75 8.14 10.87
CA GLU A 13 -9.52 8.79 10.41
C GLU A 13 -8.81 7.94 9.36
N PRO A 14 -8.16 8.62 8.40
CA PRO A 14 -7.43 7.95 7.31
C PRO A 14 -6.18 7.25 7.81
N CYS A 15 -5.59 6.42 6.96
CA CYS A 15 -4.38 5.69 7.31
C CYS A 15 -3.33 5.82 6.21
N THR A 16 -2.26 6.56 6.48
CA THR A 16 -1.19 6.76 5.52
C THR A 16 -0.31 5.53 5.41
N ILE A 17 -0.18 5.00 4.19
CA ILE A 17 0.63 3.81 3.96
C ILE A 17 1.60 4.03 2.80
N PHE A 18 2.67 3.26 2.78
CA PHE A 18 3.68 3.38 1.73
C PHE A 18 3.55 2.23 0.72
N LEU A 19 3.53 2.58 -0.55
CA LEU A 19 3.40 1.57 -1.62
C LEU A 19 4.70 1.46 -2.42
N ILE A 20 4.98 0.26 -2.92
CA ILE A 20 6.18 0.02 -3.70
C ILE A 20 5.90 -0.88 -4.89
N ALA A 21 6.43 -0.52 -6.04
CA ALA A 21 6.24 -1.30 -7.26
C ALA A 21 6.93 -2.65 -7.16
N ASN A 22 6.19 -3.72 -7.41
CA ASN A 22 6.74 -5.07 -7.35
C ASN A 22 7.86 -5.24 -8.37
N GLY A 23 8.95 -5.88 -7.94
CA GLY A 23 10.07 -6.11 -8.82
C GLY A 23 10.89 -4.85 -9.03
N ASP A 24 10.70 -3.86 -8.17
CA ASP A 24 11.43 -2.61 -8.27
C ASP A 24 12.32 -2.40 -7.05
N LEU A 25 13.62 -2.29 -7.28
CA LEU A 25 14.58 -2.09 -6.19
C LEU A 25 15.43 -0.85 -6.44
N ILE A 26 14.91 0.07 -7.24
CA ILE A 26 15.62 1.31 -7.56
C ILE A 26 14.88 2.52 -7.01
N ASN A 27 13.58 2.59 -7.29
CA ASN A 27 12.77 3.71 -6.83
C ASN A 27 12.22 3.43 -5.43
N PRO A 28 12.08 4.50 -4.63
CA PRO A 28 11.57 4.40 -3.26
C PRO A 28 10.08 4.07 -3.22
N ALA A 29 9.48 4.19 -2.04
CA ALA A 29 8.06 3.91 -1.87
C ALA A 29 7.22 5.12 -2.25
N SER A 30 5.91 5.01 -2.03
CA SER A 30 4.98 6.09 -2.36
C SER A 30 3.96 6.27 -1.24
N ARG A 31 4.07 7.38 -0.51
CA ARG A 31 3.16 7.68 0.58
C ARG A 31 1.75 7.97 0.05
N LEU A 32 0.90 6.95 0.05
CA LEU A 32 -0.46 7.10 -0.43
C LEU A 32 -1.46 6.92 0.71
N LEU A 33 -2.28 7.95 0.94
CA LEU A 33 -3.28 7.90 2.00
C LEU A 33 -4.58 7.29 1.49
N ILE A 34 -5.17 6.43 2.31
CA ILE A 34 -6.43 5.78 1.93
C ILE A 34 -7.51 6.06 2.97
N PRO A 35 -8.66 6.60 2.51
CA PRO A 35 -9.79 6.93 3.37
C PRO A 35 -10.49 5.68 3.90
N ARG A 36 -11.00 5.77 5.12
CA ARG A 36 -11.69 4.64 5.75
C ARG A 36 -12.74 4.06 4.80
N LYS A 37 -13.64 4.92 4.33
CA LYS A 37 -14.70 4.49 3.42
C LYS A 37 -14.14 3.56 2.33
N THR A 38 -12.96 3.90 1.81
CA THR A 38 -12.33 3.10 0.78
C THR A 38 -11.68 1.86 1.37
N LEU A 39 -11.10 2.00 2.55
CA LEU A 39 -10.44 0.88 3.23
C LEU A 39 -11.40 -0.30 3.37
N ASN A 40 -12.69 -0.02 3.29
CA ASN A 40 -13.71 -1.06 3.42
C ASN A 40 -13.83 -1.85 2.12
N GLN A 41 -13.58 -1.18 0.99
CA GLN A 41 -13.66 -1.83 -0.31
C GLN A 41 -12.27 -2.06 -0.89
N TRP A 42 -11.72 -3.24 -0.65
CA TRP A 42 -10.39 -3.59 -1.15
C TRP A 42 -10.22 -3.12 -2.59
N ASP A 43 -11.22 -3.38 -3.41
CA ASP A 43 -11.17 -2.99 -4.82
C ASP A 43 -10.95 -1.49 -4.96
N HIS A 44 -11.66 -0.72 -4.13
CA HIS A 44 -11.54 0.73 -4.16
C HIS A 44 -10.14 1.18 -3.76
N VAL A 45 -9.55 0.47 -2.79
CA VAL A 45 -8.21 0.79 -2.31
C VAL A 45 -7.19 0.69 -3.45
N LEU A 46 -7.22 -0.42 -4.17
CA LEU A 46 -6.30 -0.64 -5.27
C LEU A 46 -6.46 0.44 -6.34
N GLN A 47 -7.70 0.77 -6.64
CA GLN A 47 -8.00 1.78 -7.64
C GLN A 47 -7.15 3.03 -7.42
N MET A 48 -6.86 3.33 -6.16
CA MET A 48 -6.06 4.49 -5.82
C MET A 48 -4.57 4.13 -5.75
N VAL A 49 -4.29 2.96 -5.21
CA VAL A 49 -2.90 2.50 -5.08
C VAL A 49 -2.20 2.52 -6.43
N THR A 50 -2.90 2.09 -7.47
CA THR A 50 -2.34 2.07 -8.82
C THR A 50 -1.93 3.46 -9.27
N GLU A 51 -2.77 4.45 -8.96
CA GLU A 51 -2.49 5.83 -9.32
C GLU A 51 -1.09 6.25 -8.90
N LYS A 52 -0.62 5.65 -7.80
CA LYS A 52 0.71 5.96 -7.29
C LYS A 52 1.73 4.92 -7.74
N ILE A 53 1.30 3.66 -7.77
CA ILE A 53 2.17 2.57 -8.19
C ILE A 53 1.60 1.85 -9.42
N THR A 54 2.04 2.27 -10.60
CA THR A 54 1.57 1.66 -11.84
C THR A 54 2.64 0.77 -12.46
N LEU A 55 2.51 -0.53 -12.28
CA LEU A 55 3.47 -1.49 -12.82
C LEU A 55 3.30 -1.64 -14.33
N ARG A 56 4.37 -2.02 -15.01
CA ARG A 56 4.33 -2.21 -16.45
C ARG A 56 3.34 -3.31 -16.84
N SER A 57 3.20 -4.30 -15.97
CA SER A 57 2.29 -5.40 -16.22
C SER A 57 0.84 -4.93 -16.22
N GLY A 58 0.55 -3.95 -15.36
CA GLY A 58 -0.80 -3.42 -15.26
C GLY A 58 -1.14 -2.91 -13.88
N ALA A 59 -2.42 -2.75 -13.60
CA ALA A 59 -2.87 -2.26 -12.30
C ALA A 59 -2.58 -3.29 -11.20
N VAL A 60 -2.85 -2.90 -9.96
CA VAL A 60 -2.62 -3.78 -8.81
C VAL A 60 -3.83 -4.65 -8.54
N HIS A 61 -3.57 -5.89 -8.13
CA HIS A 61 -4.65 -6.84 -7.83
C HIS A 61 -4.55 -7.34 -6.40
N ARG A 62 -3.31 -7.40 -5.88
CA ARG A 62 -3.08 -7.87 -4.52
C ARG A 62 -1.92 -7.11 -3.88
N LEU A 63 -1.79 -7.24 -2.57
CA LEU A 63 -0.72 -6.56 -1.83
C LEU A 63 0.19 -7.57 -1.14
N TYR A 64 1.39 -7.14 -0.80
CA TYR A 64 2.36 -8.00 -0.13
C TYR A 64 3.35 -7.18 0.68
N THR A 65 3.48 -7.52 1.97
CA THR A 65 4.40 -6.81 2.86
C THR A 65 5.84 -7.15 2.53
N LEU A 66 6.76 -6.55 3.27
CA LEU A 66 8.19 -6.79 3.06
C LEU A 66 8.61 -8.15 3.63
N GLU A 67 7.75 -8.71 4.49
CA GLU A 67 8.04 -10.00 5.10
C GLU A 67 7.54 -11.14 4.21
N GLY A 68 6.69 -10.81 3.25
CA GLY A 68 6.15 -11.81 2.35
C GLY A 68 4.74 -12.22 2.70
N LYS A 69 4.04 -11.36 3.44
CA LYS A 69 2.67 -11.64 3.85
C LYS A 69 1.68 -11.09 2.82
N LEU A 70 0.61 -11.84 2.60
CA LEU A 70 -0.43 -11.43 1.65
C LEU A 70 -1.61 -10.78 2.36
N VAL A 71 -2.04 -9.62 1.86
CA VAL A 71 -3.16 -8.91 2.45
C VAL A 71 -4.36 -8.91 1.51
N GLU A 72 -5.31 -9.79 1.77
CA GLU A 72 -6.52 -9.88 0.95
C GLU A 72 -7.64 -9.02 1.52
N SER A 73 -7.31 -8.22 2.53
CA SER A 73 -8.28 -7.35 3.17
C SER A 73 -7.60 -6.12 3.76
N GLY A 74 -8.38 -5.07 3.98
CA GLY A 74 -7.84 -3.85 4.54
C GLY A 74 -7.70 -3.91 6.05
N ALA A 75 -7.47 -5.12 6.57
CA ALA A 75 -7.32 -5.32 8.00
C ALA A 75 -5.85 -5.49 8.37
N GLU A 76 -5.03 -5.88 7.40
CA GLU A 76 -3.61 -6.08 7.64
C GLU A 76 -2.85 -4.76 7.52
N LEU A 77 -3.44 -3.81 6.81
CA LEU A 77 -2.81 -2.50 6.62
C LEU A 77 -2.72 -1.75 7.95
N GLU A 78 -1.65 -0.98 8.10
CA GLU A 78 -1.45 -0.21 9.32
C GLU A 78 -1.10 1.25 8.99
N ASN A 79 -1.24 2.12 9.98
CA ASN A 79 -0.93 3.54 9.80
C ASN A 79 0.56 3.79 9.91
N GLY A 80 1.20 4.06 8.78
CA GLY A 80 2.63 4.31 8.77
C GLY A 80 3.44 3.08 8.48
N GLN A 81 2.94 2.22 7.59
CA GLN A 81 3.62 1.00 7.23
C GLN A 81 3.90 0.95 5.72
N PHE A 82 4.61 -0.08 5.29
CA PHE A 82 4.94 -0.24 3.88
C PHE A 82 4.27 -1.49 3.30
N TYR A 83 4.03 -1.47 2.00
CA TYR A 83 3.39 -2.60 1.33
C TYR A 83 3.68 -2.57 -0.17
N VAL A 84 4.11 -3.72 -0.69
CA VAL A 84 4.42 -3.83 -2.12
C VAL A 84 3.19 -4.22 -2.92
N ALA A 85 3.00 -3.55 -4.05
CA ALA A 85 1.86 -3.83 -4.92
C ALA A 85 2.20 -4.89 -5.96
N VAL A 86 1.44 -5.99 -5.95
CA VAL A 86 1.66 -7.08 -6.89
C VAL A 86 0.47 -7.24 -7.84
N GLY A 87 0.74 -7.07 -9.12
CA GLY A 87 -0.32 -7.19 -10.12
C GLY A 87 -0.71 -8.64 -10.38
N ARG A 88 -0.83 -9.00 -11.65
CA ARG A 88 -1.20 -10.35 -12.01
C ARG A 88 0.03 -11.25 -12.11
N ASP A 89 0.92 -11.14 -11.12
CA ASP A 89 2.13 -11.93 -11.08
C ASP A 89 2.46 -12.36 -9.66
N LYS A 90 3.49 -13.18 -9.50
CA LYS A 90 3.91 -13.65 -8.20
C LYS A 90 4.62 -12.55 -7.42
N PHE A 91 4.72 -12.74 -6.10
CA PHE A 91 5.38 -11.76 -5.24
C PHE A 91 6.89 -11.94 -5.27
N LYS A 92 7.57 -11.07 -6.02
CA LYS A 92 9.02 -11.12 -6.13
C LYS A 92 9.68 -10.80 -4.80
N LYS A 93 9.72 -11.77 -3.90
CA LYS A 93 10.33 -11.58 -2.58
C LYS A 93 11.64 -10.81 -2.69
N LEU A 94 11.58 -9.51 -2.42
CA LEU A 94 12.78 -8.67 -2.49
C LEU A 94 12.85 -7.74 -1.28
N PRO A 95 14.07 -7.37 -0.90
CA PRO A 95 14.31 -6.47 0.24
C PRO A 95 13.87 -5.04 -0.05
N TYR A 96 12.76 -4.64 0.57
CA TYR A 96 12.23 -3.30 0.38
C TYR A 96 12.50 -2.42 1.61
N GLY A 97 12.49 -3.04 2.78
CA GLY A 97 12.73 -2.31 4.00
C GLY A 97 14.06 -1.59 4.00
N GLU A 98 14.93 -1.97 3.06
CA GLU A 98 16.25 -1.35 2.94
C GLU A 98 16.19 -0.08 2.10
N LEU A 99 15.34 -0.09 1.09
CA LEU A 99 15.19 1.06 0.20
C LEU A 99 14.58 2.23 0.96
N LEU A 100 13.80 1.93 2.00
CA LEU A 100 13.16 2.96 2.80
C LEU A 100 14.20 3.90 3.42
N PHE A 101 15.02 3.34 4.31
CA PHE A 101 16.06 4.12 4.98
C PHE A 101 17.45 3.74 4.46
N ASP A 102 18.10 4.67 3.79
CA ASP A 102 19.44 4.43 3.24
C ASP A 102 20.28 3.61 4.22
N SER A 103 21.03 2.65 3.69
CA SER A 103 21.88 1.80 4.51
C SER A 103 23.24 2.44 4.73
N GLY A 104 23.31 3.76 4.55
CA GLY A 104 24.56 4.47 4.73
C GLY A 104 24.90 5.35 3.55
N PRO A 105 25.49 6.52 3.84
CA PRO A 105 25.87 7.49 2.81
C PRO A 105 27.04 6.99 1.95
N SER A 106 27.86 6.13 2.53
CA SER A 106 29.01 5.58 1.82
C SER A 106 28.60 5.00 0.47
N SER A 107 28.61 5.87 -0.54
CA SER A 107 28.24 5.46 -1.89
C SER A 107 29.35 5.77 -2.89
N GLY A 108 30.33 4.87 -2.98
CA GLY A 108 31.44 5.07 -3.89
C GLY A 108 31.46 4.04 -5.00
N GLY A 1 -11.78 26.70 -6.75
CA GLY A 1 -11.73 27.95 -6.00
C GLY A 1 -12.59 27.90 -4.74
N SER A 2 -13.88 27.68 -4.92
CA SER A 2 -14.82 27.61 -3.81
C SER A 2 -14.25 26.73 -2.69
N SER A 3 -14.69 26.99 -1.46
CA SER A 3 -14.24 26.22 -0.31
C SER A 3 -15.22 26.34 0.85
N GLY A 4 -15.96 25.26 1.10
CA GLY A 4 -16.94 25.26 2.18
C GLY A 4 -16.34 25.72 3.50
N SER A 5 -17.13 25.65 4.56
CA SER A 5 -16.68 26.06 5.88
C SER A 5 -16.92 24.96 6.91
N SER A 6 -16.62 23.72 6.53
CA SER A 6 -16.82 22.58 7.42
C SER A 6 -15.51 22.22 8.13
N GLY A 7 -15.61 22.01 9.44
CA GLY A 7 -14.43 21.67 10.22
C GLY A 7 -14.72 20.59 11.25
N ARG A 8 -15.43 19.54 10.84
CA ARG A 8 -15.77 18.45 11.73
C ARG A 8 -15.59 17.10 11.04
N LYS A 9 -14.63 16.32 11.50
CA LYS A 9 -14.35 15.00 10.93
C LYS A 9 -14.89 13.90 11.83
N PRO A 10 -15.50 12.88 11.21
CA PRO A 10 -16.07 11.73 11.93
C PRO A 10 -14.99 10.84 12.54
N LEU A 11 -15.39 10.02 13.51
CA LEU A 11 -14.46 9.12 14.17
C LEU A 11 -13.49 8.48 13.17
N GLN A 12 -14.05 7.70 12.25
CA GLN A 12 -13.23 7.04 11.23
C GLN A 12 -12.09 7.93 10.78
N GLU A 13 -10.86 7.53 11.11
CA GLU A 13 -9.68 8.30 10.74
C GLU A 13 -8.92 7.61 9.62
N PRO A 14 -8.34 8.42 8.71
CA PRO A 14 -7.57 7.91 7.57
C PRO A 14 -6.25 7.28 7.99
N CYS A 15 -5.70 6.44 7.14
CA CYS A 15 -4.44 5.76 7.41
C CYS A 15 -3.46 5.92 6.26
N THR A 16 -2.28 6.43 6.55
CA THR A 16 -1.25 6.64 5.53
C THR A 16 -0.37 5.41 5.38
N ILE A 17 -0.33 4.85 4.18
CA ILE A 17 0.47 3.66 3.91
C ILE A 17 1.37 3.88 2.70
N PHE A 18 2.55 3.26 2.72
CA PHE A 18 3.51 3.39 1.63
C PHE A 18 3.38 2.22 0.66
N LEU A 19 3.37 2.52 -0.64
CA LEU A 19 3.26 1.50 -1.67
C LEU A 19 4.54 1.40 -2.48
N ILE A 20 4.96 0.17 -2.78
CA ILE A 20 6.16 -0.05 -3.57
C ILE A 20 5.88 -0.99 -4.74
N ALA A 21 6.63 -0.79 -5.83
CA ALA A 21 6.47 -1.62 -7.02
C ALA A 21 7.08 -3.00 -6.81
N ASN A 22 6.27 -4.04 -6.97
CA ASN A 22 6.74 -5.42 -6.80
C ASN A 22 7.91 -5.70 -7.73
N GLY A 23 9.07 -5.95 -7.14
CA GLY A 23 10.26 -6.24 -7.93
C GLY A 23 11.16 -5.04 -8.10
N ASP A 24 10.71 -3.90 -7.57
CA ASP A 24 11.49 -2.67 -7.66
C ASP A 24 12.34 -2.45 -6.41
N LEU A 25 13.65 -2.59 -6.56
CA LEU A 25 14.57 -2.42 -5.44
C LEU A 25 15.45 -1.19 -5.64
N ILE A 26 15.02 -0.30 -6.53
CA ILE A 26 15.78 0.92 -6.81
C ILE A 26 15.02 2.16 -6.37
N ASN A 27 13.73 2.21 -6.72
CA ASN A 27 12.89 3.35 -6.35
C ASN A 27 12.20 3.11 -5.01
N PRO A 28 12.06 4.18 -4.22
CA PRO A 28 11.42 4.10 -2.90
C PRO A 28 9.92 3.86 -3.00
N ALA A 29 9.22 4.03 -1.89
CA ALA A 29 7.77 3.84 -1.85
C ALA A 29 7.04 5.12 -2.17
N SER A 30 5.71 5.08 -2.08
CA SER A 30 4.88 6.25 -2.37
C SER A 30 3.88 6.50 -1.25
N ARG A 31 4.15 7.51 -0.44
CA ARG A 31 3.27 7.86 0.67
C ARG A 31 1.84 8.10 0.19
N LEU A 32 1.01 7.06 0.29
CA LEU A 32 -0.38 7.15 -0.14
C LEU A 32 -1.33 6.94 1.03
N LEU A 33 -2.37 7.76 1.10
CA LEU A 33 -3.35 7.66 2.17
C LEU A 33 -4.67 7.09 1.65
N ILE A 34 -5.38 6.38 2.53
CA ILE A 34 -6.66 5.78 2.15
C ILE A 34 -7.74 6.11 3.19
N PRO A 35 -8.84 6.70 2.71
CA PRO A 35 -9.96 7.08 3.58
C PRO A 35 -10.73 5.86 4.10
N ARG A 36 -11.03 5.87 5.40
CA ARG A 36 -11.75 4.77 6.03
C ARG A 36 -12.79 4.19 5.07
N LYS A 37 -13.66 5.05 4.57
CA LYS A 37 -14.70 4.63 3.64
C LYS A 37 -14.14 3.67 2.60
N THR A 38 -13.03 4.05 1.98
CA THR A 38 -12.40 3.22 0.97
C THR A 38 -11.76 1.97 1.59
N LEU A 39 -11.12 2.16 2.74
CA LEU A 39 -10.46 1.06 3.42
C LEU A 39 -11.40 -0.14 3.55
N ASN A 40 -12.69 0.12 3.49
CA ASN A 40 -13.69 -0.94 3.59
C ASN A 40 -13.69 -1.81 2.33
N GLN A 41 -13.49 -1.17 1.18
CA GLN A 41 -13.46 -1.88 -0.09
C GLN A 41 -12.03 -2.08 -0.58
N TRP A 42 -11.67 -3.33 -0.83
CA TRP A 42 -10.32 -3.66 -1.30
C TRP A 42 -10.12 -3.19 -2.74
N ASP A 43 -11.12 -3.44 -3.59
CA ASP A 43 -11.05 -3.04 -4.99
C ASP A 43 -10.86 -1.53 -5.11
N HIS A 44 -11.41 -0.79 -4.16
CA HIS A 44 -11.30 0.66 -4.16
C HIS A 44 -9.89 1.11 -3.79
N VAL A 45 -9.20 0.28 -3.02
CA VAL A 45 -7.84 0.58 -2.60
C VAL A 45 -6.86 0.45 -3.75
N LEU A 46 -6.92 -0.67 -4.45
CA LEU A 46 -6.03 -0.92 -5.58
C LEU A 46 -6.17 0.17 -6.64
N GLN A 47 -7.40 0.64 -6.83
CA GLN A 47 -7.65 1.70 -7.80
C GLN A 47 -6.79 2.93 -7.53
N MET A 48 -6.51 3.17 -6.25
CA MET A 48 -5.69 4.31 -5.86
C MET A 48 -4.23 3.90 -5.73
N VAL A 49 -3.99 2.70 -5.23
CA VAL A 49 -2.64 2.19 -5.06
C VAL A 49 -1.88 2.20 -6.38
N THR A 50 -2.59 1.90 -7.46
CA THR A 50 -1.98 1.87 -8.79
C THR A 50 -1.47 3.25 -9.20
N GLU A 51 -2.26 4.27 -8.89
CA GLU A 51 -1.89 5.65 -9.22
C GLU A 51 -0.43 5.93 -8.84
N LYS A 52 0.00 5.36 -7.71
CA LYS A 52 1.36 5.55 -7.24
C LYS A 52 2.28 4.47 -7.80
N ILE A 53 1.83 3.22 -7.77
CA ILE A 53 2.62 2.11 -8.28
C ILE A 53 1.96 1.50 -9.52
N THR A 54 2.46 1.87 -10.68
CA THR A 54 1.94 1.36 -11.94
C THR A 54 2.79 0.21 -12.47
N LEU A 55 2.30 -1.00 -12.30
CA LEU A 55 3.03 -2.19 -12.77
C LEU A 55 2.97 -2.29 -14.29
N ARG A 56 4.06 -2.79 -14.87
CA ARG A 56 4.14 -2.94 -16.32
C ARG A 56 3.14 -3.97 -16.81
N SER A 57 2.68 -4.83 -15.91
CA SER A 57 1.73 -5.88 -16.25
C SER A 57 0.30 -5.35 -16.17
N GLY A 58 0.15 -4.14 -15.64
CA GLY A 58 -1.17 -3.54 -15.51
C GLY A 58 -1.44 -3.05 -14.10
N ALA A 59 -2.71 -2.79 -13.80
CA ALA A 59 -3.10 -2.31 -12.48
C ALA A 59 -2.82 -3.35 -11.41
N VAL A 60 -2.88 -2.93 -10.15
CA VAL A 60 -2.62 -3.83 -9.04
C VAL A 60 -3.85 -4.69 -8.73
N HIS A 61 -3.60 -5.90 -8.23
CA HIS A 61 -4.68 -6.83 -7.90
C HIS A 61 -4.58 -7.28 -6.44
N ARG A 62 -3.36 -7.34 -5.93
CA ARG A 62 -3.14 -7.77 -4.56
C ARG A 62 -1.92 -7.04 -3.96
N LEU A 63 -1.64 -7.33 -2.69
CA LEU A 63 -0.52 -6.71 -2.00
C LEU A 63 0.20 -7.72 -1.13
N TYR A 64 1.46 -7.43 -0.80
CA TYR A 64 2.27 -8.32 0.03
C TYR A 64 3.27 -7.52 0.86
N THR A 65 3.35 -7.84 2.15
CA THR A 65 4.27 -7.17 3.05
C THR A 65 5.72 -7.49 2.72
N LEU A 66 6.64 -6.81 3.39
CA LEU A 66 8.06 -7.02 3.16
C LEU A 66 8.50 -8.38 3.72
N GLU A 67 7.63 -9.01 4.49
CA GLU A 67 7.93 -10.31 5.08
C GLU A 67 7.43 -11.44 4.19
N GLY A 68 6.55 -11.11 3.26
CA GLY A 68 6.01 -12.11 2.36
C GLY A 68 4.52 -12.34 2.57
N LYS A 69 3.97 -11.70 3.59
CA LYS A 69 2.55 -11.83 3.90
C LYS A 69 1.69 -11.36 2.74
N LEU A 70 0.43 -11.79 2.72
CA LEU A 70 -0.49 -11.42 1.65
C LEU A 70 -1.68 -10.65 2.23
N VAL A 71 -2.07 -9.58 1.54
CA VAL A 71 -3.20 -8.76 1.97
C VAL A 71 -4.31 -8.75 0.92
N GLU A 72 -5.39 -9.46 1.20
CA GLU A 72 -6.52 -9.53 0.28
C GLU A 72 -7.50 -8.38 0.52
N SER A 73 -7.44 -7.81 1.72
CA SER A 73 -8.32 -6.71 2.09
C SER A 73 -7.58 -5.68 2.93
N GLY A 74 -8.28 -4.62 3.32
CA GLY A 74 -7.67 -3.58 4.13
C GLY A 74 -7.64 -3.94 5.61
N ALA A 75 -7.69 -5.23 5.90
CA ALA A 75 -7.66 -5.71 7.28
C ALA A 75 -6.23 -6.04 7.71
N GLU A 76 -5.38 -6.31 6.74
CA GLU A 76 -3.98 -6.66 7.03
C GLU A 76 -3.09 -5.43 6.89
N LEU A 77 -3.71 -4.26 6.74
CA LEU A 77 -2.96 -3.01 6.60
C LEU A 77 -2.64 -2.42 7.96
N GLU A 78 -2.01 -1.24 7.96
CA GLU A 78 -1.63 -0.56 9.20
C GLU A 78 -1.38 0.92 8.94
N ASN A 79 -1.52 1.72 9.99
CA ASN A 79 -1.31 3.16 9.89
C ASN A 79 0.17 3.50 10.00
N GLY A 80 0.75 3.99 8.90
CA GLY A 80 2.15 4.35 8.90
C GLY A 80 3.05 3.16 8.64
N GLN A 81 2.59 2.24 7.79
CA GLN A 81 3.37 1.06 7.45
C GLN A 81 3.64 0.99 5.96
N PHE A 82 4.44 0.01 5.54
CA PHE A 82 4.78 -0.16 4.14
C PHE A 82 4.17 -1.44 3.58
N TYR A 83 3.75 -1.38 2.32
CA TYR A 83 3.14 -2.53 1.67
C TYR A 83 3.45 -2.54 0.18
N VAL A 84 3.92 -3.67 -0.32
CA VAL A 84 4.26 -3.82 -1.72
C VAL A 84 3.02 -4.12 -2.56
N ALA A 85 2.92 -3.47 -3.72
CA ALA A 85 1.79 -3.68 -4.61
C ALA A 85 2.05 -4.82 -5.59
N VAL A 86 1.36 -5.93 -5.38
CA VAL A 86 1.52 -7.10 -6.24
C VAL A 86 0.33 -7.25 -7.19
N GLY A 87 0.62 -7.36 -8.48
CA GLY A 87 -0.43 -7.51 -9.48
C GLY A 87 -0.82 -8.96 -9.70
N ARG A 88 -0.99 -9.32 -10.97
CA ARG A 88 -1.36 -10.70 -11.32
C ARG A 88 -0.11 -11.57 -11.47
N ASP A 89 0.85 -11.36 -10.59
CA ASP A 89 2.09 -12.14 -10.61
C ASP A 89 2.56 -12.48 -9.20
N LYS A 90 3.51 -13.39 -9.10
CA LYS A 90 4.04 -13.81 -7.80
C LYS A 90 4.75 -12.65 -7.12
N PHE A 91 4.95 -12.78 -5.81
CA PHE A 91 5.63 -11.75 -5.03
C PHE A 91 7.12 -12.06 -4.88
N LYS A 92 7.95 -11.20 -5.47
CA LYS A 92 9.39 -11.37 -5.40
C LYS A 92 9.92 -11.01 -4.02
N LYS A 93 10.21 -12.02 -3.22
CA LYS A 93 10.73 -11.81 -1.87
C LYS A 93 12.01 -10.98 -1.90
N LEU A 94 11.86 -9.67 -1.79
CA LEU A 94 13.00 -8.76 -1.81
C LEU A 94 12.96 -7.80 -0.63
N PRO A 95 14.14 -7.36 -0.18
CA PRO A 95 14.25 -6.43 0.95
C PRO A 95 13.75 -5.03 0.59
N TYR A 96 12.56 -4.69 1.10
CA TYR A 96 11.97 -3.39 0.84
C TYR A 96 12.15 -2.45 2.04
N GLY A 97 12.13 -3.03 3.24
CA GLY A 97 12.30 -2.24 4.44
C GLY A 97 13.64 -1.53 4.49
N GLU A 98 14.56 -1.95 3.62
CA GLU A 98 15.88 -1.35 3.58
C GLU A 98 15.89 -0.09 2.71
N LEU A 99 14.99 -0.05 1.73
CA LEU A 99 14.89 1.09 0.83
C LEU A 99 14.25 2.29 1.53
N LEU A 100 13.56 2.01 2.64
CA LEU A 100 12.90 3.06 3.41
C LEU A 100 13.93 3.86 4.22
N PHE A 101 14.66 3.17 5.07
CA PHE A 101 15.67 3.81 5.90
C PHE A 101 16.86 2.87 6.15
N ASP A 102 18.05 3.32 5.77
CA ASP A 102 19.25 2.52 5.94
C ASP A 102 19.79 2.65 7.37
N SER A 103 20.39 1.58 7.88
CA SER A 103 20.93 1.58 9.23
C SER A 103 22.45 1.66 9.20
N GLY A 104 23.05 1.02 8.20
CA GLY A 104 24.51 1.04 8.07
C GLY A 104 25.05 -0.27 7.54
N PRO A 105 25.75 -0.20 6.40
CA PRO A 105 26.34 -1.37 5.76
C PRO A 105 27.51 -1.94 6.55
N SER A 106 27.22 -2.90 7.42
CA SER A 106 28.25 -3.52 8.25
C SER A 106 28.68 -4.87 7.66
N SER A 107 29.98 -5.02 7.44
CA SER A 107 30.52 -6.25 6.87
C SER A 107 31.59 -6.84 7.79
N GLY A 108 31.27 -7.97 8.42
CA GLY A 108 32.20 -8.63 9.31
C GLY A 108 32.32 -10.11 9.04
N GLY A 1 -18.20 -10.12 31.18
CA GLY A 1 -17.90 -8.74 31.45
C GLY A 1 -18.93 -7.78 30.89
N SER A 2 -18.88 -6.53 31.32
CA SER A 2 -19.82 -5.52 30.85
C SER A 2 -19.16 -4.56 29.88
N SER A 3 -19.97 -3.92 29.04
CA SER A 3 -19.44 -2.97 28.06
C SER A 3 -20.02 -1.58 28.31
N GLY A 4 -21.34 -1.48 28.34
CA GLY A 4 -21.99 -0.20 28.56
C GLY A 4 -23.44 -0.20 28.14
N SER A 5 -23.97 0.97 27.83
CA SER A 5 -25.36 1.11 27.40
C SER A 5 -25.45 1.35 25.90
N SER A 6 -24.63 2.26 25.40
CA SER A 6 -24.62 2.59 23.97
C SER A 6 -23.30 2.16 23.33
N GLY A 7 -23.35 1.87 22.03
CA GLY A 7 -22.16 1.46 21.32
C GLY A 7 -20.96 2.32 21.64
N ARG A 8 -21.11 3.63 21.44
CA ARG A 8 -20.02 4.57 21.70
C ARG A 8 -18.77 4.20 20.91
N LYS A 9 -18.95 4.01 19.61
CA LYS A 9 -17.84 3.65 18.73
C LYS A 9 -17.05 4.89 18.33
N PRO A 10 -15.73 4.71 18.12
CA PRO A 10 -14.84 5.80 17.73
C PRO A 10 -15.10 6.30 16.30
N LEU A 11 -14.54 7.46 15.97
CA LEU A 11 -14.72 8.03 14.64
C LEU A 11 -13.99 7.20 13.58
N GLN A 12 -14.20 7.56 12.32
CA GLN A 12 -13.55 6.85 11.21
C GLN A 12 -12.48 7.71 10.57
N GLU A 13 -11.27 7.65 11.11
CA GLU A 13 -10.15 8.43 10.59
C GLU A 13 -9.43 7.68 9.47
N PRO A 14 -8.88 8.43 8.50
CA PRO A 14 -8.16 7.84 7.37
C PRO A 14 -6.83 7.23 7.79
N CYS A 15 -6.21 6.49 6.87
CA CYS A 15 -4.93 5.85 7.14
C CYS A 15 -3.91 6.20 6.07
N THR A 16 -2.65 6.34 6.48
CA THR A 16 -1.58 6.68 5.55
C THR A 16 -0.61 5.52 5.39
N ILE A 17 -0.63 4.90 4.22
CA ILE A 17 0.25 3.77 3.93
C ILE A 17 1.16 4.07 2.74
N PHE A 18 2.32 3.42 2.71
CA PHE A 18 3.27 3.61 1.62
C PHE A 18 3.19 2.46 0.62
N LEU A 19 3.23 2.81 -0.66
CA LEU A 19 3.16 1.80 -1.72
C LEU A 19 4.48 1.73 -2.48
N ILE A 20 4.80 0.53 -2.97
CA ILE A 20 6.04 0.33 -3.72
C ILE A 20 5.83 -0.65 -4.87
N ALA A 21 6.47 -0.37 -6.00
CA ALA A 21 6.35 -1.22 -7.18
C ALA A 21 7.13 -2.53 -6.99
N ASN A 22 6.41 -3.64 -7.04
CA ASN A 22 7.02 -4.96 -6.87
C ASN A 22 8.11 -5.18 -7.91
N GLY A 23 9.34 -5.36 -7.44
CA GLY A 23 10.46 -5.58 -8.34
C GLY A 23 11.26 -4.32 -8.58
N ASP A 24 10.94 -3.26 -7.86
CA ASP A 24 11.64 -1.99 -7.99
C ASP A 24 12.45 -1.67 -6.73
N LEU A 25 13.77 -1.66 -6.87
CA LEU A 25 14.64 -1.38 -5.74
C LEU A 25 15.40 -0.06 -5.96
N ILE A 26 15.01 0.66 -7.00
CA ILE A 26 15.65 1.94 -7.32
C ILE A 26 14.74 3.11 -6.95
N ASN A 27 13.44 2.93 -7.17
CA ASN A 27 12.46 3.97 -6.86
C ASN A 27 11.92 3.80 -5.45
N PRO A 28 11.75 4.93 -4.74
CA PRO A 28 11.23 4.93 -3.37
C PRO A 28 9.74 4.55 -3.31
N ALA A 29 9.13 4.74 -2.14
CA ALA A 29 7.72 4.43 -1.96
C ALA A 29 6.85 5.65 -2.20
N SER A 30 5.54 5.46 -2.12
CA SER A 30 4.59 6.56 -2.33
C SER A 30 3.56 6.60 -1.21
N ARG A 31 3.72 7.58 -0.32
CA ARG A 31 2.81 7.74 0.81
C ARG A 31 1.39 8.04 0.31
N LEU A 32 0.55 7.01 0.28
CA LEU A 32 -0.83 7.16 -0.16
C LEU A 32 -1.81 7.00 1.00
N LEU A 33 -2.81 7.87 1.05
CA LEU A 33 -3.82 7.82 2.11
C LEU A 33 -5.10 7.16 1.61
N ILE A 34 -5.72 6.36 2.47
CA ILE A 34 -6.95 5.68 2.13
C ILE A 34 -8.04 5.95 3.16
N PRO A 35 -9.14 6.55 2.70
CA PRO A 35 -10.29 6.88 3.56
C PRO A 35 -11.04 5.63 4.02
N ARG A 36 -11.55 5.69 5.26
CA ARG A 36 -12.29 4.56 5.82
C ARG A 36 -13.30 4.02 4.82
N LYS A 37 -14.02 4.92 4.15
CA LYS A 37 -15.01 4.53 3.17
C LYS A 37 -14.42 3.58 2.14
N THR A 38 -13.14 3.75 1.84
CA THR A 38 -12.45 2.90 0.87
C THR A 38 -12.04 1.57 1.50
N LEU A 39 -11.57 1.63 2.74
CA LEU A 39 -11.14 0.44 3.45
C LEU A 39 -12.21 -0.65 3.40
N ASN A 40 -13.47 -0.22 3.43
CA ASN A 40 -14.58 -1.15 3.38
C ASN A 40 -14.51 -2.03 2.14
N GLN A 41 -13.92 -1.50 1.08
CA GLN A 41 -13.78 -2.23 -0.18
C GLN A 41 -12.31 -2.53 -0.48
N TRP A 42 -12.05 -3.70 -1.04
CA TRP A 42 -10.69 -4.11 -1.38
C TRP A 42 -10.34 -3.69 -2.79
N ASP A 43 -11.36 -3.60 -3.65
CA ASP A 43 -11.15 -3.21 -5.04
C ASP A 43 -11.00 -1.70 -5.16
N HIS A 44 -11.61 -0.97 -4.26
CA HIS A 44 -11.54 0.49 -4.26
C HIS A 44 -10.17 0.96 -3.79
N VAL A 45 -9.46 0.11 -3.06
CA VAL A 45 -8.14 0.44 -2.55
C VAL A 45 -7.09 0.30 -3.64
N LEU A 46 -7.19 -0.76 -4.42
CA LEU A 46 -6.24 -1.01 -5.50
C LEU A 46 -6.33 0.08 -6.57
N GLN A 47 -7.55 0.52 -6.86
CA GLN A 47 -7.77 1.56 -7.87
C GLN A 47 -6.99 2.82 -7.52
N MET A 48 -6.81 3.07 -6.23
CA MET A 48 -6.07 4.24 -5.77
C MET A 48 -4.59 3.93 -5.59
N VAL A 49 -4.30 2.65 -5.33
CA VAL A 49 -2.93 2.21 -5.14
C VAL A 49 -2.13 2.28 -6.44
N THR A 50 -2.78 1.89 -7.53
CA THR A 50 -2.14 1.91 -8.84
C THR A 50 -1.72 3.33 -9.23
N GLU A 51 -2.58 4.29 -8.93
CA GLU A 51 -2.30 5.69 -9.24
C GLU A 51 -0.89 6.08 -8.83
N LYS A 52 -0.41 5.45 -7.76
CA LYS A 52 0.93 5.73 -7.25
C LYS A 52 1.93 4.70 -7.78
N ILE A 53 1.55 3.43 -7.71
CA ILE A 53 2.42 2.35 -8.18
C ILE A 53 1.88 1.74 -9.47
N THR A 54 2.39 2.22 -10.60
CA THR A 54 1.96 1.71 -11.90
C THR A 54 2.90 0.63 -12.41
N LEU A 55 2.42 -0.62 -12.42
CA LEU A 55 3.21 -1.74 -12.89
C LEU A 55 3.17 -1.86 -14.40
N ARG A 56 4.33 -2.10 -15.01
CA ARG A 56 4.41 -2.23 -16.46
C ARG A 56 3.43 -3.28 -16.97
N SER A 57 3.00 -4.17 -16.07
CA SER A 57 2.08 -5.23 -16.44
C SER A 57 0.64 -4.71 -16.45
N GLY A 58 0.39 -3.66 -15.66
CA GLY A 58 -0.94 -3.09 -15.59
C GLY A 58 -1.24 -2.47 -14.24
N ALA A 59 -2.45 -2.69 -13.75
CA ALA A 59 -2.86 -2.16 -12.46
C ALA A 59 -2.55 -3.14 -11.33
N VAL A 60 -2.87 -2.74 -10.10
CA VAL A 60 -2.62 -3.58 -8.94
C VAL A 60 -3.75 -4.59 -8.74
N HIS A 61 -3.38 -5.82 -8.37
CA HIS A 61 -4.35 -6.88 -8.15
C HIS A 61 -4.27 -7.41 -6.72
N ARG A 62 -3.06 -7.47 -6.19
CA ARG A 62 -2.85 -7.95 -4.83
C ARG A 62 -1.84 -7.07 -4.08
N LEU A 63 -1.62 -7.38 -2.82
CA LEU A 63 -0.69 -6.62 -1.99
C LEU A 63 0.24 -7.55 -1.22
N TYR A 64 1.50 -7.15 -1.11
CA TYR A 64 2.50 -7.95 -0.40
C TYR A 64 3.44 -7.06 0.41
N THR A 65 3.60 -7.39 1.68
CA THR A 65 4.47 -6.62 2.57
C THR A 65 5.94 -6.84 2.22
N LEU A 66 6.82 -6.27 3.03
CA LEU A 66 8.27 -6.41 2.81
C LEU A 66 8.77 -7.74 3.36
N GLU A 67 7.91 -8.44 4.09
CA GLU A 67 8.27 -9.73 4.67
C GLU A 67 7.82 -10.88 3.76
N GLY A 68 6.85 -10.59 2.89
CA GLY A 68 6.35 -11.61 1.99
C GLY A 68 4.94 -12.05 2.33
N LYS A 69 4.26 -11.27 3.16
CA LYS A 69 2.90 -11.59 3.56
C LYS A 69 1.90 -11.13 2.51
N LEU A 70 0.70 -11.69 2.55
CA LEU A 70 -0.35 -11.34 1.60
C LEU A 70 -1.53 -10.68 2.31
N VAL A 71 -2.00 -9.58 1.74
CA VAL A 71 -3.12 -8.85 2.32
C VAL A 71 -4.35 -8.93 1.42
N GLU A 72 -5.11 -10.02 1.55
CA GLU A 72 -6.31 -10.22 0.74
C GLU A 72 -7.29 -9.07 0.93
N SER A 73 -7.24 -8.45 2.11
CA SER A 73 -8.13 -7.33 2.42
C SER A 73 -7.40 -6.26 3.22
N GLY A 74 -7.94 -5.05 3.22
CA GLY A 74 -7.34 -3.96 3.95
C GLY A 74 -7.41 -4.16 5.46
N ALA A 75 -8.00 -5.27 5.87
CA ALA A 75 -8.12 -5.59 7.30
C ALA A 75 -6.78 -5.94 7.91
N GLU A 76 -5.80 -6.22 7.05
CA GLU A 76 -4.46 -6.58 7.51
C GLU A 76 -3.50 -5.40 7.35
N LEU A 77 -4.05 -4.26 6.95
CA LEU A 77 -3.24 -3.05 6.76
C LEU A 77 -2.95 -2.38 8.10
N GLU A 78 -2.11 -1.35 8.06
CA GLU A 78 -1.75 -0.61 9.27
C GLU A 78 -1.48 0.85 8.96
N ASN A 79 -1.58 1.70 9.98
CA ASN A 79 -1.35 3.13 9.82
C ASN A 79 0.14 3.46 9.96
N GLY A 80 0.79 3.76 8.84
CA GLY A 80 2.20 4.08 8.86
C GLY A 80 3.07 2.90 8.45
N GLN A 81 2.51 2.02 7.63
CA GLN A 81 3.25 0.84 7.16
C GLN A 81 3.46 0.90 5.65
N PHE A 82 4.31 0.02 5.14
CA PHE A 82 4.61 -0.03 3.72
C PHE A 82 4.09 -1.33 3.10
N TYR A 83 3.63 -1.24 1.86
CA TYR A 83 3.11 -2.41 1.16
C TYR A 83 3.47 -2.36 -0.32
N VAL A 84 3.84 -3.50 -0.87
CA VAL A 84 4.22 -3.59 -2.28
C VAL A 84 3.00 -3.94 -3.15
N ALA A 85 2.93 -3.30 -4.32
CA ALA A 85 1.82 -3.55 -5.23
C ALA A 85 2.20 -4.62 -6.27
N VAL A 86 1.58 -5.79 -6.14
CA VAL A 86 1.85 -6.89 -7.06
C VAL A 86 0.68 -7.09 -8.01
N GLY A 87 0.98 -7.08 -9.31
CA GLY A 87 -0.05 -7.26 -10.31
C GLY A 87 -0.44 -8.71 -10.50
N ARG A 88 -0.67 -9.11 -11.74
CA ARG A 88 -1.05 -10.49 -12.04
C ARG A 88 0.18 -11.37 -12.20
N ASP A 89 1.18 -11.15 -11.36
CA ASP A 89 2.41 -11.92 -11.41
C ASP A 89 2.93 -12.22 -10.01
N LYS A 90 3.75 -13.25 -9.90
CA LYS A 90 4.32 -13.64 -8.60
C LYS A 90 4.83 -12.43 -7.85
N PHE A 91 5.01 -12.58 -6.54
CA PHE A 91 5.49 -11.49 -5.69
C PHE A 91 6.98 -11.64 -5.43
N LYS A 92 7.75 -10.64 -5.82
CA LYS A 92 9.20 -10.65 -5.63
C LYS A 92 9.57 -10.10 -4.26
N LYS A 93 9.77 -11.01 -3.30
CA LYS A 93 10.13 -10.62 -1.94
C LYS A 93 11.48 -9.91 -1.91
N LEU A 94 11.44 -8.59 -2.08
CA LEU A 94 12.66 -7.79 -2.08
C LEU A 94 12.67 -6.81 -0.90
N PRO A 95 13.88 -6.44 -0.46
CA PRO A 95 14.05 -5.50 0.66
C PRO A 95 13.63 -4.08 0.30
N TYR A 96 12.47 -3.67 0.80
CA TYR A 96 11.96 -2.33 0.53
C TYR A 96 12.12 -1.43 1.74
N GLY A 97 12.04 -2.01 2.93
CA GLY A 97 12.18 -1.25 4.15
C GLY A 97 13.50 -0.51 4.21
N GLU A 98 14.41 -0.83 3.30
CA GLU A 98 15.73 -0.20 3.26
C GLU A 98 15.69 1.04 2.37
N LEU A 99 14.88 0.99 1.32
CA LEU A 99 14.77 2.12 0.39
C LEU A 99 14.04 3.28 1.03
N LEU A 100 13.29 2.99 2.10
CA LEU A 100 12.53 4.02 2.81
C LEU A 100 13.48 5.02 3.47
N PHE A 101 14.27 4.54 4.41
CA PHE A 101 15.22 5.39 5.13
C PHE A 101 16.65 5.01 4.78
N ASP A 102 17.30 5.84 3.97
CA ASP A 102 18.68 5.59 3.57
C ASP A 102 19.61 5.58 4.78
N SER A 103 20.86 5.18 4.57
CA SER A 103 21.84 5.12 5.64
C SER A 103 22.84 6.27 5.52
N GLY A 104 23.45 6.40 4.35
CA GLY A 104 24.43 7.45 4.14
C GLY A 104 25.82 6.93 3.90
N PRO A 105 26.11 6.54 2.64
CA PRO A 105 27.42 6.01 2.26
C PRO A 105 28.51 7.07 2.30
N SER A 106 28.13 8.30 2.60
CA SER A 106 29.07 9.41 2.67
C SER A 106 30.06 9.35 1.50
N SER A 107 29.53 9.17 0.29
CA SER A 107 30.35 9.09 -0.90
C SER A 107 30.99 10.44 -1.21
N GLY A 108 30.20 11.51 -1.09
CA GLY A 108 30.69 12.84 -1.37
C GLY A 108 30.57 13.23 -2.83
N GLY A 1 -17.51 23.84 -3.52
CA GLY A 1 -17.11 24.42 -2.24
C GLY A 1 -15.84 23.80 -1.70
N SER A 2 -15.60 23.97 -0.40
CA SER A 2 -14.41 23.44 0.24
C SER A 2 -14.56 23.45 1.76
N SER A 3 -14.50 22.26 2.36
CA SER A 3 -14.64 22.14 3.80
C SER A 3 -13.61 23.02 4.53
N GLY A 4 -13.83 23.23 5.82
CA GLY A 4 -12.93 24.04 6.60
C GLY A 4 -12.76 23.54 8.01
N SER A 5 -11.65 23.91 8.65
CA SER A 5 -11.37 23.48 10.01
C SER A 5 -12.61 23.61 10.89
N SER A 6 -13.22 22.48 11.22
CA SER A 6 -14.42 22.46 12.04
C SER A 6 -14.06 22.57 13.52
N GLY A 7 -13.15 21.70 13.96
CA GLY A 7 -12.75 21.73 15.36
C GLY A 7 -12.34 20.35 15.86
N ARG A 8 -13.32 19.52 16.20
CA ARG A 8 -13.07 18.18 16.70
C ARG A 8 -12.52 17.29 15.59
N LYS A 9 -11.79 16.26 15.99
CA LYS A 9 -11.20 15.32 15.02
C LYS A 9 -12.26 14.38 14.47
N PRO A 10 -12.14 14.03 13.19
CA PRO A 10 -13.08 13.13 12.51
C PRO A 10 -12.96 11.69 13.01
N LEU A 11 -13.93 10.87 12.67
CA LEU A 11 -13.93 9.47 13.07
C LEU A 11 -13.28 8.59 12.01
N GLN A 12 -13.10 7.32 12.32
CA GLN A 12 -12.49 6.37 11.40
C GLN A 12 -11.35 7.03 10.63
N GLU A 13 -10.49 7.74 11.35
CA GLU A 13 -9.35 8.42 10.74
C GLU A 13 -8.80 7.60 9.57
N PRO A 14 -8.21 8.30 8.58
CA PRO A 14 -7.63 7.65 7.40
C PRO A 14 -6.36 6.88 7.74
N CYS A 15 -5.85 6.13 6.76
CA CYS A 15 -4.64 5.35 6.96
C CYS A 15 -3.57 5.76 5.95
N THR A 16 -2.36 6.01 6.45
CA THR A 16 -1.25 6.42 5.60
C THR A 16 -0.27 5.26 5.39
N ILE A 17 -0.40 4.58 4.27
CA ILE A 17 0.47 3.45 3.95
C ILE A 17 1.32 3.75 2.73
N PHE A 18 2.51 3.15 2.67
CA PHE A 18 3.42 3.34 1.56
C PHE A 18 3.33 2.19 0.57
N LEU A 19 3.37 2.52 -0.72
CA LEU A 19 3.29 1.51 -1.77
C LEU A 19 4.61 1.40 -2.53
N ILE A 20 4.87 0.22 -3.09
CA ILE A 20 6.09 0.00 -3.85
C ILE A 20 5.84 -0.90 -5.06
N ALA A 21 6.43 -0.54 -6.18
CA ALA A 21 6.27 -1.32 -7.41
C ALA A 21 6.99 -2.66 -7.31
N ASN A 22 6.20 -3.73 -7.18
CA ASN A 22 6.76 -5.07 -7.08
C ASN A 22 7.79 -5.32 -8.18
N GLY A 23 9.01 -5.63 -7.77
CA GLY A 23 10.07 -5.89 -8.73
C GLY A 23 11.00 -4.71 -8.92
N ASP A 24 10.63 -3.58 -8.33
CA ASP A 24 11.43 -2.37 -8.42
C ASP A 24 12.24 -2.14 -7.15
N LEU A 25 13.55 -2.22 -7.25
CA LEU A 25 14.43 -2.03 -6.11
C LEU A 25 15.28 -0.77 -6.28
N ILE A 26 14.86 0.09 -7.20
CA ILE A 26 15.58 1.34 -7.45
C ILE A 26 14.81 2.54 -6.92
N ASN A 27 13.50 2.53 -7.12
CA ASN A 27 12.65 3.62 -6.65
C ASN A 27 12.07 3.30 -5.28
N PRO A 28 11.99 4.34 -4.42
CA PRO A 28 11.46 4.20 -3.06
C PRO A 28 9.95 3.94 -3.05
N ALA A 29 9.34 4.04 -1.87
CA ALA A 29 7.92 3.82 -1.73
C ALA A 29 7.13 5.10 -2.04
N SER A 30 5.82 5.04 -1.85
CA SER A 30 4.95 6.19 -2.11
C SER A 30 3.86 6.30 -1.05
N ARG A 31 4.03 7.27 -0.15
CA ARG A 31 3.06 7.48 0.92
C ARG A 31 1.70 7.84 0.35
N LEU A 32 0.76 6.90 0.41
CA LEU A 32 -0.58 7.12 -0.10
C LEU A 32 -1.62 6.87 0.98
N LEU A 33 -2.44 7.88 1.25
CA LEU A 33 -3.49 7.78 2.27
C LEU A 33 -4.73 7.09 1.70
N ILE A 34 -5.41 6.32 2.54
CA ILE A 34 -6.62 5.62 2.12
C ILE A 34 -7.75 5.85 3.11
N PRO A 35 -8.85 6.46 2.62
CA PRO A 35 -10.02 6.74 3.46
C PRO A 35 -10.78 5.48 3.85
N ARG A 36 -10.99 5.29 5.14
CA ARG A 36 -11.70 4.12 5.64
C ARG A 36 -12.81 3.71 4.69
N LYS A 37 -13.73 4.64 4.42
CA LYS A 37 -14.84 4.37 3.52
C LYS A 37 -14.41 3.45 2.37
N THR A 38 -13.24 3.73 1.81
CA THR A 38 -12.72 2.93 0.71
C THR A 38 -12.18 1.59 1.21
N LEU A 39 -11.50 1.62 2.36
CA LEU A 39 -10.94 0.41 2.94
C LEU A 39 -11.98 -0.71 2.97
N ASN A 40 -13.24 -0.33 3.00
CA ASN A 40 -14.33 -1.31 3.03
C ASN A 40 -14.35 -2.15 1.76
N GLN A 41 -14.00 -1.53 0.64
CA GLN A 41 -13.98 -2.21 -0.64
C GLN A 41 -12.55 -2.36 -1.16
N TRP A 42 -12.02 -3.58 -1.09
CA TRP A 42 -10.67 -3.85 -1.54
C TRP A 42 -10.48 -3.40 -2.99
N ASP A 43 -11.50 -3.62 -3.81
CA ASP A 43 -11.44 -3.24 -5.21
C ASP A 43 -11.21 -1.74 -5.36
N HIS A 44 -11.92 -0.96 -4.55
CA HIS A 44 -11.80 0.49 -4.58
C HIS A 44 -10.41 0.93 -4.14
N VAL A 45 -9.87 0.24 -3.14
CA VAL A 45 -8.55 0.56 -2.61
C VAL A 45 -7.49 0.47 -3.70
N LEU A 46 -7.37 -0.70 -4.32
CA LEU A 46 -6.40 -0.91 -5.38
C LEU A 46 -6.48 0.21 -6.43
N GLN A 47 -7.70 0.59 -6.77
CA GLN A 47 -7.91 1.65 -7.76
C GLN A 47 -7.04 2.87 -7.44
N MET A 48 -6.71 3.04 -6.17
CA MET A 48 -5.88 4.16 -5.74
C MET A 48 -4.42 3.75 -5.65
N VAL A 49 -4.18 2.48 -5.34
CA VAL A 49 -2.82 1.96 -5.22
C VAL A 49 -2.10 2.00 -6.55
N THR A 50 -2.85 1.84 -7.64
CA THR A 50 -2.27 1.86 -8.98
C THR A 50 -1.92 3.28 -9.40
N GLU A 51 -2.68 4.25 -8.90
CA GLU A 51 -2.45 5.65 -9.23
C GLU A 51 -1.02 6.07 -8.85
N LYS A 52 -0.50 5.47 -7.79
CA LYS A 52 0.85 5.79 -7.32
C LYS A 52 1.84 4.74 -7.81
N ILE A 53 1.42 3.47 -7.81
CA ILE A 53 2.28 2.38 -8.25
C ILE A 53 1.67 1.66 -9.46
N THR A 54 2.07 2.09 -10.65
CA THR A 54 1.56 1.49 -11.89
C THR A 54 2.51 0.40 -12.40
N LEU A 55 2.12 -0.85 -12.18
CA LEU A 55 2.93 -1.99 -12.62
C LEU A 55 3.03 -2.02 -14.14
N ARG A 56 4.17 -2.49 -14.64
CA ARG A 56 4.40 -2.58 -16.08
C ARG A 56 3.37 -3.48 -16.74
N SER A 57 3.01 -4.57 -16.05
CA SER A 57 2.03 -5.52 -16.57
C SER A 57 0.63 -4.90 -16.60
N GLY A 58 0.35 -4.07 -15.59
CA GLY A 58 -0.96 -3.43 -15.51
C GLY A 58 -1.20 -2.77 -14.18
N ALA A 59 -2.41 -2.94 -13.64
CA ALA A 59 -2.76 -2.35 -12.36
C ALA A 59 -2.47 -3.32 -11.22
N VAL A 60 -2.85 -2.93 -10.00
CA VAL A 60 -2.61 -3.77 -8.83
C VAL A 60 -3.83 -4.64 -8.54
N HIS A 61 -3.58 -5.83 -7.99
CA HIS A 61 -4.65 -6.76 -7.66
C HIS A 61 -4.53 -7.23 -6.20
N ARG A 62 -3.31 -7.29 -5.71
CA ARG A 62 -3.05 -7.73 -4.33
C ARG A 62 -1.94 -6.91 -3.70
N LEU A 63 -1.84 -6.97 -2.38
CA LEU A 63 -0.82 -6.23 -1.65
C LEU A 63 0.07 -7.19 -0.84
N TYR A 64 1.33 -6.81 -0.68
CA TYR A 64 2.27 -7.62 0.07
C TYR A 64 3.33 -6.76 0.75
N THR A 65 3.60 -7.04 2.02
CA THR A 65 4.58 -6.29 2.78
C THR A 65 6.00 -6.68 2.38
N LEU A 66 6.98 -6.13 3.09
CA LEU A 66 8.38 -6.41 2.81
C LEU A 66 8.78 -7.78 3.37
N GLU A 67 7.89 -8.38 4.14
CA GLU A 67 8.14 -9.69 4.73
C GLU A 67 7.55 -10.80 3.87
N GLY A 68 6.52 -10.45 3.10
CA GLY A 68 5.87 -11.42 2.24
C GLY A 68 4.44 -11.70 2.67
N LYS A 69 3.91 -10.87 3.55
CA LYS A 69 2.54 -11.03 4.03
C LYS A 69 1.53 -10.72 2.93
N LEU A 70 0.31 -11.20 3.10
CA LEU A 70 -0.75 -10.96 2.13
C LEU A 70 -1.91 -10.23 2.76
N VAL A 71 -2.21 -9.03 2.24
CA VAL A 71 -3.31 -8.23 2.75
C VAL A 71 -4.51 -8.26 1.81
N GLU A 72 -5.30 -9.33 1.90
CA GLU A 72 -6.47 -9.48 1.05
C GLU A 72 -7.42 -8.30 1.22
N SER A 73 -7.35 -7.64 2.37
CA SER A 73 -8.20 -6.49 2.66
C SER A 73 -7.53 -5.55 3.66
N GLY A 74 -7.80 -4.25 3.52
CA GLY A 74 -7.22 -3.27 4.41
C GLY A 74 -7.27 -3.71 5.85
N ALA A 75 -8.17 -4.63 6.17
CA ALA A 75 -8.32 -5.14 7.53
C ALA A 75 -6.97 -5.61 8.09
N GLU A 76 -6.04 -5.91 7.20
CA GLU A 76 -4.72 -6.36 7.61
C GLU A 76 -3.68 -5.25 7.45
N LEU A 77 -4.06 -4.20 6.74
CA LEU A 77 -3.16 -3.07 6.52
C LEU A 77 -2.77 -2.42 7.84
N GLU A 78 -1.58 -1.82 7.87
CA GLU A 78 -1.08 -1.16 9.08
C GLU A 78 -1.02 0.35 8.89
N ASN A 79 -0.82 1.07 9.98
CA ASN A 79 -0.74 2.52 9.93
C ASN A 79 0.71 2.98 9.83
N GLY A 80 1.12 3.39 8.63
CA GLY A 80 2.48 3.85 8.43
C GLY A 80 3.43 2.72 8.09
N GLN A 81 2.88 1.64 7.53
CA GLN A 81 3.69 0.48 7.16
C GLN A 81 3.99 0.48 5.67
N PHE A 82 5.13 -0.08 5.30
CA PHE A 82 5.55 -0.15 3.90
C PHE A 82 5.05 -1.42 3.24
N TYR A 83 4.20 -1.28 2.24
CA TYR A 83 3.66 -2.43 1.52
C TYR A 83 4.15 -2.46 0.08
N VAL A 84 3.77 -3.52 -0.63
CA VAL A 84 4.18 -3.68 -2.03
C VAL A 84 2.98 -4.03 -2.91
N ALA A 85 2.93 -3.44 -4.10
CA ALA A 85 1.85 -3.70 -5.04
C ALA A 85 2.18 -4.87 -5.96
N VAL A 86 1.43 -5.96 -5.82
CA VAL A 86 1.65 -7.15 -6.65
C VAL A 86 0.46 -7.40 -7.56
N GLY A 87 0.70 -7.27 -8.87
CA GLY A 87 -0.37 -7.49 -9.84
C GLY A 87 -0.74 -8.96 -9.96
N ARG A 88 -1.01 -9.40 -11.18
CA ARG A 88 -1.39 -10.78 -11.43
C ARG A 88 -0.14 -11.67 -11.55
N ASP A 89 0.83 -11.42 -10.70
CA ASP A 89 2.07 -12.19 -10.70
C ASP A 89 2.47 -12.60 -9.29
N LYS A 90 3.48 -13.45 -9.19
CA LYS A 90 3.96 -13.92 -7.89
C LYS A 90 4.74 -12.82 -7.16
N PHE A 91 4.63 -12.80 -5.85
CA PHE A 91 5.32 -11.80 -5.04
C PHE A 91 6.84 -11.96 -5.16
N LYS A 92 7.46 -11.03 -5.88
CA LYS A 92 8.91 -11.06 -6.07
C LYS A 92 9.64 -10.76 -4.76
N LYS A 93 9.77 -11.77 -3.91
CA LYS A 93 10.44 -11.60 -2.62
C LYS A 93 11.72 -10.78 -2.79
N LEU A 94 11.65 -9.51 -2.41
CA LEU A 94 12.80 -8.63 -2.51
C LEU A 94 12.87 -7.69 -1.31
N PRO A 95 14.11 -7.27 -0.96
CA PRO A 95 14.33 -6.36 0.16
C PRO A 95 13.82 -4.94 -0.11
N TYR A 96 12.71 -4.60 0.52
CA TYR A 96 12.12 -3.28 0.34
C TYR A 96 12.41 -2.38 1.54
N GLY A 97 12.50 -2.99 2.72
CA GLY A 97 12.79 -2.23 3.93
C GLY A 97 14.03 -1.39 3.81
N GLU A 98 14.94 -1.80 2.92
CA GLU A 98 16.19 -1.07 2.71
C GLU A 98 15.96 0.15 1.83
N LEU A 99 15.14 -0.01 0.80
CA LEU A 99 14.85 1.08 -0.12
C LEU A 99 14.27 2.28 0.62
N LEU A 100 13.61 2.01 1.74
CA LEU A 100 13.01 3.06 2.55
C LEU A 100 14.09 3.97 3.14
N PHE A 101 14.93 3.40 4.01
CA PHE A 101 15.99 4.14 4.65
C PHE A 101 17.35 3.45 4.46
N ASP A 102 18.28 4.15 3.83
CA ASP A 102 19.61 3.59 3.58
C ASP A 102 20.49 3.75 4.81
N SER A 103 21.56 2.95 4.87
CA SER A 103 22.48 3.00 6.00
C SER A 103 23.32 4.27 5.95
N GLY A 104 23.85 4.58 4.77
CA GLY A 104 24.68 5.77 4.62
C GLY A 104 24.59 6.35 3.23
N PRO A 105 25.65 6.14 2.43
CA PRO A 105 25.71 6.64 1.05
C PRO A 105 24.72 5.93 0.12
N SER A 106 24.71 6.34 -1.14
CA SER A 106 23.82 5.75 -2.12
C SER A 106 23.89 4.23 -2.07
N SER A 107 25.09 3.69 -2.26
CA SER A 107 25.29 2.25 -2.25
C SER A 107 25.06 1.68 -0.85
N GLY A 108 25.69 2.30 0.14
CA GLY A 108 25.53 1.84 1.51
C GLY A 108 24.08 1.82 1.96
N GLY A 1 -38.88 0.96 0.68
CA GLY A 1 -37.97 2.07 0.84
C GLY A 1 -37.55 2.28 2.28
N SER A 2 -38.44 2.90 3.07
CA SER A 2 -38.16 3.16 4.47
C SER A 2 -36.69 3.55 4.67
N SER A 3 -36.16 4.35 3.75
CA SER A 3 -34.78 4.79 3.81
C SER A 3 -34.53 5.58 5.10
N GLY A 4 -33.58 5.10 5.90
CA GLY A 4 -33.26 5.77 7.14
C GLY A 4 -31.78 5.68 7.49
N SER A 5 -30.96 6.41 6.75
CA SER A 5 -29.52 6.40 6.98
C SER A 5 -29.11 7.53 7.92
N SER A 6 -29.92 7.75 8.95
CA SER A 6 -29.64 8.80 9.93
C SER A 6 -29.39 8.20 11.31
N GLY A 7 -28.14 8.28 11.77
CA GLY A 7 -27.79 7.76 13.07
C GLY A 7 -26.49 8.33 13.60
N ARG A 8 -25.69 7.49 14.25
CA ARG A 8 -24.42 7.93 14.82
C ARG A 8 -23.32 6.92 14.51
N LYS A 9 -22.37 7.33 13.68
CA LYS A 9 -21.25 6.46 13.31
C LYS A 9 -20.01 6.81 14.12
N PRO A 10 -19.23 5.77 14.46
CA PRO A 10 -17.99 5.93 15.24
C PRO A 10 -16.89 6.63 14.43
N LEU A 11 -15.83 7.04 15.13
CA LEU A 11 -14.71 7.72 14.49
C LEU A 11 -14.11 6.85 13.39
N GLN A 12 -13.91 7.45 12.21
CA GLN A 12 -13.34 6.73 11.08
C GLN A 12 -12.24 7.55 10.42
N GLU A 13 -11.11 7.69 11.10
CA GLU A 13 -9.99 8.46 10.58
C GLU A 13 -9.27 7.67 9.49
N PRO A 14 -8.71 8.40 8.51
CA PRO A 14 -7.98 7.80 7.39
C PRO A 14 -6.65 7.18 7.82
N CYS A 15 -6.06 6.38 6.94
CA CYS A 15 -4.79 5.72 7.23
C CYS A 15 -3.76 6.05 6.16
N THR A 16 -2.52 6.32 6.59
CA THR A 16 -1.44 6.64 5.68
C THR A 16 -0.47 5.47 5.53
N ILE A 17 -0.50 4.84 4.36
CA ILE A 17 0.38 3.70 4.09
C ILE A 17 1.27 3.98 2.89
N PHE A 18 2.43 3.31 2.85
CA PHE A 18 3.37 3.48 1.76
C PHE A 18 3.34 2.28 0.82
N LEU A 19 3.24 2.54 -0.48
CA LEU A 19 3.20 1.47 -1.47
C LEU A 19 4.52 1.39 -2.23
N ILE A 20 4.79 0.23 -2.81
CA ILE A 20 6.02 0.02 -3.57
C ILE A 20 5.78 -0.88 -4.77
N ALA A 21 6.42 -0.55 -5.89
CA ALA A 21 6.27 -1.33 -7.11
C ALA A 21 6.89 -2.72 -6.96
N ASN A 22 6.10 -3.75 -7.22
CA ASN A 22 6.58 -5.13 -7.11
C ASN A 22 7.68 -5.40 -8.13
N GLY A 23 8.81 -5.92 -7.65
CA GLY A 23 9.91 -6.22 -8.53
C GLY A 23 10.79 -5.01 -8.80
N ASP A 24 10.43 -3.88 -8.22
CA ASP A 24 11.18 -2.65 -8.41
C ASP A 24 12.06 -2.35 -7.19
N LEU A 25 13.36 -2.36 -7.39
CA LEU A 25 14.31 -2.11 -6.30
C LEU A 25 15.09 -0.82 -6.57
N ILE A 26 14.52 0.06 -7.38
CA ILE A 26 15.17 1.33 -7.70
C ILE A 26 14.31 2.50 -7.25
N ASN A 27 13.01 2.41 -7.48
CA ASN A 27 12.08 3.47 -7.09
C ASN A 27 11.62 3.28 -5.66
N PRO A 28 11.56 4.39 -4.90
CA PRO A 28 11.13 4.39 -3.50
C PRO A 28 9.65 4.09 -3.35
N ALA A 29 9.13 4.29 -2.14
CA ALA A 29 7.72 4.05 -1.86
C ALA A 29 6.89 5.29 -2.14
N SER A 30 5.58 5.19 -1.95
CA SER A 30 4.67 6.30 -2.18
C SER A 30 3.65 6.41 -1.06
N ARG A 31 3.79 7.45 -0.24
CA ARG A 31 2.87 7.67 0.88
C ARG A 31 1.48 8.02 0.38
N LEU A 32 0.56 7.07 0.47
CA LEU A 32 -0.82 7.27 0.02
C LEU A 32 -1.79 7.03 1.16
N LEU A 33 -2.79 7.91 1.28
CA LEU A 33 -3.80 7.78 2.33
C LEU A 33 -5.05 7.09 1.79
N ILE A 34 -5.63 6.21 2.60
CA ILE A 34 -6.83 5.49 2.21
C ILE A 34 -7.95 5.71 3.22
N PRO A 35 -9.04 6.37 2.78
CA PRO A 35 -10.20 6.66 3.62
C PRO A 35 -10.98 5.40 3.96
N ARG A 36 -11.54 5.37 5.17
CA ARG A 36 -12.33 4.23 5.62
C ARG A 36 -13.33 3.79 4.55
N LYS A 37 -14.13 4.74 4.09
CA LYS A 37 -15.13 4.46 3.07
C LYS A 37 -14.54 3.62 1.94
N THR A 38 -13.23 3.71 1.77
CA THR A 38 -12.52 2.97 0.73
C THR A 38 -11.88 1.71 1.29
N LEU A 39 -11.29 1.83 2.47
CA LEU A 39 -10.63 0.71 3.12
C LEU A 39 -11.51 -0.54 3.07
N ASN A 40 -12.79 -0.36 3.34
CA ASN A 40 -13.74 -1.47 3.32
C ASN A 40 -13.78 -2.13 1.94
N GLN A 41 -13.74 -1.31 0.90
CA GLN A 41 -13.77 -1.81 -0.47
C GLN A 41 -12.35 -2.10 -0.98
N TRP A 42 -11.94 -3.36 -0.86
CA TRP A 42 -10.62 -3.77 -1.31
C TRP A 42 -10.41 -3.46 -2.79
N ASP A 43 -11.50 -3.51 -3.55
CA ASP A 43 -11.45 -3.24 -4.98
C ASP A 43 -11.22 -1.75 -5.25
N HIS A 44 -11.54 -0.93 -4.25
CA HIS A 44 -11.37 0.51 -4.38
C HIS A 44 -9.96 0.94 -4.01
N VAL A 45 -9.35 0.21 -3.06
CA VAL A 45 -7.99 0.51 -2.62
C VAL A 45 -6.99 0.27 -3.75
N LEU A 46 -7.20 -0.80 -4.50
CA LEU A 46 -6.31 -1.14 -5.61
C LEU A 46 -6.43 -0.12 -6.74
N GLN A 47 -7.66 0.32 -7.00
CA GLN A 47 -7.91 1.30 -8.05
C GLN A 47 -7.14 2.59 -7.79
N MET A 48 -6.93 2.90 -6.51
CA MET A 48 -6.20 4.10 -6.13
C MET A 48 -4.71 3.81 -5.99
N VAL A 49 -4.38 2.64 -5.49
CA VAL A 49 -2.98 2.24 -5.31
C VAL A 49 -2.23 2.25 -6.62
N THR A 50 -2.91 1.84 -7.69
CA THR A 50 -2.31 1.81 -9.02
C THR A 50 -1.95 3.21 -9.49
N GLU A 51 -2.77 4.19 -9.10
CA GLU A 51 -2.54 5.58 -9.50
C GLU A 51 -1.14 6.04 -9.06
N LYS A 52 -0.62 5.40 -8.02
CA LYS A 52 0.70 5.74 -7.52
C LYS A 52 1.75 4.73 -7.96
N ILE A 53 1.38 3.46 -7.94
CA ILE A 53 2.28 2.39 -8.35
C ILE A 53 1.81 1.74 -9.65
N THR A 54 2.22 2.32 -10.77
CA THR A 54 1.85 1.80 -12.08
C THR A 54 2.76 0.64 -12.49
N LEU A 55 2.27 -0.58 -12.32
CA LEU A 55 3.03 -1.77 -12.68
C LEU A 55 3.10 -1.94 -14.20
N ARG A 56 4.30 -2.25 -14.70
CA ARG A 56 4.50 -2.43 -16.13
C ARG A 56 3.42 -3.34 -16.72
N SER A 57 3.06 -4.38 -15.97
CA SER A 57 2.04 -5.32 -16.43
C SER A 57 0.67 -4.66 -16.46
N GLY A 58 0.45 -3.70 -15.58
CA GLY A 58 -0.82 -3.00 -15.52
C GLY A 58 -1.11 -2.42 -14.15
N ALA A 59 -2.22 -2.84 -13.56
CA ALA A 59 -2.61 -2.35 -12.24
C ALA A 59 -2.37 -3.41 -11.17
N VAL A 60 -2.60 -3.05 -9.91
CA VAL A 60 -2.41 -3.98 -8.80
C VAL A 60 -3.69 -4.73 -8.49
N HIS A 61 -3.56 -6.01 -8.16
CA HIS A 61 -4.71 -6.85 -7.84
C HIS A 61 -4.60 -7.40 -6.41
N ARG A 62 -3.39 -7.37 -5.86
CA ARG A 62 -3.15 -7.86 -4.51
C ARG A 62 -2.05 -7.07 -3.83
N LEU A 63 -1.91 -7.25 -2.52
CA LEU A 63 -0.90 -6.55 -1.75
C LEU A 63 0.01 -7.54 -1.02
N TYR A 64 1.22 -7.09 -0.69
CA TYR A 64 2.18 -7.93 0.01
C TYR A 64 3.11 -7.09 0.89
N THR A 65 3.27 -7.50 2.14
CA THR A 65 4.12 -6.79 3.08
C THR A 65 5.59 -7.05 2.78
N LEU A 66 6.47 -6.38 3.52
CA LEU A 66 7.90 -6.54 3.35
C LEU A 66 8.38 -7.89 3.87
N GLU A 67 7.51 -8.57 4.62
CA GLU A 67 7.84 -9.87 5.18
C GLU A 67 7.30 -11.00 4.29
N GLY A 68 6.45 -10.64 3.34
CA GLY A 68 5.89 -11.62 2.45
C GLY A 68 4.41 -11.84 2.68
N LYS A 69 3.91 -11.32 3.79
CA LYS A 69 2.50 -11.46 4.14
C LYS A 69 1.60 -10.86 3.07
N LEU A 70 0.40 -11.42 2.92
CA LEU A 70 -0.54 -10.93 1.92
C LEU A 70 -1.77 -10.33 2.58
N VAL A 71 -2.26 -9.22 2.02
CA VAL A 71 -3.43 -8.54 2.55
C VAL A 71 -4.62 -8.66 1.60
N GLU A 72 -5.49 -9.62 1.88
CA GLU A 72 -6.67 -9.84 1.04
C GLU A 72 -7.69 -8.72 1.24
N SER A 73 -7.44 -7.86 2.22
CA SER A 73 -8.33 -6.75 2.52
C SER A 73 -7.63 -5.71 3.38
N GLY A 74 -7.98 -4.44 3.16
CA GLY A 74 -7.39 -3.36 3.93
C GLY A 74 -7.45 -3.60 5.43
N ALA A 75 -8.31 -4.54 5.83
CA ALA A 75 -8.47 -4.86 7.24
C ALA A 75 -7.12 -5.08 7.92
N GLU A 76 -6.12 -5.45 7.12
CA GLU A 76 -4.78 -5.69 7.64
C GLU A 76 -3.94 -4.42 7.58
N LEU A 77 -4.17 -3.61 6.56
CA LEU A 77 -3.43 -2.36 6.38
C LEU A 77 -3.24 -1.65 7.71
N GLU A 78 -2.02 -1.18 7.96
CA GLU A 78 -1.71 -0.48 9.20
C GLU A 78 -1.54 1.01 8.95
N ASN A 79 -1.68 1.80 10.01
CA ASN A 79 -1.55 3.25 9.91
C ASN A 79 -0.08 3.67 10.04
N GLY A 80 0.60 3.77 8.91
CA GLY A 80 2.00 4.17 8.91
C GLY A 80 2.93 3.01 8.65
N GLN A 81 2.52 2.09 7.77
CA GLN A 81 3.33 0.93 7.44
C GLN A 81 3.67 0.92 5.95
N PHE A 82 4.51 -0.03 5.55
CA PHE A 82 4.92 -0.16 4.16
C PHE A 82 4.33 -1.42 3.53
N TYR A 83 3.99 -1.32 2.25
CA TYR A 83 3.42 -2.46 1.52
C TYR A 83 3.82 -2.42 0.05
N VAL A 84 3.72 -3.57 -0.61
CA VAL A 84 4.06 -3.68 -2.02
C VAL A 84 2.84 -4.02 -2.86
N ALA A 85 2.72 -3.36 -4.01
CA ALA A 85 1.60 -3.59 -4.91
C ALA A 85 1.92 -4.68 -5.93
N VAL A 86 1.28 -5.84 -5.77
CA VAL A 86 1.50 -6.95 -6.67
C VAL A 86 0.33 -7.12 -7.64
N GLY A 87 0.64 -7.20 -8.93
CA GLY A 87 -0.40 -7.36 -9.93
C GLY A 87 -0.70 -8.82 -10.22
N ARG A 88 -1.30 -9.07 -11.39
CA ARG A 88 -1.64 -10.44 -11.79
C ARG A 88 -0.50 -11.40 -11.46
N ASP A 89 0.71 -10.87 -11.38
CA ASP A 89 1.89 -11.69 -11.07
C ASP A 89 1.93 -12.03 -9.58
N LYS A 90 2.88 -12.88 -9.21
CA LYS A 90 3.03 -13.30 -7.82
C LYS A 90 3.87 -12.29 -7.04
N PHE A 91 4.11 -12.59 -5.76
CA PHE A 91 4.91 -11.72 -4.92
C PHE A 91 6.39 -12.04 -5.04
N LYS A 92 7.15 -11.11 -5.60
CA LYS A 92 8.59 -11.29 -5.77
C LYS A 92 9.35 -10.79 -4.55
N LYS A 93 9.38 -11.60 -3.50
CA LYS A 93 10.08 -11.24 -2.27
C LYS A 93 11.38 -10.49 -2.58
N LEU A 94 11.43 -9.23 -2.18
CA LEU A 94 12.61 -8.40 -2.41
C LEU A 94 12.77 -7.36 -1.31
N PRO A 95 14.02 -6.91 -1.10
CA PRO A 95 14.34 -5.91 -0.07
C PRO A 95 13.79 -4.54 -0.42
N TYR A 96 12.71 -4.15 0.25
CA TYR A 96 12.10 -2.85 0.01
C TYR A 96 12.46 -1.85 1.11
N GLY A 97 12.66 -2.37 2.31
CA GLY A 97 13.01 -1.52 3.44
C GLY A 97 14.14 -0.57 3.11
N GLU A 98 15.02 -0.98 2.20
CA GLU A 98 16.15 -0.16 1.79
C GLU A 98 15.70 0.97 0.87
N LEU A 99 14.80 0.65 -0.05
CA LEU A 99 14.30 1.64 -1.00
C LEU A 99 13.64 2.81 -0.26
N LEU A 100 13.13 2.53 0.93
CA LEU A 100 12.47 3.56 1.74
C LEU A 100 13.49 4.56 2.27
N PHE A 101 14.49 4.07 2.98
CA PHE A 101 15.52 4.92 3.55
C PHE A 101 16.91 4.30 3.36
N ASP A 102 17.76 4.96 2.57
CA ASP A 102 19.10 4.47 2.32
C ASP A 102 20.08 5.02 3.36
N SER A 103 20.84 4.12 3.96
CA SER A 103 21.82 4.50 4.99
C SER A 103 23.20 3.94 4.64
N GLY A 104 23.23 2.73 4.11
CA GLY A 104 24.50 2.10 3.75
C GLY A 104 25.51 3.11 3.24
N PRO A 105 26.41 3.55 4.13
CA PRO A 105 27.46 4.52 3.79
C PRO A 105 28.51 3.93 2.86
N SER A 106 28.80 4.64 1.77
CA SER A 106 29.79 4.19 0.80
C SER A 106 31.20 4.48 1.29
N SER A 107 32.17 3.76 0.74
CA SER A 107 33.57 3.93 1.12
C SER A 107 34.49 3.16 0.19
N GLY A 108 35.72 3.65 0.04
CA GLY A 108 36.68 2.99 -0.83
C GLY A 108 36.69 3.58 -2.22
N GLY A 1 -32.10 13.46 10.84
CA GLY A 1 -31.73 12.13 11.31
C GLY A 1 -32.94 11.32 11.74
N SER A 2 -33.22 10.24 11.01
CA SER A 2 -34.36 9.38 11.32
C SER A 2 -33.95 7.91 11.29
N SER A 3 -34.58 7.12 12.16
CA SER A 3 -34.27 5.70 12.24
C SER A 3 -32.77 5.46 12.19
N GLY A 4 -32.03 6.29 12.92
CA GLY A 4 -30.58 6.14 12.94
C GLY A 4 -30.11 5.26 14.09
N SER A 5 -30.61 5.53 15.28
CA SER A 5 -30.23 4.75 16.47
C SER A 5 -28.72 4.58 16.52
N SER A 6 -27.99 5.65 16.24
CA SER A 6 -26.53 5.60 16.26
C SER A 6 -25.98 6.19 17.56
N GLY A 7 -25.48 5.31 18.43
CA GLY A 7 -24.94 5.76 19.69
C GLY A 7 -23.51 6.27 19.57
N ARG A 8 -22.56 5.35 19.57
CA ARG A 8 -21.15 5.71 19.46
C ARG A 8 -20.57 5.25 18.12
N LYS A 9 -19.68 6.05 17.56
CA LYS A 9 -19.05 5.73 16.27
C LYS A 9 -17.85 4.82 16.48
N PRO A 10 -17.73 3.80 15.61
CA PRO A 10 -16.63 2.83 15.68
C PRO A 10 -15.29 3.46 15.29
N LEU A 11 -14.28 2.61 15.11
CA LEU A 11 -12.95 3.08 14.73
C LEU A 11 -12.94 3.62 13.31
N GLN A 12 -13.37 4.87 13.16
CA GLN A 12 -13.42 5.51 11.85
C GLN A 12 -12.28 6.52 11.69
N GLU A 13 -11.23 6.12 11.00
CA GLU A 13 -10.08 6.99 10.79
C GLU A 13 -9.21 6.47 9.63
N PRO A 14 -8.56 7.41 8.92
CA PRO A 14 -7.70 7.07 7.78
C PRO A 14 -6.42 6.37 8.22
N CYS A 15 -5.62 5.95 7.25
CA CYS A 15 -4.36 5.27 7.53
C CYS A 15 -3.36 5.49 6.40
N THR A 16 -2.30 6.26 6.69
CA THR A 16 -1.28 6.54 5.70
C THR A 16 -0.38 5.33 5.48
N ILE A 17 -0.34 4.85 4.23
CA ILE A 17 0.49 3.70 3.89
C ILE A 17 1.40 4.01 2.71
N PHE A 18 2.45 3.21 2.55
CA PHE A 18 3.40 3.41 1.46
C PHE A 18 3.29 2.28 0.44
N LEU A 19 3.35 2.63 -0.84
CA LEU A 19 3.26 1.65 -1.91
C LEU A 19 4.58 1.56 -2.69
N ILE A 20 4.85 0.39 -3.24
CA ILE A 20 6.07 0.17 -4.01
C ILE A 20 5.81 -0.75 -5.20
N ALA A 21 6.47 -0.45 -6.32
CA ALA A 21 6.31 -1.26 -7.52
C ALA A 21 7.00 -2.61 -7.37
N ASN A 22 6.24 -3.68 -7.60
CA ASN A 22 6.77 -5.04 -7.48
C ASN A 22 7.97 -5.23 -8.40
N GLY A 23 9.01 -5.86 -7.88
CA GLY A 23 10.21 -6.10 -8.67
C GLY A 23 10.98 -4.83 -8.95
N ASP A 24 10.78 -3.82 -8.12
CA ASP A 24 11.46 -2.54 -8.29
C ASP A 24 12.36 -2.24 -7.09
N LEU A 25 13.66 -2.12 -7.35
CA LEU A 25 14.63 -1.83 -6.30
C LEU A 25 15.44 -0.59 -6.63
N ILE A 26 14.88 0.27 -7.46
CA ILE A 26 15.55 1.51 -7.85
C ILE A 26 14.79 2.73 -7.37
N ASN A 27 13.47 2.73 -7.57
CA ASN A 27 12.62 3.84 -7.16
C ASN A 27 12.12 3.63 -5.73
N PRO A 28 11.96 4.73 -4.99
CA PRO A 28 11.49 4.70 -3.61
C PRO A 28 10.02 4.32 -3.51
N ALA A 29 9.42 4.55 -2.34
CA ALA A 29 8.01 4.23 -2.13
C ALA A 29 7.13 5.45 -2.33
N SER A 30 5.83 5.28 -2.14
CA SER A 30 4.88 6.38 -2.31
C SER A 30 3.92 6.45 -1.13
N ARG A 31 4.04 7.52 -0.34
CA ARG A 31 3.19 7.71 0.83
C ARG A 31 1.73 7.93 0.40
N LEU A 32 0.97 6.85 0.31
CA LEU A 32 -0.42 6.93 -0.08
C LEU A 32 -1.34 6.51 1.06
N LEU A 33 -2.25 7.40 1.44
CA LEU A 33 -3.19 7.12 2.53
C LEU A 33 -4.56 6.73 1.98
N ILE A 34 -5.29 5.92 2.74
CA ILE A 34 -6.62 5.48 2.33
C ILE A 34 -7.68 5.91 3.34
N PRO A 35 -8.70 6.61 2.86
CA PRO A 35 -9.80 7.09 3.70
C PRO A 35 -10.69 5.96 4.21
N ARG A 36 -11.06 6.03 5.48
CA ARG A 36 -11.90 5.01 6.09
C ARG A 36 -12.90 4.45 5.08
N LYS A 37 -13.72 5.32 4.51
CA LYS A 37 -14.72 4.92 3.53
C LYS A 37 -14.14 3.91 2.55
N THR A 38 -12.97 4.22 2.00
CA THR A 38 -12.30 3.32 1.06
C THR A 38 -11.76 2.08 1.76
N LEU A 39 -11.16 2.28 2.93
CA LEU A 39 -10.60 1.17 3.70
C LEU A 39 -11.59 0.01 3.77
N ASN A 40 -12.87 0.31 3.60
CA ASN A 40 -13.90 -0.71 3.64
C ASN A 40 -13.94 -1.51 2.34
N GLN A 41 -13.69 -0.82 1.23
CA GLN A 41 -13.68 -1.46 -0.07
C GLN A 41 -12.27 -1.81 -0.52
N TRP A 42 -11.97 -3.10 -0.57
CA TRP A 42 -10.64 -3.56 -0.97
C TRP A 42 -10.38 -3.24 -2.44
N ASP A 43 -11.43 -3.32 -3.25
CA ASP A 43 -11.31 -3.03 -4.68
C ASP A 43 -10.93 -1.58 -4.91
N HIS A 44 -11.53 -0.68 -4.14
CA HIS A 44 -11.26 0.74 -4.27
C HIS A 44 -9.80 1.05 -3.93
N VAL A 45 -9.24 0.28 -3.00
CA VAL A 45 -7.85 0.46 -2.59
C VAL A 45 -6.90 0.19 -3.75
N LEU A 46 -7.18 -0.85 -4.52
CA LEU A 46 -6.34 -1.22 -5.65
C LEU A 46 -6.48 -0.18 -6.77
N GLN A 47 -7.67 0.38 -6.91
CA GLN A 47 -7.92 1.38 -7.94
C GLN A 47 -7.05 2.61 -7.74
N MET A 48 -6.81 2.95 -6.47
CA MET A 48 -6.00 4.11 -6.14
C MET A 48 -4.52 3.72 -6.03
N VAL A 49 -4.26 2.54 -5.46
CA VAL A 49 -2.90 2.06 -5.30
C VAL A 49 -2.16 2.06 -6.63
N THR A 50 -2.86 1.72 -7.71
CA THR A 50 -2.27 1.68 -9.03
C THR A 50 -1.88 3.08 -9.50
N GLU A 51 -2.70 4.07 -9.14
CA GLU A 51 -2.43 5.45 -9.53
C GLU A 51 -1.02 5.87 -9.15
N LYS A 52 -0.55 5.36 -8.02
CA LYS A 52 0.80 5.67 -7.54
C LYS A 52 1.81 4.66 -8.06
N ILE A 53 1.42 3.39 -8.09
CA ILE A 53 2.30 2.33 -8.58
C ILE A 53 1.72 1.67 -9.82
N THR A 54 2.14 2.15 -10.99
CA THR A 54 1.67 1.60 -12.25
C THR A 54 2.54 0.44 -12.71
N LEU A 55 2.07 -0.77 -12.48
CA LEU A 55 2.81 -1.97 -12.88
C LEU A 55 2.92 -2.08 -14.40
N ARG A 56 4.07 -2.51 -14.87
CA ARG A 56 4.30 -2.67 -16.31
C ARG A 56 3.21 -3.55 -16.93
N SER A 57 2.83 -4.60 -16.23
CA SER A 57 1.81 -5.52 -16.72
C SER A 57 0.44 -4.83 -16.79
N GLY A 58 0.20 -3.93 -15.84
CA GLY A 58 -1.06 -3.22 -15.81
C GLY A 58 -1.33 -2.57 -14.47
N ALA A 59 -2.30 -3.10 -13.73
CA ALA A 59 -2.66 -2.56 -12.43
C ALA A 59 -2.39 -3.59 -11.33
N VAL A 60 -2.62 -3.18 -10.08
CA VAL A 60 -2.41 -4.07 -8.94
C VAL A 60 -3.68 -4.82 -8.60
N HIS A 61 -3.52 -6.08 -8.17
CA HIS A 61 -4.65 -6.92 -7.81
C HIS A 61 -4.51 -7.44 -6.38
N ARG A 62 -3.28 -7.41 -5.86
CA ARG A 62 -3.01 -7.88 -4.52
C ARG A 62 -1.88 -7.08 -3.87
N LEU A 63 -1.76 -7.18 -2.56
CA LEU A 63 -0.72 -6.47 -1.83
C LEU A 63 0.21 -7.44 -1.11
N TYR A 64 1.48 -7.07 -1.01
CA TYR A 64 2.47 -7.91 -0.35
C TYR A 64 3.44 -7.07 0.47
N THR A 65 3.58 -7.41 1.76
CA THR A 65 4.48 -6.68 2.64
C THR A 65 5.93 -7.00 2.34
N LEU A 66 6.84 -6.24 2.93
CA LEU A 66 8.27 -6.44 2.73
C LEU A 66 8.70 -7.81 3.23
N GLU A 67 7.89 -8.40 4.10
CA GLU A 67 8.18 -9.72 4.65
C GLU A 67 7.70 -10.82 3.71
N GLY A 68 6.72 -10.50 2.88
CA GLY A 68 6.18 -11.47 1.94
C GLY A 68 4.75 -11.85 2.25
N LYS A 69 4.21 -11.28 3.32
CA LYS A 69 2.83 -11.56 3.72
C LYS A 69 1.85 -10.95 2.74
N LEU A 70 0.67 -11.55 2.64
CA LEU A 70 -0.37 -11.05 1.73
C LEU A 70 -1.52 -10.43 2.52
N VAL A 71 -1.98 -9.27 2.06
CA VAL A 71 -3.08 -8.57 2.71
C VAL A 71 -4.36 -8.69 1.89
N GLU A 72 -5.07 -9.79 2.08
CA GLU A 72 -6.33 -10.02 1.36
C GLU A 72 -7.28 -8.86 1.56
N SER A 73 -7.15 -8.15 2.68
CA SER A 73 -8.00 -7.02 2.99
C SER A 73 -7.27 -6.00 3.84
N GLY A 74 -7.50 -4.72 3.55
CA GLY A 74 -6.84 -3.66 4.31
C GLY A 74 -6.87 -3.91 5.79
N ALA A 75 -7.79 -4.75 6.24
CA ALA A 75 -7.92 -5.08 7.65
C ALA A 75 -6.56 -5.35 8.29
N GLU A 76 -5.60 -5.75 7.45
CA GLU A 76 -4.26 -6.05 7.92
C GLU A 76 -3.37 -4.80 7.88
N LEU A 77 -3.68 -3.90 6.94
CA LEU A 77 -2.91 -2.67 6.80
C LEU A 77 -2.67 -2.00 8.15
N GLU A 78 -1.89 -0.94 8.15
CA GLU A 78 -1.58 -0.21 9.37
C GLU A 78 -1.23 1.24 9.07
N ASN A 79 -1.37 2.10 10.08
CA ASN A 79 -1.06 3.52 9.93
C ASN A 79 0.44 3.76 10.02
N GLY A 80 1.05 4.09 8.89
CA GLY A 80 2.48 4.36 8.87
C GLY A 80 3.29 3.12 8.51
N GLN A 81 2.74 2.29 7.62
CA GLN A 81 3.43 1.07 7.21
C GLN A 81 3.64 1.06 5.70
N PHE A 82 4.40 0.07 5.22
CA PHE A 82 4.69 -0.05 3.80
C PHE A 82 4.07 -1.32 3.23
N TYR A 83 3.80 -1.32 1.93
CA TYR A 83 3.19 -2.47 1.26
C TYR A 83 3.48 -2.43 -0.24
N VAL A 84 3.98 -3.56 -0.75
CA VAL A 84 4.29 -3.66 -2.18
C VAL A 84 3.06 -4.04 -2.98
N ALA A 85 2.89 -3.38 -4.13
CA ALA A 85 1.75 -3.66 -5.00
C ALA A 85 2.07 -4.74 -6.01
N VAL A 86 1.30 -5.82 -5.98
CA VAL A 86 1.51 -6.93 -6.90
C VAL A 86 0.28 -7.16 -7.78
N GLY A 87 0.49 -7.15 -9.09
CA GLY A 87 -0.60 -7.36 -10.02
C GLY A 87 -0.76 -8.82 -10.43
N ARG A 88 -1.16 -9.04 -11.67
CA ARG A 88 -1.35 -10.39 -12.18
C ARG A 88 -0.06 -11.21 -12.03
N ASP A 89 1.07 -10.52 -12.00
CA ASP A 89 2.36 -11.18 -11.86
C ASP A 89 2.61 -11.60 -10.41
N LYS A 90 3.35 -12.68 -10.23
CA LYS A 90 3.67 -13.18 -8.90
C LYS A 90 4.35 -12.10 -8.06
N PHE A 91 4.46 -12.36 -6.76
CA PHE A 91 5.09 -11.41 -5.85
C PHE A 91 6.57 -11.72 -5.68
N LYS A 92 7.42 -10.74 -6.00
CA LYS A 92 8.86 -10.90 -5.89
C LYS A 92 9.36 -10.40 -4.54
N LYS A 93 9.35 -11.27 -3.54
CA LYS A 93 9.81 -10.91 -2.20
C LYS A 93 11.20 -10.29 -2.25
N LEU A 94 11.25 -8.96 -2.34
CA LEU A 94 12.52 -8.24 -2.39
C LEU A 94 12.65 -7.27 -1.22
N PRO A 95 13.89 -6.95 -0.85
CA PRO A 95 14.18 -6.02 0.25
C PRO A 95 13.81 -4.58 -0.09
N TYR A 96 12.70 -4.11 0.46
CA TYR A 96 12.24 -2.74 0.22
C TYR A 96 12.46 -1.86 1.44
N GLY A 97 12.43 -2.48 2.62
CA GLY A 97 12.63 -1.73 3.84
C GLY A 97 13.95 -0.99 3.86
N GLU A 98 14.88 -1.41 3.02
CA GLU A 98 16.19 -0.78 2.94
C GLU A 98 16.13 0.49 2.09
N LEU A 99 15.26 0.48 1.09
CA LEU A 99 15.12 1.64 0.20
C LEU A 99 14.42 2.78 0.91
N LEU A 100 13.66 2.46 1.96
CA LEU A 100 12.94 3.47 2.72
C LEU A 100 13.91 4.39 3.44
N PHE A 101 14.68 3.84 4.37
CA PHE A 101 15.65 4.63 5.13
C PHE A 101 17.08 4.29 4.70
N ASP A 102 17.69 5.19 3.93
CA ASP A 102 19.05 5.00 3.45
C ASP A 102 19.97 4.60 4.60
N SER A 103 21.21 4.25 4.26
CA SER A 103 22.19 3.84 5.26
C SER A 103 23.00 5.04 5.74
N GLY A 104 22.62 5.58 6.89
CA GLY A 104 23.33 6.72 7.44
C GLY A 104 24.60 6.32 8.17
N PRO A 105 24.49 6.17 9.50
CA PRO A 105 25.64 5.79 10.34
C PRO A 105 26.07 4.34 10.11
N SER A 106 25.28 3.61 9.35
CA SER A 106 25.58 2.21 9.05
C SER A 106 26.74 2.10 8.07
N SER A 107 27.90 1.67 8.57
CA SER A 107 29.08 1.53 7.74
C SER A 107 28.81 0.64 6.53
N GLY A 108 28.70 1.26 5.36
CA GLY A 108 28.43 0.50 4.15
C GLY A 108 27.74 1.33 3.09
N GLY A 1 -31.82 -6.25 3.65
CA GLY A 1 -32.57 -5.27 4.41
C GLY A 1 -31.89 -4.90 5.72
N SER A 2 -32.47 -3.94 6.43
CA SER A 2 -31.92 -3.49 7.70
C SER A 2 -32.99 -2.85 8.58
N SER A 3 -33.13 -3.36 9.80
CA SER A 3 -34.12 -2.83 10.73
C SER A 3 -33.47 -1.96 11.79
N GLY A 4 -33.28 -0.68 11.46
CA GLY A 4 -32.68 0.25 12.38
C GLY A 4 -31.52 1.01 11.77
N SER A 5 -31.83 1.96 10.89
CA SER A 5 -30.81 2.75 10.22
C SER A 5 -30.11 3.67 11.21
N SER A 6 -28.87 3.32 11.57
CA SER A 6 -28.09 4.11 12.51
C SER A 6 -26.63 3.67 12.50
N GLY A 7 -25.73 4.63 12.74
CA GLY A 7 -24.31 4.32 12.75
C GLY A 7 -23.71 4.47 14.13
N ARG A 8 -23.46 3.34 14.80
CA ARG A 8 -22.88 3.36 16.13
C ARG A 8 -21.41 2.98 16.08
N LYS A 9 -20.70 3.51 15.09
CA LYS A 9 -19.27 3.23 14.94
C LYS A 9 -18.43 4.41 15.41
N PRO A 10 -17.27 4.11 16.00
CA PRO A 10 -16.35 5.14 16.50
C PRO A 10 -15.69 5.93 15.38
N LEU A 11 -14.95 6.97 15.75
CA LEU A 11 -14.28 7.82 14.77
C LEU A 11 -13.45 6.96 13.81
N GLN A 12 -13.71 7.14 12.51
CA GLN A 12 -12.99 6.40 11.49
C GLN A 12 -12.01 7.29 10.73
N GLU A 13 -10.83 7.49 11.31
CA GLU A 13 -9.81 8.33 10.69
C GLU A 13 -9.05 7.56 9.61
N PRO A 14 -8.47 8.31 8.66
CA PRO A 14 -7.71 7.72 7.55
C PRO A 14 -6.39 7.11 8.02
N CYS A 15 -5.68 6.45 7.11
CA CYS A 15 -4.41 5.83 7.43
C CYS A 15 -3.39 6.08 6.33
N THR A 16 -2.16 6.40 6.72
CA THR A 16 -1.09 6.67 5.78
C THR A 16 -0.18 5.46 5.60
N ILE A 17 -0.18 4.89 4.41
CA ILE A 17 0.65 3.72 4.11
C ILE A 17 1.52 3.96 2.88
N PHE A 18 2.71 3.39 2.89
CA PHE A 18 3.65 3.53 1.77
C PHE A 18 3.54 2.35 0.82
N LEU A 19 3.47 2.64 -0.48
CA LEU A 19 3.36 1.60 -1.49
C LEU A 19 4.67 1.48 -2.28
N ILE A 20 5.00 0.27 -2.68
CA ILE A 20 6.21 0.02 -3.45
C ILE A 20 5.93 -0.90 -4.64
N ALA A 21 6.42 -0.50 -5.81
CA ALA A 21 6.22 -1.28 -7.02
C ALA A 21 6.99 -2.60 -6.95
N ASN A 22 6.25 -3.71 -7.00
CA ASN A 22 6.86 -5.03 -6.95
C ASN A 22 7.99 -5.16 -7.96
N GLY A 23 9.12 -5.68 -7.51
CA GLY A 23 10.26 -5.85 -8.39
C GLY A 23 11.02 -4.54 -8.61
N ASP A 24 10.70 -3.54 -7.81
CA ASP A 24 11.35 -2.23 -7.92
C ASP A 24 12.24 -1.97 -6.73
N LEU A 25 13.53 -1.78 -6.97
CA LEU A 25 14.49 -1.51 -5.92
C LEU A 25 15.26 -0.23 -6.18
N ILE A 26 15.02 0.37 -7.34
CA ILE A 26 15.69 1.61 -7.72
C ILE A 26 14.83 2.82 -7.36
N ASN A 27 13.52 2.64 -7.35
CA ASN A 27 12.60 3.71 -7.02
C ASN A 27 12.06 3.57 -5.60
N PRO A 28 11.94 4.69 -4.89
CA PRO A 28 11.45 4.70 -3.51
C PRO A 28 9.96 4.39 -3.43
N ALA A 29 9.40 4.48 -2.23
CA ALA A 29 7.99 4.20 -2.02
C ALA A 29 7.14 5.45 -2.27
N SER A 30 5.83 5.32 -2.09
CA SER A 30 4.91 6.43 -2.30
C SER A 30 3.91 6.53 -1.16
N ARG A 31 4.13 7.47 -0.26
CA ARG A 31 3.24 7.67 0.88
C ARG A 31 1.85 8.11 0.41
N LEU A 32 0.92 7.17 0.36
CA LEU A 32 -0.44 7.46 -0.07
C LEU A 32 -1.44 7.16 1.04
N LEU A 33 -2.31 8.12 1.33
CA LEU A 33 -3.31 7.95 2.38
C LEU A 33 -4.58 7.31 1.82
N ILE A 34 -5.25 6.51 2.65
CA ILE A 34 -6.48 5.84 2.24
C ILE A 34 -7.56 5.99 3.31
N PRO A 35 -8.70 6.57 2.91
CA PRO A 35 -9.84 6.78 3.82
C PRO A 35 -10.53 5.47 4.19
N ARG A 36 -10.68 5.23 5.49
CA ARG A 36 -11.32 4.02 5.98
C ARG A 36 -12.46 3.59 5.07
N LYS A 37 -13.43 4.49 4.88
CA LYS A 37 -14.58 4.21 4.03
C LYS A 37 -14.17 3.35 2.83
N THR A 38 -13.01 3.67 2.25
CA THR A 38 -12.52 2.94 1.10
C THR A 38 -11.89 1.61 1.52
N LEU A 39 -11.13 1.64 2.60
CA LEU A 39 -10.47 0.44 3.12
C LEU A 39 -11.44 -0.73 3.14
N ASN A 40 -12.73 -0.43 3.20
CA ASN A 40 -13.77 -1.46 3.24
C ASN A 40 -13.78 -2.26 1.94
N GLN A 41 -13.61 -1.55 0.83
CA GLN A 41 -13.60 -2.19 -0.48
C GLN A 41 -12.18 -2.38 -0.99
N TRP A 42 -11.82 -3.64 -1.26
CA TRP A 42 -10.48 -3.97 -1.75
C TRP A 42 -10.30 -3.50 -3.19
N ASP A 43 -11.39 -3.54 -3.95
CA ASP A 43 -11.35 -3.13 -5.35
C ASP A 43 -11.17 -1.62 -5.47
N HIS A 44 -11.76 -0.88 -4.55
CA HIS A 44 -11.66 0.58 -4.55
C HIS A 44 -10.26 1.03 -4.10
N VAL A 45 -9.73 0.35 -3.10
CA VAL A 45 -8.41 0.67 -2.58
C VAL A 45 -7.36 0.60 -3.68
N LEU A 46 -7.25 -0.56 -4.32
CA LEU A 46 -6.29 -0.76 -5.40
C LEU A 46 -6.41 0.33 -6.45
N GLN A 47 -7.65 0.70 -6.77
CA GLN A 47 -7.90 1.74 -7.77
C GLN A 47 -7.04 2.98 -7.50
N MET A 48 -6.72 3.20 -6.22
CA MET A 48 -5.91 4.34 -5.83
C MET A 48 -4.44 3.96 -5.73
N VAL A 49 -4.19 2.70 -5.35
CA VAL A 49 -2.83 2.20 -5.22
C VAL A 49 -2.09 2.22 -6.55
N THR A 50 -2.82 1.91 -7.62
CA THR A 50 -2.25 1.89 -8.96
C THR A 50 -1.85 3.29 -9.41
N GLU A 51 -2.68 4.27 -9.04
CA GLU A 51 -2.42 5.66 -9.42
C GLU A 51 -1.05 6.11 -8.90
N LYS A 52 -0.62 5.53 -7.78
CA LYS A 52 0.67 5.88 -7.20
C LYS A 52 1.74 4.89 -7.63
N ILE A 53 1.38 3.62 -7.70
CA ILE A 53 2.33 2.58 -8.10
C ILE A 53 1.84 1.87 -9.36
N THR A 54 2.21 2.40 -10.52
CA THR A 54 1.81 1.81 -11.79
C THR A 54 2.79 0.73 -12.23
N LEU A 55 2.40 -0.53 -12.02
CA LEU A 55 3.24 -1.66 -12.38
C LEU A 55 3.41 -1.75 -13.89
N ARG A 56 4.63 -2.09 -14.33
CA ARG A 56 4.91 -2.20 -15.74
C ARG A 56 3.93 -3.15 -16.43
N SER A 57 3.59 -4.24 -15.77
CA SER A 57 2.66 -5.22 -16.31
C SER A 57 1.26 -4.62 -16.43
N GLY A 58 0.92 -3.72 -15.51
CA GLY A 58 -0.38 -3.09 -15.52
C GLY A 58 -0.75 -2.49 -14.18
N ALA A 59 -1.97 -2.77 -13.73
CA ALA A 59 -2.45 -2.24 -12.45
C ALA A 59 -2.20 -3.24 -11.33
N VAL A 60 -2.56 -2.85 -10.12
CA VAL A 60 -2.38 -3.72 -8.95
C VAL A 60 -3.54 -4.70 -8.81
N HIS A 61 -3.24 -5.88 -8.28
CA HIS A 61 -4.26 -6.91 -8.09
C HIS A 61 -4.26 -7.41 -6.64
N ARG A 62 -3.09 -7.40 -6.02
CA ARG A 62 -2.97 -7.85 -4.63
C ARG A 62 -1.85 -7.10 -3.92
N LEU A 63 -1.82 -7.23 -2.60
CA LEU A 63 -0.79 -6.56 -1.79
C LEU A 63 0.04 -7.57 -1.01
N TYR A 64 1.30 -7.24 -0.78
CA TYR A 64 2.21 -8.12 -0.06
C TYR A 64 3.14 -7.32 0.84
N THR A 65 3.34 -7.79 2.06
CA THR A 65 4.22 -7.12 3.02
C THR A 65 5.68 -7.50 2.78
N LEU A 66 6.57 -6.73 3.38
CA LEU A 66 8.00 -6.98 3.24
C LEU A 66 8.36 -8.38 3.71
N GLU A 67 7.52 -8.94 4.58
CA GLU A 67 7.75 -10.28 5.11
C GLU A 67 7.23 -11.35 4.15
N GLY A 68 6.46 -10.91 3.16
CA GLY A 68 5.90 -11.83 2.18
C GLY A 68 4.46 -12.17 2.47
N LYS A 69 3.90 -11.57 3.52
CA LYS A 69 2.51 -11.81 3.89
C LYS A 69 1.55 -11.16 2.90
N LEU A 70 0.36 -11.72 2.77
CA LEU A 70 -0.64 -11.19 1.85
C LEU A 70 -1.73 -10.42 2.61
N VAL A 71 -2.22 -9.35 2.00
CA VAL A 71 -3.26 -8.53 2.61
C VAL A 71 -4.54 -8.55 1.78
N GLU A 72 -5.32 -9.61 1.95
CA GLU A 72 -6.58 -9.74 1.20
C GLU A 72 -7.46 -8.51 1.39
N SER A 73 -7.19 -7.76 2.46
CA SER A 73 -7.97 -6.56 2.75
C SER A 73 -7.20 -5.65 3.72
N GLY A 74 -7.34 -4.34 3.52
CA GLY A 74 -6.65 -3.39 4.39
C GLY A 74 -6.66 -3.81 5.84
N ALA A 75 -7.64 -4.63 6.21
CA ALA A 75 -7.76 -5.12 7.58
C ALA A 75 -6.40 -5.51 8.14
N GLU A 76 -5.52 -5.97 7.27
CA GLU A 76 -4.18 -6.38 7.68
C GLU A 76 -3.22 -5.19 7.68
N LEU A 77 -3.49 -4.23 6.81
CA LEU A 77 -2.65 -3.04 6.70
C LEU A 77 -2.53 -2.33 8.04
N GLU A 78 -1.56 -1.43 8.15
CA GLU A 78 -1.34 -0.69 9.38
C GLU A 78 -1.19 0.81 9.10
N ASN A 79 -1.39 1.62 10.13
CA ASN A 79 -1.27 3.07 10.00
C ASN A 79 0.18 3.51 10.08
N GLY A 80 0.80 3.71 8.92
CA GLY A 80 2.19 4.14 8.88
C GLY A 80 3.14 2.99 8.60
N GLN A 81 2.69 2.04 7.79
CA GLN A 81 3.51 0.88 7.45
C GLN A 81 3.79 0.84 5.94
N PHE A 82 4.66 -0.07 5.53
CA PHE A 82 5.02 -0.21 4.12
C PHE A 82 4.38 -1.45 3.53
N TYR A 83 4.11 -1.41 2.23
CA TYR A 83 3.50 -2.53 1.53
C TYR A 83 3.80 -2.48 0.04
N VAL A 84 4.13 -3.64 -0.54
CA VAL A 84 4.44 -3.73 -1.95
C VAL A 84 3.19 -4.08 -2.77
N ALA A 85 3.06 -3.45 -3.92
CA ALA A 85 1.92 -3.70 -4.80
C ALA A 85 2.21 -4.84 -5.78
N VAL A 86 1.55 -5.97 -5.58
CA VAL A 86 1.75 -7.13 -6.45
C VAL A 86 0.50 -7.42 -7.27
N GLY A 87 0.65 -7.39 -8.58
CA GLY A 87 -0.48 -7.65 -9.47
C GLY A 87 -0.51 -9.07 -9.96
N ARG A 88 -1.23 -9.30 -11.06
CA ARG A 88 -1.33 -10.64 -11.64
C ARG A 88 -0.01 -11.39 -11.51
N ASP A 89 1.09 -10.65 -11.50
CA ASP A 89 2.41 -11.24 -11.37
C ASP A 89 2.67 -11.71 -9.95
N LYS A 90 3.48 -12.76 -9.81
CA LYS A 90 3.81 -13.30 -8.50
C LYS A 90 4.70 -12.34 -7.72
N PHE A 91 4.70 -12.48 -6.39
CA PHE A 91 5.51 -11.62 -5.53
C PHE A 91 6.99 -11.88 -5.75
N LYS A 92 7.81 -10.86 -5.54
CA LYS A 92 9.25 -10.97 -5.71
C LYS A 92 9.98 -10.64 -4.41
N LYS A 93 10.53 -11.66 -3.76
CA LYS A 93 11.25 -11.47 -2.51
C LYS A 93 12.46 -10.57 -2.71
N LEU A 94 12.31 -9.30 -2.37
CA LEU A 94 13.40 -8.34 -2.51
C LEU A 94 13.51 -7.46 -1.27
N PRO A 95 14.74 -7.04 -0.95
CA PRO A 95 15.01 -6.18 0.21
C PRO A 95 14.48 -4.77 0.02
N TYR A 96 13.36 -4.46 0.67
CA TYR A 96 12.74 -3.15 0.57
C TYR A 96 13.03 -2.32 1.82
N GLY A 97 13.16 -3.00 2.95
CA GLY A 97 13.43 -2.31 4.20
C GLY A 97 14.63 -1.40 4.11
N GLU A 98 15.46 -1.62 3.10
CA GLU A 98 16.67 -0.80 2.91
C GLU A 98 16.34 0.49 2.16
N LEU A 99 15.32 0.42 1.30
CA LEU A 99 14.91 1.59 0.52
C LEU A 99 14.12 2.57 1.38
N LEU A 100 13.65 2.09 2.52
CA LEU A 100 12.89 2.93 3.45
C LEU A 100 13.77 4.00 4.08
N PHE A 101 14.82 3.56 4.75
CA PHE A 101 15.74 4.48 5.41
C PHE A 101 17.10 3.81 5.64
N ASP A 102 18.16 4.61 5.57
CA ASP A 102 19.51 4.09 5.78
C ASP A 102 19.51 2.99 6.82
N SER A 103 19.98 1.80 6.43
CA SER A 103 20.03 0.66 7.32
C SER A 103 21.47 0.16 7.48
N GLY A 104 22.08 0.48 8.62
CA GLY A 104 23.45 0.05 8.88
C GLY A 104 23.61 -0.57 10.24
N PRO A 105 24.05 0.23 11.22
CA PRO A 105 24.26 -0.23 12.60
C PRO A 105 22.95 -0.55 13.31
N SER A 106 22.41 -1.73 13.06
CA SER A 106 21.15 -2.15 13.67
C SER A 106 21.18 -1.91 15.17
N SER A 107 22.24 -2.36 15.83
CA SER A 107 22.39 -2.19 17.27
C SER A 107 22.29 -0.72 17.66
N GLY A 108 23.10 0.12 17.01
CA GLY A 108 23.08 1.53 17.30
C GLY A 108 24.23 2.28 16.65
N GLY A 1 -17.09 5.39 -8.58
CA GLY A 1 -17.01 6.83 -8.46
C GLY A 1 -18.26 7.44 -7.86
N SER A 2 -19.41 7.10 -8.43
CA SER A 2 -20.69 7.62 -7.96
C SER A 2 -20.89 7.29 -6.48
N SER A 3 -21.08 8.32 -5.67
CA SER A 3 -21.28 8.15 -4.24
C SER A 3 -22.11 9.29 -3.66
N GLY A 4 -23.04 8.95 -2.77
CA GLY A 4 -23.89 9.95 -2.15
C GLY A 4 -23.72 10.01 -0.65
N SER A 5 -23.06 11.07 -0.18
CA SER A 5 -22.83 11.24 1.25
C SER A 5 -23.78 12.28 1.84
N SER A 6 -24.31 11.98 3.02
CA SER A 6 -25.24 12.89 3.68
C SER A 6 -25.11 12.78 5.19
N GLY A 7 -24.86 13.91 5.84
CA GLY A 7 -24.71 13.93 7.28
C GLY A 7 -23.26 13.99 7.72
N ARG A 8 -23.04 14.33 8.99
CA ARG A 8 -21.69 14.42 9.53
C ARG A 8 -21.16 13.05 9.93
N LYS A 9 -20.14 12.58 9.22
CA LYS A 9 -19.55 11.28 9.50
C LYS A 9 -18.92 11.25 10.89
N PRO A 10 -18.93 10.07 11.52
CA PRO A 10 -18.36 9.89 12.87
C PRO A 10 -16.85 9.99 12.87
N LEU A 11 -16.24 9.62 13.99
CA LEU A 11 -14.79 9.67 14.13
C LEU A 11 -14.12 8.62 13.23
N GLN A 12 -13.84 9.01 11.99
CA GLN A 12 -13.22 8.11 11.03
C GLN A 12 -11.97 8.74 10.43
N GLU A 13 -10.84 8.56 11.08
CA GLU A 13 -9.57 9.12 10.60
C GLU A 13 -8.93 8.21 9.55
N PRO A 14 -8.29 8.83 8.55
CA PRO A 14 -7.64 8.11 7.47
C PRO A 14 -6.39 7.37 7.94
N CYS A 15 -5.87 6.49 7.09
CA CYS A 15 -4.67 5.72 7.42
C CYS A 15 -3.59 5.92 6.37
N THR A 16 -2.41 6.34 6.81
CA THR A 16 -1.29 6.57 5.91
C THR A 16 -0.45 5.31 5.74
N ILE A 17 -0.44 4.76 4.52
CA ILE A 17 0.32 3.56 4.23
C ILE A 17 1.36 3.82 3.15
N PHE A 18 2.44 3.03 3.17
CA PHE A 18 3.51 3.18 2.19
C PHE A 18 3.45 2.05 1.16
N LEU A 19 3.56 2.42 -0.11
CA LEU A 19 3.53 1.45 -1.20
C LEU A 19 4.90 1.30 -1.85
N ILE A 20 5.11 0.19 -2.53
CA ILE A 20 6.37 -0.07 -3.21
C ILE A 20 6.18 -0.97 -4.43
N ALA A 21 6.79 -0.59 -5.54
CA ALA A 21 6.69 -1.36 -6.78
C ALA A 21 7.35 -2.73 -6.62
N ASN A 22 6.62 -3.77 -6.97
CA ASN A 22 7.13 -5.14 -6.88
C ASN A 22 8.30 -5.35 -7.84
N GLY A 23 9.47 -5.60 -7.28
CA GLY A 23 10.65 -5.82 -8.11
C GLY A 23 11.44 -4.55 -8.35
N ASP A 24 11.23 -3.56 -7.49
CA ASP A 24 11.93 -2.28 -7.61
C ASP A 24 12.77 -2.00 -6.36
N LEU A 25 14.09 -1.98 -6.53
CA LEU A 25 14.99 -1.73 -5.42
C LEU A 25 15.78 -0.45 -5.65
N ILE A 26 15.29 0.39 -6.56
CA ILE A 26 15.95 1.65 -6.87
C ILE A 26 15.13 2.84 -6.36
N ASN A 27 13.82 2.79 -6.59
CA ASN A 27 12.93 3.86 -6.15
C ASN A 27 12.35 3.56 -4.77
N PRO A 28 12.20 4.61 -3.95
CA PRO A 28 11.65 4.48 -2.60
C PRO A 28 10.17 4.13 -2.60
N ALA A 29 9.54 4.24 -1.43
CA ALA A 29 8.12 3.94 -1.30
C ALA A 29 7.26 5.14 -1.66
N SER A 30 5.95 4.99 -1.53
CA SER A 30 5.02 6.07 -1.85
C SER A 30 3.98 6.23 -0.74
N ARG A 31 4.18 7.24 0.10
CA ARG A 31 3.27 7.51 1.21
C ARG A 31 1.90 7.95 0.69
N LEU A 32 0.97 7.00 0.61
CA LEU A 32 -0.38 7.28 0.13
C LEU A 32 -1.40 7.09 1.25
N LEU A 33 -2.24 8.09 1.45
CA LEU A 33 -3.28 8.04 2.48
C LEU A 33 -4.62 7.63 1.88
N ILE A 34 -5.36 6.80 2.62
CA ILE A 34 -6.65 6.32 2.17
C ILE A 34 -7.74 6.64 3.19
N PRO A 35 -8.89 7.14 2.71
CA PRO A 35 -10.03 7.49 3.56
C PRO A 35 -10.70 6.25 4.17
N ARG A 36 -11.34 6.44 5.31
CA ARG A 36 -12.03 5.35 5.99
C ARG A 36 -13.26 4.91 5.20
N LYS A 37 -13.49 5.56 4.07
CA LYS A 37 -14.64 5.24 3.22
C LYS A 37 -14.24 4.27 2.11
N THR A 38 -13.04 4.47 1.56
CA THR A 38 -12.55 3.61 0.49
C THR A 38 -11.53 2.62 1.01
N LEU A 39 -10.58 3.10 1.81
CA LEU A 39 -9.55 2.24 2.38
C LEU A 39 -10.15 0.97 2.97
N ASN A 40 -11.27 1.12 3.67
CA ASN A 40 -11.95 -0.01 4.28
C ASN A 40 -12.17 -1.13 3.25
N GLN A 41 -12.46 -0.73 2.02
CA GLN A 41 -12.69 -1.70 0.95
C GLN A 41 -11.37 -2.15 0.33
N TRP A 42 -11.47 -3.04 -0.66
CA TRP A 42 -10.29 -3.57 -1.33
C TRP A 42 -10.26 -3.13 -2.79
N ASP A 43 -11.27 -3.55 -3.55
CA ASP A 43 -11.36 -3.20 -4.96
C ASP A 43 -11.16 -1.70 -5.17
N HIS A 44 -11.57 -0.91 -4.18
CA HIS A 44 -11.43 0.54 -4.26
C HIS A 44 -10.01 0.96 -3.90
N VAL A 45 -9.31 0.12 -3.17
CA VAL A 45 -7.93 0.42 -2.76
C VAL A 45 -6.95 0.11 -3.89
N LEU A 46 -7.13 -1.05 -4.52
CA LEU A 46 -6.27 -1.46 -5.61
C LEU A 46 -6.35 -0.48 -6.78
N GLN A 47 -7.48 0.20 -6.89
CA GLN A 47 -7.69 1.17 -7.96
C GLN A 47 -7.00 2.49 -7.63
N MET A 48 -6.71 2.70 -6.35
CA MET A 48 -6.04 3.92 -5.90
C MET A 48 -4.54 3.72 -5.79
N VAL A 49 -4.13 2.56 -5.27
CA VAL A 49 -2.73 2.23 -5.10
C VAL A 49 -1.98 2.33 -6.43
N THR A 50 -2.55 1.72 -7.47
CA THR A 50 -1.94 1.74 -8.79
C THR A 50 -1.56 3.16 -9.20
N GLU A 51 -2.45 4.11 -8.93
CA GLU A 51 -2.20 5.51 -9.27
C GLU A 51 -0.81 5.94 -8.80
N LYS A 52 -0.32 5.30 -7.75
CA LYS A 52 0.99 5.62 -7.21
C LYS A 52 2.02 4.56 -7.61
N ILE A 53 1.61 3.29 -7.59
CA ILE A 53 2.50 2.20 -7.95
C ILE A 53 2.07 1.58 -9.28
N THR A 54 2.75 1.97 -10.35
CA THR A 54 2.44 1.44 -11.68
C THR A 54 3.29 0.22 -11.99
N LEU A 55 2.64 -0.95 -12.02
CA LEU A 55 3.33 -2.20 -12.30
C LEU A 55 3.47 -2.42 -13.81
N ARG A 56 4.32 -3.36 -14.19
CA ARG A 56 4.55 -3.66 -15.60
C ARG A 56 3.22 -3.92 -16.32
N SER A 57 2.34 -4.65 -15.66
CA SER A 57 1.04 -4.98 -16.25
C SER A 57 0.19 -3.72 -16.42
N GLY A 58 0.44 -2.73 -15.57
CA GLY A 58 -0.31 -1.49 -15.64
C GLY A 58 -1.15 -1.24 -14.39
N ALA A 59 -1.34 -2.29 -13.60
CA ALA A 59 -2.12 -2.17 -12.37
C ALA A 59 -1.80 -3.32 -11.41
N VAL A 60 -2.16 -3.14 -10.15
CA VAL A 60 -1.92 -4.16 -9.13
C VAL A 60 -3.14 -5.04 -8.92
N HIS A 61 -2.91 -6.31 -8.63
CA HIS A 61 -4.01 -7.25 -8.40
C HIS A 61 -3.98 -7.79 -6.97
N ARG A 62 -2.79 -7.80 -6.37
CA ARG A 62 -2.62 -8.29 -5.01
C ARG A 62 -1.53 -7.52 -4.28
N LEU A 63 -1.62 -7.48 -2.96
CA LEU A 63 -0.63 -6.78 -2.14
C LEU A 63 0.24 -7.75 -1.37
N TYR A 64 1.42 -7.30 -0.98
CA TYR A 64 2.35 -8.14 -0.22
C TYR A 64 3.26 -7.29 0.66
N THR A 65 3.22 -7.56 1.96
CA THR A 65 4.04 -6.82 2.91
C THR A 65 5.52 -7.15 2.76
N LEU A 66 6.37 -6.42 3.46
CA LEU A 66 7.81 -6.64 3.39
C LEU A 66 8.19 -7.98 4.02
N GLU A 67 7.33 -8.46 4.92
CA GLU A 67 7.58 -9.74 5.58
C GLU A 67 7.11 -10.91 4.72
N GLY A 68 6.34 -10.60 3.68
CA GLY A 68 5.84 -11.63 2.79
C GLY A 68 4.42 -12.04 3.12
N LYS A 69 3.62 -11.09 3.62
CA LYS A 69 2.24 -11.37 3.98
C LYS A 69 1.29 -10.83 2.93
N LEU A 70 0.24 -11.59 2.63
CA LEU A 70 -0.74 -11.18 1.64
C LEU A 70 -1.94 -10.51 2.30
N VAL A 71 -2.40 -9.41 1.72
CA VAL A 71 -3.55 -8.67 2.25
C VAL A 71 -4.77 -8.86 1.37
N GLU A 72 -5.60 -9.85 1.71
CA GLU A 72 -6.81 -10.12 0.94
C GLU A 72 -7.79 -8.97 1.05
N SER A 73 -7.61 -8.14 2.07
CA SER A 73 -8.49 -7.00 2.29
C SER A 73 -7.76 -5.89 3.05
N GLY A 74 -8.18 -4.65 2.83
CA GLY A 74 -7.56 -3.53 3.51
C GLY A 74 -7.57 -3.68 5.01
N ALA A 75 -8.33 -4.65 5.51
CA ALA A 75 -8.43 -4.90 6.94
C ALA A 75 -7.05 -5.05 7.56
N GLU A 76 -6.07 -5.39 6.73
CA GLU A 76 -4.70 -5.58 7.20
C GLU A 76 -3.89 -4.28 7.05
N LEU A 77 -4.39 -3.38 6.21
CA LEU A 77 -3.72 -2.11 5.98
C LEU A 77 -3.67 -1.27 7.25
N GLU A 78 -2.49 -1.19 7.86
CA GLU A 78 -2.31 -0.41 9.08
C GLU A 78 -1.87 1.01 8.77
N ASN A 79 -2.05 1.90 9.73
CA ASN A 79 -1.67 3.30 9.56
C ASN A 79 -0.20 3.51 9.91
N GLY A 80 0.64 3.63 8.88
CA GLY A 80 2.06 3.82 9.10
C GLY A 80 2.87 2.57 8.83
N GLN A 81 2.41 1.77 7.88
CA GLN A 81 3.09 0.53 7.52
C GLN A 81 3.51 0.54 6.06
N PHE A 82 4.34 -0.43 5.67
CA PHE A 82 4.81 -0.52 4.29
C PHE A 82 4.24 -1.76 3.61
N TYR A 83 3.89 -1.62 2.34
CA TYR A 83 3.33 -2.72 1.56
C TYR A 83 3.81 -2.68 0.12
N VAL A 84 3.85 -3.84 -0.52
CA VAL A 84 4.29 -3.94 -1.90
C VAL A 84 3.14 -4.33 -2.82
N ALA A 85 3.06 -3.67 -3.98
CA ALA A 85 2.01 -3.96 -4.94
C ALA A 85 2.46 -4.99 -5.96
N VAL A 86 1.83 -6.17 -5.92
CA VAL A 86 2.17 -7.24 -6.85
C VAL A 86 1.10 -7.40 -7.92
N GLY A 87 1.54 -7.54 -9.17
CA GLY A 87 0.61 -7.69 -10.28
C GLY A 87 0.02 -9.09 -10.33
N ARG A 88 0.03 -9.68 -11.52
CA ARG A 88 -0.51 -11.03 -11.71
C ARG A 88 0.61 -12.07 -11.69
N ASP A 89 1.49 -11.96 -10.71
CA ASP A 89 2.61 -12.90 -10.58
C ASP A 89 3.02 -13.04 -9.12
N LYS A 90 3.93 -13.99 -8.86
CA LYS A 90 4.41 -14.24 -7.51
C LYS A 90 4.86 -12.95 -6.84
N PHE A 91 5.38 -13.07 -5.63
CA PHE A 91 5.87 -11.90 -4.89
C PHE A 91 7.38 -11.93 -4.77
N LYS A 92 8.04 -10.99 -5.45
CA LYS A 92 9.49 -10.89 -5.42
C LYS A 92 9.97 -10.34 -4.08
N LYS A 93 10.06 -11.21 -3.09
CA LYS A 93 10.51 -10.80 -1.76
C LYS A 93 11.88 -10.12 -1.83
N LEU A 94 11.89 -8.80 -1.66
CA LEU A 94 13.14 -8.05 -1.70
C LEU A 94 13.24 -7.10 -0.50
N PRO A 95 14.48 -6.78 -0.12
CA PRO A 95 14.74 -5.89 1.01
C PRO A 95 14.35 -4.44 0.72
N TYR A 96 13.25 -4.01 1.32
CA TYR A 96 12.76 -2.65 1.13
C TYR A 96 12.93 -1.81 2.40
N GLY A 97 12.88 -2.48 3.55
CA GLY A 97 13.04 -1.79 4.81
C GLY A 97 14.15 -0.76 4.78
N GLU A 98 15.21 -1.06 4.03
CA GLU A 98 16.35 -0.16 3.92
C GLU A 98 16.02 1.02 3.00
N LEU A 99 15.29 0.73 1.92
CA LEU A 99 14.91 1.77 0.96
C LEU A 99 14.02 2.82 1.62
N LEU A 100 13.29 2.40 2.65
CA LEU A 100 12.40 3.31 3.37
C LEU A 100 13.18 4.47 3.98
N PHE A 101 14.00 4.17 4.97
CA PHE A 101 14.80 5.20 5.64
C PHE A 101 16.27 4.80 5.66
N ASP A 102 17.08 5.51 4.88
CA ASP A 102 18.51 5.24 4.81
C ASP A 102 19.29 6.16 5.75
N SER A 103 20.47 5.72 6.17
CA SER A 103 21.31 6.51 7.07
C SER A 103 20.46 7.24 8.10
N GLY A 104 19.29 6.68 8.41
CA GLY A 104 18.41 7.29 9.38
C GLY A 104 18.37 6.54 10.69
N PRO A 105 17.42 5.59 10.80
CA PRO A 105 17.27 4.78 12.02
C PRO A 105 18.41 3.79 12.21
N SER A 106 19.08 3.44 11.12
CA SER A 106 20.19 2.51 11.17
C SER A 106 21.46 3.20 11.67
N SER A 107 21.89 2.84 12.87
CA SER A 107 23.08 3.44 13.48
C SER A 107 24.34 2.95 12.77
N GLY A 108 25.23 3.87 12.45
CA GLY A 108 26.46 3.53 11.76
C GLY A 108 27.24 4.74 11.31
N GLY A 1 -22.37 0.25 -7.40
CA GLY A 1 -22.87 -0.09 -6.08
C GLY A 1 -23.96 0.86 -5.59
N SER A 2 -24.67 0.46 -4.55
CA SER A 2 -25.74 1.29 -4.00
C SER A 2 -25.30 1.93 -2.68
N SER A 3 -25.22 3.25 -2.68
CA SER A 3 -24.81 3.99 -1.48
C SER A 3 -25.61 3.53 -0.26
N GLY A 4 -26.90 3.28 -0.47
CA GLY A 4 -27.75 2.83 0.62
C GLY A 4 -27.94 3.90 1.68
N SER A 5 -27.20 3.78 2.78
CA SER A 5 -27.29 4.74 3.86
C SER A 5 -25.95 4.86 4.60
N SER A 6 -25.82 5.90 5.42
CA SER A 6 -24.59 6.12 6.18
C SER A 6 -24.79 7.24 7.19
N GLY A 7 -24.64 6.91 8.47
CA GLY A 7 -24.80 7.89 9.52
C GLY A 7 -24.45 7.34 10.89
N ARG A 8 -24.43 8.22 11.89
CA ARG A 8 -24.11 7.82 13.26
C ARG A 8 -22.88 6.92 13.27
N LYS A 9 -21.89 7.26 12.45
CA LYS A 9 -20.66 6.48 12.38
C LYS A 9 -19.59 7.06 13.30
N PRO A 10 -18.86 6.17 14.00
CA PRO A 10 -17.80 6.57 14.92
C PRO A 10 -16.59 7.16 14.20
N LEU A 11 -15.54 7.43 14.96
CA LEU A 11 -14.31 7.99 14.39
C LEU A 11 -13.65 7.00 13.44
N GLN A 12 -13.47 7.42 12.19
CA GLN A 12 -12.85 6.56 11.19
C GLN A 12 -11.66 7.27 10.54
N GLU A 13 -10.71 7.70 11.37
CA GLU A 13 -9.52 8.38 10.87
C GLU A 13 -8.85 7.58 9.76
N PRO A 14 -8.29 8.29 8.78
CA PRO A 14 -7.60 7.67 7.64
C PRO A 14 -6.29 7.01 8.04
N CYS A 15 -5.70 6.27 7.12
CA CYS A 15 -4.43 5.58 7.38
C CYS A 15 -3.41 5.91 6.30
N THR A 16 -2.19 6.21 6.73
CA THR A 16 -1.11 6.55 5.80
C THR A 16 -0.17 5.36 5.61
N ILE A 17 -0.24 4.75 4.42
CA ILE A 17 0.61 3.60 4.11
C ILE A 17 1.47 3.88 2.88
N PHE A 18 2.65 3.26 2.84
CA PHE A 18 3.57 3.44 1.72
C PHE A 18 3.46 2.27 0.74
N LEU A 19 3.38 2.59 -0.55
CA LEU A 19 3.29 1.56 -1.58
C LEU A 19 4.57 1.47 -2.38
N ILE A 20 4.82 0.29 -2.96
CA ILE A 20 6.02 0.07 -3.76
C ILE A 20 5.73 -0.85 -4.94
N ALA A 21 6.41 -0.58 -6.05
CA ALA A 21 6.24 -1.39 -7.26
C ALA A 21 6.93 -2.74 -7.14
N ASN A 22 6.14 -3.80 -7.13
CA ASN A 22 6.68 -5.16 -7.01
C ASN A 22 7.70 -5.42 -8.11
N GLY A 23 8.83 -5.99 -7.72
CA GLY A 23 9.89 -6.30 -8.68
C GLY A 23 10.77 -5.11 -8.97
N ASP A 24 10.43 -3.97 -8.37
CA ASP A 24 11.21 -2.75 -8.57
C ASP A 24 12.11 -2.47 -7.37
N LEU A 25 13.41 -2.44 -7.61
CA LEU A 25 14.38 -2.19 -6.54
C LEU A 25 15.20 -0.95 -6.84
N ILE A 26 14.65 -0.05 -7.65
CA ILE A 26 15.34 1.18 -8.01
C ILE A 26 14.56 2.41 -7.53
N ASN A 27 13.23 2.33 -7.61
CA ASN A 27 12.37 3.43 -7.19
C ASN A 27 11.89 3.22 -5.77
N PRO A 28 11.84 4.31 -4.98
CA PRO A 28 11.38 4.26 -3.59
C PRO A 28 9.88 4.00 -3.48
N ALA A 29 9.36 4.13 -2.26
CA ALA A 29 7.94 3.91 -2.02
C ALA A 29 7.13 5.18 -2.24
N SER A 30 5.84 5.11 -1.95
CA SER A 30 4.96 6.27 -2.12
C SER A 30 3.94 6.34 -0.99
N ARG A 31 4.11 7.35 -0.13
CA ARG A 31 3.21 7.54 1.00
C ARG A 31 1.81 7.92 0.53
N LEU A 32 0.90 6.96 0.53
CA LEU A 32 -0.47 7.19 0.09
C LEU A 32 -1.45 7.00 1.25
N LEU A 33 -2.46 7.87 1.31
CA LEU A 33 -3.46 7.79 2.37
C LEU A 33 -4.75 7.18 1.85
N ILE A 34 -5.39 6.36 2.67
CA ILE A 34 -6.65 5.71 2.30
C ILE A 34 -7.70 5.88 3.39
N PRO A 35 -8.81 6.54 3.03
CA PRO A 35 -9.92 6.78 3.96
C PRO A 35 -10.67 5.50 4.31
N ARG A 36 -10.79 5.22 5.61
CA ARG A 36 -11.49 4.03 6.07
C ARG A 36 -12.61 3.65 5.12
N LYS A 37 -13.36 4.65 4.67
CA LYS A 37 -14.47 4.42 3.76
C LYS A 37 -14.05 3.52 2.60
N THR A 38 -12.95 3.87 1.96
CA THR A 38 -12.43 3.08 0.84
C THR A 38 -11.91 1.73 1.31
N LEU A 39 -11.23 1.73 2.45
CA LEU A 39 -10.69 0.49 3.01
C LEU A 39 -11.72 -0.62 2.99
N ASN A 40 -12.99 -0.25 3.04
CA ASN A 40 -14.08 -1.22 3.03
C ASN A 40 -14.12 -1.98 1.71
N GLN A 41 -13.84 -1.26 0.62
CA GLN A 41 -13.84 -1.87 -0.71
C GLN A 41 -12.42 -2.06 -1.22
N TRP A 42 -11.91 -3.27 -1.07
CA TRP A 42 -10.54 -3.58 -1.52
C TRP A 42 -10.33 -3.12 -2.96
N ASP A 43 -11.28 -3.42 -3.83
CA ASP A 43 -11.19 -3.03 -5.23
C ASP A 43 -10.91 -1.53 -5.35
N HIS A 44 -11.63 -0.73 -4.58
CA HIS A 44 -11.46 0.71 -4.60
C HIS A 44 -10.07 1.11 -4.13
N VAL A 45 -9.45 0.23 -3.35
CA VAL A 45 -8.11 0.49 -2.83
C VAL A 45 -7.06 0.34 -3.91
N LEU A 46 -7.20 -0.69 -4.73
CA LEU A 46 -6.26 -0.94 -5.82
C LEU A 46 -6.39 0.11 -6.90
N GLN A 47 -7.60 0.64 -7.06
CA GLN A 47 -7.86 1.67 -8.07
C GLN A 47 -7.04 2.93 -7.80
N MET A 48 -6.77 3.19 -6.51
CA MET A 48 -6.00 4.36 -6.12
C MET A 48 -4.52 4.00 -5.97
N VAL A 49 -4.26 2.80 -5.47
CA VAL A 49 -2.88 2.34 -5.28
C VAL A 49 -2.12 2.31 -6.60
N THR A 50 -2.85 2.03 -7.68
CA THR A 50 -2.24 1.97 -9.01
C THR A 50 -1.80 3.35 -9.48
N GLU A 51 -2.53 4.38 -9.04
CA GLU A 51 -2.22 5.74 -9.43
C GLU A 51 -0.83 6.15 -8.92
N LYS A 52 -0.41 5.54 -7.82
CA LYS A 52 0.88 5.83 -7.23
C LYS A 52 1.93 4.81 -7.67
N ILE A 53 1.52 3.55 -7.74
CA ILE A 53 2.41 2.47 -8.16
C ILE A 53 1.89 1.77 -9.40
N THR A 54 2.25 2.31 -10.57
CA THR A 54 1.81 1.74 -11.84
C THR A 54 2.78 0.67 -12.31
N LEU A 55 2.35 -0.60 -12.24
CA LEU A 55 3.18 -1.71 -12.67
C LEU A 55 3.24 -1.80 -14.19
N ARG A 56 4.40 -2.17 -14.71
CA ARG A 56 4.58 -2.30 -16.16
C ARG A 56 3.62 -3.32 -16.74
N SER A 57 3.11 -4.21 -15.89
CA SER A 57 2.18 -5.24 -16.33
C SER A 57 0.78 -4.67 -16.48
N GLY A 58 0.46 -3.67 -15.66
CA GLY A 58 -0.86 -3.06 -15.71
C GLY A 58 -1.21 -2.34 -14.43
N ALA A 59 -2.18 -2.87 -13.70
CA ALA A 59 -2.61 -2.27 -12.45
C ALA A 59 -2.38 -3.22 -11.27
N VAL A 60 -2.75 -2.77 -10.08
CA VAL A 60 -2.58 -3.58 -8.88
C VAL A 60 -3.82 -4.41 -8.58
N HIS A 61 -3.61 -5.63 -8.10
CA HIS A 61 -4.72 -6.52 -7.78
C HIS A 61 -4.61 -7.04 -6.35
N ARG A 62 -3.38 -7.13 -5.85
CA ARG A 62 -3.14 -7.60 -4.49
C ARG A 62 -2.00 -6.84 -3.85
N LEU A 63 -1.89 -6.94 -2.53
CA LEU A 63 -0.83 -6.26 -1.78
C LEU A 63 0.07 -7.27 -1.08
N TYR A 64 1.29 -6.85 -0.77
CA TYR A 64 2.26 -7.71 -0.10
C TYR A 64 3.21 -6.89 0.77
N THR A 65 3.28 -7.24 2.05
CA THR A 65 4.15 -6.54 2.98
C THR A 65 5.60 -6.94 2.79
N LEU A 66 6.52 -6.19 3.42
CA LEU A 66 7.94 -6.47 3.31
C LEU A 66 8.28 -7.80 3.96
N GLU A 67 7.40 -8.28 4.82
CA GLU A 67 7.60 -9.55 5.51
C GLU A 67 7.20 -10.73 4.63
N GLY A 68 6.43 -10.44 3.58
CA GLY A 68 5.99 -11.48 2.68
C GLY A 68 4.55 -11.88 2.91
N LYS A 69 3.83 -11.07 3.68
CA LYS A 69 2.42 -11.34 3.98
C LYS A 69 1.52 -10.83 2.87
N LEU A 70 0.36 -11.47 2.73
CA LEU A 70 -0.59 -11.08 1.70
C LEU A 70 -1.80 -10.38 2.32
N VAL A 71 -2.22 -9.28 1.71
CA VAL A 71 -3.36 -8.52 2.19
C VAL A 71 -4.51 -8.53 1.18
N GLU A 72 -5.51 -9.36 1.45
CA GLU A 72 -6.66 -9.47 0.57
C GLU A 72 -7.74 -8.47 0.96
N SER A 73 -7.50 -7.74 2.03
CA SER A 73 -8.45 -6.74 2.52
C SER A 73 -7.76 -5.70 3.39
N GLY A 74 -8.50 -4.66 3.76
CA GLY A 74 -7.95 -3.61 4.59
C GLY A 74 -7.95 -3.98 6.06
N ALA A 75 -7.93 -5.26 6.35
CA ALA A 75 -7.93 -5.74 7.73
C ALA A 75 -6.52 -6.13 8.19
N GLU A 76 -5.63 -6.32 7.22
CA GLU A 76 -4.25 -6.69 7.52
C GLU A 76 -3.30 -5.51 7.28
N LEU A 77 -3.87 -4.31 7.19
CA LEU A 77 -3.09 -3.11 6.96
C LEU A 77 -2.55 -2.55 8.27
N GLU A 78 -1.83 -1.44 8.19
CA GLU A 78 -1.26 -0.80 9.37
C GLU A 78 -1.06 0.70 9.14
N ASN A 79 -0.97 1.45 10.22
CA ASN A 79 -0.78 2.89 10.14
C ASN A 79 0.70 3.25 10.22
N GLY A 80 1.26 3.67 9.09
CA GLY A 80 2.67 4.03 9.05
C GLY A 80 3.56 2.86 8.74
N GLN A 81 3.15 2.03 7.78
CA GLN A 81 3.91 0.85 7.38
C GLN A 81 4.21 0.88 5.88
N PHE A 82 5.02 -0.07 5.44
CA PHE A 82 5.38 -0.16 4.02
C PHE A 82 4.82 -1.44 3.40
N TYR A 83 4.21 -1.30 2.24
CA TYR A 83 3.62 -2.44 1.54
C TYR A 83 4.07 -2.48 0.08
N VAL A 84 3.70 -3.54 -0.62
CA VAL A 84 4.06 -3.69 -2.03
C VAL A 84 2.84 -4.04 -2.86
N ALA A 85 2.72 -3.37 -4.01
CA ALA A 85 1.59 -3.61 -4.90
C ALA A 85 1.92 -4.71 -5.92
N VAL A 86 1.18 -5.81 -5.84
CA VAL A 86 1.40 -6.93 -6.75
C VAL A 86 0.16 -7.19 -7.61
N GLY A 87 0.33 -7.08 -8.92
CA GLY A 87 -0.77 -7.29 -9.84
C GLY A 87 -0.97 -8.76 -10.18
N ARG A 88 -1.05 -9.06 -11.46
CA ARG A 88 -1.24 -10.44 -11.92
C ARG A 88 0.09 -11.16 -12.03
N ASP A 89 1.06 -10.74 -11.21
CA ASP A 89 2.38 -11.35 -11.22
C ASP A 89 2.72 -11.93 -9.85
N LYS A 90 3.73 -12.79 -9.81
CA LYS A 90 4.15 -13.41 -8.57
C LYS A 90 4.97 -12.44 -7.72
N PHE A 91 4.81 -12.52 -6.41
CA PHE A 91 5.53 -11.65 -5.48
C PHE A 91 7.03 -11.90 -5.57
N LYS A 92 7.78 -10.85 -5.90
CA LYS A 92 9.23 -10.95 -6.01
C LYS A 92 9.91 -10.56 -4.70
N LYS A 93 9.86 -11.46 -3.72
CA LYS A 93 10.47 -11.21 -2.43
C LYS A 93 11.82 -10.51 -2.59
N LEU A 94 11.83 -9.20 -2.37
CA LEU A 94 13.06 -8.42 -2.48
C LEU A 94 13.18 -7.44 -1.32
N PRO A 95 14.43 -7.05 -1.01
CA PRO A 95 14.72 -6.11 0.08
C PRO A 95 14.25 -4.69 -0.25
N TYR A 96 13.16 -4.28 0.38
CA TYR A 96 12.61 -2.94 0.16
C TYR A 96 13.01 -2.00 1.29
N GLY A 97 13.14 -2.55 2.49
CA GLY A 97 13.52 -1.74 3.64
C GLY A 97 14.67 -0.81 3.34
N GLU A 98 15.54 -1.21 2.42
CA GLU A 98 16.69 -0.40 2.05
C GLU A 98 16.28 0.75 1.14
N LEU A 99 15.39 0.45 0.20
CA LEU A 99 14.91 1.47 -0.73
C LEU A 99 14.22 2.61 0.01
N LEU A 100 13.68 2.31 1.18
CA LEU A 100 12.99 3.32 1.99
C LEU A 100 13.96 4.41 2.42
N PHE A 101 15.00 4.02 3.17
CA PHE A 101 15.99 4.97 3.65
C PHE A 101 17.40 4.54 3.23
N ASP A 102 18.09 5.43 2.51
CA ASP A 102 19.44 5.14 2.05
C ASP A 102 20.28 4.54 3.16
N SER A 103 21.18 3.63 2.79
CA SER A 103 22.05 2.97 3.76
C SER A 103 23.51 3.16 3.39
N GLY A 104 23.82 4.28 2.75
CA GLY A 104 25.18 4.55 2.35
C GLY A 104 26.07 4.93 3.52
N PRO A 105 26.00 6.20 3.95
CA PRO A 105 26.79 6.70 5.08
C PRO A 105 26.34 6.12 6.41
N SER A 106 27.08 6.43 7.46
CA SER A 106 26.75 5.95 8.80
C SER A 106 26.27 4.50 8.74
N SER A 107 26.86 3.71 7.83
CA SER A 107 26.49 2.32 7.68
C SER A 107 27.66 1.40 8.00
N GLY A 108 28.36 1.71 9.09
CA GLY A 108 29.50 0.91 9.49
C GLY A 108 29.11 -0.23 10.41
N GLY A 1 -25.46 2.08 0.84
CA GLY A 1 -26.52 1.49 0.04
C GLY A 1 -27.90 1.98 0.44
N SER A 2 -28.89 1.11 0.35
CA SER A 2 -30.26 1.46 0.69
C SER A 2 -30.89 0.39 1.57
N SER A 3 -30.91 0.64 2.88
CA SER A 3 -31.49 -0.29 3.83
C SER A 3 -31.86 0.40 5.13
N GLY A 4 -32.84 -0.16 5.84
CA GLY A 4 -33.27 0.42 7.10
C GLY A 4 -32.36 0.06 8.25
N SER A 5 -31.06 0.17 8.02
CA SER A 5 -30.07 -0.16 9.05
C SER A 5 -29.96 0.96 10.07
N SER A 6 -30.31 0.64 11.32
CA SER A 6 -30.27 1.63 12.40
C SER A 6 -28.89 1.66 13.04
N GLY A 7 -28.68 2.60 13.96
CA GLY A 7 -27.41 2.71 14.64
C GLY A 7 -26.45 3.64 13.91
N ARG A 8 -25.59 4.31 14.67
CA ARG A 8 -24.62 5.23 14.08
C ARG A 8 -23.20 4.77 14.36
N LYS A 9 -22.29 5.04 13.43
CA LYS A 9 -20.89 4.65 13.57
C LYS A 9 -20.06 5.81 14.11
N PRO A 10 -19.09 5.49 14.98
CA PRO A 10 -18.20 6.49 15.58
C PRO A 10 -17.23 7.09 14.58
N LEU A 11 -16.23 7.80 15.08
CA LEU A 11 -15.23 8.42 14.22
C LEU A 11 -14.21 7.41 13.72
N GLN A 12 -13.84 7.50 12.45
CA GLN A 12 -12.87 6.59 11.87
C GLN A 12 -11.74 7.36 11.19
N GLU A 13 -10.63 7.54 11.91
CA GLU A 13 -9.48 8.25 11.37
C GLU A 13 -8.82 7.47 10.25
N PRO A 14 -8.34 8.18 9.23
CA PRO A 14 -7.68 7.57 8.07
C PRO A 14 -6.32 6.98 8.43
N CYS A 15 -5.69 6.33 7.46
CA CYS A 15 -4.38 5.70 7.67
C CYS A 15 -3.47 5.96 6.47
N THR A 16 -2.20 6.24 6.76
CA THR A 16 -1.22 6.50 5.71
C THR A 16 -0.31 5.30 5.50
N ILE A 17 -0.38 4.70 4.32
CA ILE A 17 0.44 3.55 3.98
C ILE A 17 1.25 3.80 2.72
N PHE A 18 2.42 3.16 2.63
CA PHE A 18 3.29 3.30 1.47
C PHE A 18 3.04 2.18 0.46
N LEU A 19 3.22 2.50 -0.82
CA LEU A 19 3.02 1.52 -1.88
C LEU A 19 4.26 1.40 -2.75
N ILE A 20 4.70 0.17 -2.99
CA ILE A 20 5.87 -0.08 -3.81
C ILE A 20 5.54 -1.00 -4.98
N ALA A 21 6.12 -0.70 -6.14
CA ALA A 21 5.89 -1.51 -7.33
C ALA A 21 6.51 -2.89 -7.19
N ASN A 22 5.72 -3.91 -7.50
CA ASN A 22 6.19 -5.29 -7.41
C ASN A 22 7.43 -5.51 -8.27
N GLY A 23 8.44 -6.16 -7.68
CA GLY A 23 9.67 -6.41 -8.41
C GLY A 23 10.43 -5.14 -8.72
N ASP A 24 10.28 -4.13 -7.87
CA ASP A 24 10.96 -2.86 -8.06
C ASP A 24 11.87 -2.55 -6.89
N LEU A 25 13.13 -2.24 -7.18
CA LEU A 25 14.11 -1.92 -6.15
C LEU A 25 14.92 -0.69 -6.52
N ILE A 26 14.56 -0.07 -7.64
CA ILE A 26 15.26 1.13 -8.11
C ILE A 26 14.51 2.40 -7.69
N ASN A 27 13.19 2.31 -7.65
CA ASN A 27 12.35 3.44 -7.26
C ASN A 27 11.84 3.28 -5.84
N PRO A 28 11.67 4.41 -5.14
CA PRO A 28 11.17 4.42 -3.75
C PRO A 28 9.71 4.04 -3.67
N ALA A 29 9.11 4.29 -2.50
CA ALA A 29 7.70 3.96 -2.28
C ALA A 29 6.81 5.17 -2.57
N SER A 30 5.51 5.01 -2.32
CA SER A 30 4.56 6.08 -2.56
C SER A 30 3.60 6.21 -1.38
N ARG A 31 3.83 7.22 -0.54
CA ARG A 31 2.99 7.46 0.63
C ARG A 31 1.60 7.91 0.21
N LEU A 32 0.64 6.99 0.28
CA LEU A 32 -0.73 7.29 -0.09
C LEU A 32 -1.70 6.94 1.04
N LEU A 33 -2.47 7.93 1.48
CA LEU A 33 -3.43 7.72 2.55
C LEU A 33 -4.73 7.13 2.03
N ILE A 34 -5.38 6.32 2.86
CA ILE A 34 -6.64 5.68 2.47
C ILE A 34 -7.74 5.99 3.47
N PRO A 35 -8.87 6.50 2.96
CA PRO A 35 -10.03 6.85 3.80
C PRO A 35 -10.72 5.62 4.37
N ARG A 36 -11.04 5.67 5.66
CA ARG A 36 -11.71 4.56 6.31
C ARG A 36 -12.88 4.04 5.47
N LYS A 37 -13.49 4.95 4.70
CA LYS A 37 -14.62 4.60 3.85
C LYS A 37 -14.20 3.60 2.78
N THR A 38 -12.98 3.76 2.27
CA THR A 38 -12.47 2.87 1.24
C THR A 38 -11.87 1.60 1.85
N LEU A 39 -11.30 1.73 3.05
CA LEU A 39 -10.70 0.60 3.74
C LEU A 39 -11.65 -0.59 3.75
N ASN A 40 -12.95 -0.32 3.83
CA ASN A 40 -13.95 -1.37 3.84
C ASN A 40 -13.96 -2.14 2.53
N GLN A 41 -13.65 -1.44 1.44
CA GLN A 41 -13.61 -2.06 0.12
C GLN A 41 -12.19 -2.25 -0.36
N TRP A 42 -11.75 -3.50 -0.45
CA TRP A 42 -10.40 -3.82 -0.89
C TRP A 42 -10.17 -3.32 -2.31
N ASP A 43 -11.14 -3.57 -3.18
CA ASP A 43 -11.03 -3.16 -4.58
C ASP A 43 -10.75 -1.67 -4.68
N HIS A 44 -11.51 -0.87 -3.93
CA HIS A 44 -11.33 0.58 -3.94
C HIS A 44 -9.90 0.95 -3.59
N VAL A 45 -9.32 0.23 -2.64
CA VAL A 45 -7.95 0.49 -2.22
C VAL A 45 -6.97 0.35 -3.38
N LEU A 46 -7.14 -0.72 -4.15
CA LEU A 46 -6.27 -0.97 -5.30
C LEU A 46 -6.37 0.16 -6.31
N GLN A 47 -7.58 0.66 -6.51
CA GLN A 47 -7.81 1.75 -7.46
C GLN A 47 -6.97 2.97 -7.10
N MET A 48 -6.74 3.17 -5.80
CA MET A 48 -5.95 4.29 -5.34
C MET A 48 -4.47 3.94 -5.28
N VAL A 49 -4.18 2.64 -5.15
CA VAL A 49 -2.80 2.17 -5.10
C VAL A 49 -2.15 2.20 -6.48
N THR A 50 -2.93 1.89 -7.51
CA THR A 50 -2.43 1.87 -8.87
C THR A 50 -2.05 3.28 -9.33
N GLU A 51 -2.85 4.26 -8.94
CA GLU A 51 -2.59 5.65 -9.32
C GLU A 51 -1.18 6.06 -8.93
N LYS A 52 -0.68 5.49 -7.84
CA LYS A 52 0.67 5.79 -7.37
C LYS A 52 1.68 4.81 -7.94
N ILE A 53 1.34 3.53 -7.91
CA ILE A 53 2.22 2.49 -8.44
C ILE A 53 1.62 1.81 -9.66
N THR A 54 1.98 2.30 -10.84
CA THR A 54 1.47 1.75 -12.09
C THR A 54 2.38 0.64 -12.61
N LEU A 55 1.97 -0.61 -12.38
CA LEU A 55 2.74 -1.76 -12.82
C LEU A 55 2.73 -1.88 -14.34
N ARG A 56 3.72 -2.56 -14.89
CA ARG A 56 3.81 -2.75 -16.34
C ARG A 56 2.70 -3.67 -16.84
N SER A 57 2.34 -4.64 -16.02
CA SER A 57 1.29 -5.59 -16.38
C SER A 57 -0.07 -4.90 -16.43
N GLY A 58 -0.27 -3.95 -15.53
CA GLY A 58 -1.54 -3.23 -15.48
C GLY A 58 -1.91 -2.80 -14.09
N ALA A 59 -3.21 -2.71 -13.82
CA ALA A 59 -3.70 -2.30 -12.51
C ALA A 59 -3.33 -3.33 -11.45
N VAL A 60 -3.44 -2.94 -10.18
CA VAL A 60 -3.12 -3.83 -9.07
C VAL A 60 -4.34 -4.67 -8.68
N HIS A 61 -4.09 -5.90 -8.24
CA HIS A 61 -5.16 -6.80 -7.83
C HIS A 61 -4.97 -7.24 -6.38
N ARG A 62 -3.72 -7.36 -5.96
CA ARG A 62 -3.40 -7.77 -4.59
C ARG A 62 -2.19 -7.02 -4.06
N LEU A 63 -1.77 -7.37 -2.85
CA LEU A 63 -0.61 -6.72 -2.24
C LEU A 63 0.26 -7.75 -1.51
N TYR A 64 1.51 -7.39 -1.28
CA TYR A 64 2.45 -8.28 -0.60
C TYR A 64 3.47 -7.48 0.22
N THR A 65 3.64 -7.87 1.47
CA THR A 65 4.57 -7.20 2.36
C THR A 65 6.01 -7.39 1.89
N LEU A 66 6.95 -6.75 2.59
CA LEU A 66 8.37 -6.85 2.24
C LEU A 66 8.91 -8.23 2.59
N GLU A 67 8.16 -8.98 3.38
CA GLU A 67 8.57 -10.33 3.78
C GLU A 67 7.97 -11.37 2.86
N GLY A 68 6.92 -10.99 2.14
CA GLY A 68 6.27 -11.91 1.23
C GLY A 68 4.86 -12.26 1.65
N LYS A 69 4.38 -11.61 2.71
CA LYS A 69 3.04 -11.84 3.22
C LYS A 69 1.98 -11.47 2.18
N LEU A 70 0.79 -12.02 2.34
CA LEU A 70 -0.30 -11.75 1.42
C LEU A 70 -1.44 -10.99 2.12
N VAL A 71 -1.92 -9.94 1.47
CA VAL A 71 -3.00 -9.14 2.03
C VAL A 71 -4.18 -9.07 1.07
N GLU A 72 -5.33 -9.56 1.52
CA GLU A 72 -6.54 -9.55 0.70
C GLU A 72 -7.51 -8.48 1.17
N SER A 73 -7.06 -7.63 2.09
CA SER A 73 -7.89 -6.57 2.63
C SER A 73 -7.04 -5.57 3.42
N GLY A 74 -7.56 -4.36 3.57
CA GLY A 74 -6.85 -3.34 4.32
C GLY A 74 -6.68 -3.69 5.78
N ALA A 75 -7.23 -4.83 6.18
CA ALA A 75 -7.13 -5.28 7.56
C ALA A 75 -5.68 -5.49 7.97
N GLU A 76 -4.84 -5.82 7.00
CA GLU A 76 -3.42 -6.05 7.25
C GLU A 76 -2.62 -4.77 7.04
N LEU A 77 -3.31 -3.65 6.92
CA LEU A 77 -2.67 -2.35 6.73
C LEU A 77 -2.54 -1.60 8.04
N GLU A 78 -1.38 -1.00 8.26
CA GLU A 78 -1.12 -0.25 9.49
C GLU A 78 -0.77 1.20 9.17
N ASN A 79 -0.79 2.05 10.19
CA ASN A 79 -0.47 3.46 10.02
C ASN A 79 1.02 3.70 10.12
N GLY A 80 1.68 3.81 8.97
CA GLY A 80 3.13 4.04 8.96
C GLY A 80 3.90 2.81 8.53
N GLN A 81 3.25 1.94 7.78
CA GLN A 81 3.89 0.71 7.30
C GLN A 81 4.03 0.73 5.77
N PHE A 82 4.80 -0.22 5.25
CA PHE A 82 5.02 -0.31 3.81
C PHE A 82 4.39 -1.58 3.24
N TYR A 83 3.88 -1.49 2.03
CA TYR A 83 3.25 -2.63 1.37
C TYR A 83 3.39 -2.54 -0.14
N VAL A 84 3.91 -3.61 -0.75
CA VAL A 84 4.09 -3.65 -2.20
C VAL A 84 2.79 -3.99 -2.91
N ALA A 85 2.54 -3.29 -4.01
CA ALA A 85 1.32 -3.52 -4.79
C ALA A 85 1.55 -4.59 -5.85
N VAL A 86 0.97 -5.77 -5.64
CA VAL A 86 1.11 -6.88 -6.57
C VAL A 86 -0.10 -6.96 -7.51
N GLY A 87 0.17 -7.18 -8.79
CA GLY A 87 -0.90 -7.27 -9.77
C GLY A 87 -1.14 -8.70 -10.22
N ARG A 88 -1.05 -8.92 -11.52
CA ARG A 88 -1.27 -10.25 -12.09
C ARG A 88 0.05 -11.03 -12.18
N ASP A 89 0.85 -10.93 -11.12
CA ASP A 89 2.14 -11.63 -11.08
C ASP A 89 2.48 -12.07 -9.67
N LYS A 90 3.48 -12.93 -9.54
CA LYS A 90 3.90 -13.43 -8.24
C LYS A 90 4.75 -12.40 -7.51
N PHE A 91 4.82 -12.52 -6.19
CA PHE A 91 5.62 -11.59 -5.38
C PHE A 91 7.11 -11.87 -5.53
N LYS A 92 7.84 -10.89 -6.05
CA LYS A 92 9.28 -11.04 -6.25
C LYS A 92 10.03 -10.83 -4.94
N LYS A 93 10.33 -11.93 -4.26
CA LYS A 93 11.05 -11.87 -2.99
C LYS A 93 12.26 -10.96 -3.10
N LEU A 94 12.06 -9.68 -2.82
CA LEU A 94 13.15 -8.70 -2.89
C LEU A 94 13.13 -7.79 -1.66
N PRO A 95 14.32 -7.28 -1.29
CA PRO A 95 14.47 -6.39 -0.14
C PRO A 95 13.84 -5.02 -0.36
N TYR A 96 12.67 -4.81 0.24
CA TYR A 96 11.96 -3.54 0.09
C TYR A 96 12.24 -2.62 1.29
N GLY A 97 12.33 -3.22 2.47
CA GLY A 97 12.59 -2.44 3.67
C GLY A 97 13.85 -1.60 3.56
N GLU A 98 14.72 -1.96 2.62
CA GLU A 98 15.96 -1.23 2.41
C GLU A 98 15.72 0.04 1.60
N LEU A 99 14.82 -0.04 0.63
CA LEU A 99 14.49 1.11 -0.21
C LEU A 99 13.86 2.22 0.60
N LEU A 100 13.31 1.86 1.76
CA LEU A 100 12.66 2.83 2.63
C LEU A 100 13.70 3.77 3.25
N PHE A 101 14.60 3.22 4.05
CA PHE A 101 15.63 4.02 4.69
C PHE A 101 17.01 3.39 4.49
N ASP A 102 17.93 4.17 3.94
CA ASP A 102 19.29 3.69 3.69
C ASP A 102 20.30 4.43 4.56
N SER A 103 21.18 3.67 5.21
CA SER A 103 22.19 4.25 6.08
C SER A 103 23.04 5.27 5.33
N GLY A 104 23.52 4.88 4.15
CA GLY A 104 24.35 5.77 3.36
C GLY A 104 23.76 7.16 3.26
N PRO A 105 24.35 8.12 4.01
CA PRO A 105 23.89 9.51 4.02
C PRO A 105 24.17 10.22 2.70
N SER A 106 23.15 10.89 2.17
CA SER A 106 23.29 11.62 0.90
C SER A 106 23.61 10.66 -0.24
N SER A 107 22.92 9.51 -0.25
CA SER A 107 23.14 8.52 -1.28
C SER A 107 21.86 8.29 -2.09
N GLY A 108 21.91 8.66 -3.37
CA GLY A 108 20.76 8.50 -4.24
C GLY A 108 21.13 8.16 -5.66
N GLY A 1 -29.48 17.37 12.29
CA GLY A 1 -28.30 17.03 13.05
C GLY A 1 -27.88 18.15 13.98
N SER A 2 -26.98 17.84 14.91
CA SER A 2 -26.49 18.82 15.87
C SER A 2 -24.98 18.98 15.77
N SER A 3 -24.49 20.18 16.09
CA SER A 3 -23.07 20.47 16.03
C SER A 3 -22.26 19.39 16.75
N GLY A 4 -20.95 19.41 16.56
CA GLY A 4 -20.09 18.43 17.21
C GLY A 4 -18.63 18.85 17.21
N SER A 5 -18.38 20.12 17.53
CA SER A 5 -17.03 20.64 17.56
C SER A 5 -16.51 20.72 19.00
N SER A 6 -16.00 19.60 19.51
CA SER A 6 -15.47 19.55 20.86
C SER A 6 -14.02 19.08 20.87
N GLY A 7 -13.47 18.90 22.06
CA GLY A 7 -12.10 18.46 22.18
C GLY A 7 -11.97 16.95 22.25
N ARG A 8 -12.65 16.26 21.33
CA ARG A 8 -12.62 14.81 21.29
C ARG A 8 -12.09 14.31 19.94
N LYS A 9 -11.51 13.12 19.94
CA LYS A 9 -10.96 12.54 18.73
C LYS A 9 -12.07 12.16 17.75
N PRO A 10 -11.82 12.39 16.45
CA PRO A 10 -12.79 12.08 15.39
C PRO A 10 -12.98 10.58 15.20
N LEU A 11 -13.68 10.22 14.14
CA LEU A 11 -13.93 8.81 13.83
C LEU A 11 -13.45 8.46 12.43
N GLN A 12 -13.58 7.19 12.06
CA GLN A 12 -13.16 6.73 10.75
C GLN A 12 -11.87 7.44 10.31
N GLU A 13 -10.94 7.57 11.23
CA GLU A 13 -9.67 8.23 10.95
C GLU A 13 -8.93 7.51 9.81
N PRO A 14 -8.33 8.28 8.91
CA PRO A 14 -7.59 7.74 7.77
C PRO A 14 -6.28 7.07 8.19
N CYS A 15 -5.59 6.47 7.24
CA CYS A 15 -4.33 5.79 7.53
C CYS A 15 -3.31 6.06 6.42
N THR A 16 -2.05 6.28 6.81
CA THR A 16 -0.99 6.56 5.86
C THR A 16 -0.06 5.36 5.70
N ILE A 17 -0.01 4.79 4.49
CA ILE A 17 0.84 3.64 4.23
C ILE A 17 1.73 3.89 3.01
N PHE A 18 2.84 3.17 2.95
CA PHE A 18 3.79 3.30 1.85
C PHE A 18 3.64 2.15 0.86
N LEU A 19 3.53 2.49 -0.42
CA LEU A 19 3.40 1.47 -1.47
C LEU A 19 4.67 1.36 -2.29
N ILE A 20 4.90 0.19 -2.86
CA ILE A 20 6.08 -0.06 -3.67
C ILE A 20 5.75 -0.96 -4.87
N ALA A 21 6.41 -0.68 -6.00
CA ALA A 21 6.20 -1.47 -7.21
C ALA A 21 6.75 -2.88 -7.06
N ASN A 22 5.88 -3.87 -7.21
CA ASN A 22 6.29 -5.27 -7.08
C ASN A 22 7.42 -5.61 -8.06
N GLY A 23 8.47 -6.23 -7.55
CA GLY A 23 9.59 -6.59 -8.38
C GLY A 23 10.49 -5.40 -8.70
N ASP A 24 10.22 -4.27 -8.05
CA ASP A 24 11.00 -3.06 -8.26
C ASP A 24 11.77 -2.68 -7.00
N LEU A 25 13.09 -2.75 -7.07
CA LEU A 25 13.94 -2.42 -5.94
C LEU A 25 14.90 -1.28 -6.29
N ILE A 26 14.52 -0.48 -7.28
CA ILE A 26 15.34 0.64 -7.70
C ILE A 26 14.75 1.97 -7.25
N ASN A 27 13.42 2.03 -7.23
CA ASN A 27 12.72 3.25 -6.82
C ASN A 27 12.20 3.11 -5.38
N PRO A 28 12.04 4.26 -4.71
CA PRO A 28 11.56 4.31 -3.33
C PRO A 28 10.08 3.92 -3.22
N ALA A 29 9.48 4.23 -2.07
CA ALA A 29 8.07 3.92 -1.85
C ALA A 29 7.19 5.14 -2.12
N SER A 30 5.89 4.95 -1.99
CA SER A 30 4.94 6.03 -2.22
C SER A 30 3.94 6.14 -1.07
N ARG A 31 4.14 7.15 -0.22
CA ARG A 31 3.27 7.37 0.93
C ARG A 31 1.87 7.79 0.47
N LEU A 32 0.95 6.82 0.44
CA LEU A 32 -0.42 7.07 0.03
C LEU A 32 -1.38 6.88 1.19
N LEU A 33 -2.29 7.84 1.37
CA LEU A 33 -3.26 7.77 2.45
C LEU A 33 -4.57 7.17 1.95
N ILE A 34 -5.18 6.31 2.77
CA ILE A 34 -6.43 5.67 2.42
C ILE A 34 -7.53 5.99 3.43
N PRO A 35 -8.60 6.64 2.96
CA PRO A 35 -9.73 7.03 3.81
C PRO A 35 -10.54 5.82 4.27
N ARG A 36 -10.71 5.70 5.58
CA ARG A 36 -11.48 4.59 6.15
C ARG A 36 -12.59 4.15 5.20
N LYS A 37 -13.26 5.12 4.60
CA LYS A 37 -14.35 4.84 3.68
C LYS A 37 -13.92 3.81 2.63
N THR A 38 -12.78 4.05 2.00
CA THR A 38 -12.26 3.14 0.99
C THR A 38 -11.80 1.83 1.61
N LEU A 39 -11.16 1.92 2.77
CA LEU A 39 -10.67 0.74 3.47
C LEU A 39 -11.72 -0.36 3.49
N ASN A 40 -12.99 0.05 3.48
CA ASN A 40 -14.10 -0.90 3.50
C ASN A 40 -14.24 -1.61 2.16
N GLN A 41 -13.96 -0.88 1.08
CA GLN A 41 -14.05 -1.43 -0.27
C GLN A 41 -12.68 -1.80 -0.80
N TRP A 42 -12.13 -2.91 -0.30
CA TRP A 42 -10.81 -3.36 -0.73
C TRP A 42 -10.59 -3.07 -2.21
N ASP A 43 -11.59 -3.38 -3.02
CA ASP A 43 -11.51 -3.16 -4.45
C ASP A 43 -11.17 -1.70 -4.76
N HIS A 44 -11.85 -0.79 -4.08
CA HIS A 44 -11.62 0.64 -4.27
C HIS A 44 -10.19 1.01 -3.93
N VAL A 45 -9.59 0.27 -3.02
CA VAL A 45 -8.21 0.53 -2.59
C VAL A 45 -7.24 0.19 -3.70
N LEU A 46 -7.41 -0.97 -4.31
CA LEU A 46 -6.55 -1.42 -5.40
C LEU A 46 -6.66 -0.48 -6.60
N GLN A 47 -7.82 0.14 -6.75
CA GLN A 47 -8.05 1.06 -7.86
C GLN A 47 -7.32 2.39 -7.64
N MET A 48 -7.02 2.68 -6.38
CA MET A 48 -6.31 3.91 -6.03
C MET A 48 -4.82 3.66 -5.92
N VAL A 49 -4.44 2.63 -5.18
CA VAL A 49 -3.04 2.29 -4.98
C VAL A 49 -2.30 2.27 -6.31
N THR A 50 -2.97 1.80 -7.36
CA THR A 50 -2.37 1.71 -8.68
C THR A 50 -1.93 3.09 -9.16
N GLU A 51 -2.79 4.08 -8.98
CA GLU A 51 -2.48 5.45 -9.40
C GLU A 51 -1.08 5.85 -8.97
N LYS A 52 -0.60 5.26 -7.88
CA LYS A 52 0.73 5.55 -7.37
C LYS A 52 1.71 4.44 -7.75
N ILE A 53 1.23 3.21 -7.75
CA ILE A 53 2.07 2.07 -8.11
C ILE A 53 1.62 1.45 -9.43
N THR A 54 2.28 1.83 -10.51
CA THR A 54 1.95 1.31 -11.84
C THR A 54 2.91 0.19 -12.24
N LEU A 55 2.37 -1.01 -12.40
CA LEU A 55 3.18 -2.17 -12.79
C LEU A 55 3.20 -2.32 -14.30
N ARG A 56 4.35 -2.71 -14.84
CA ARG A 56 4.51 -2.91 -16.28
C ARG A 56 3.43 -3.84 -16.81
N SER A 57 3.07 -4.84 -16.02
CA SER A 57 2.05 -5.81 -16.42
C SER A 57 0.67 -5.17 -16.42
N GLY A 58 0.47 -4.19 -15.56
CA GLY A 58 -0.80 -3.51 -15.47
C GLY A 58 -1.18 -3.17 -14.04
N ALA A 59 -2.32 -2.49 -13.89
CA ALA A 59 -2.80 -2.10 -12.56
C ALA A 59 -2.60 -3.23 -11.55
N VAL A 60 -2.69 -2.89 -10.26
CA VAL A 60 -2.52 -3.87 -9.21
C VAL A 60 -3.81 -4.63 -8.96
N HIS A 61 -3.67 -5.89 -8.54
CA HIS A 61 -4.83 -6.73 -8.26
C HIS A 61 -4.79 -7.27 -6.83
N ARG A 62 -3.59 -7.27 -6.24
CA ARG A 62 -3.41 -7.76 -4.89
C ARG A 62 -2.37 -6.93 -4.14
N LEU A 63 -2.28 -7.15 -2.84
CA LEU A 63 -1.33 -6.41 -2.01
C LEU A 63 -0.44 -7.37 -1.23
N TYR A 64 0.75 -6.88 -0.85
CA TYR A 64 1.70 -7.70 -0.10
C TYR A 64 2.47 -6.85 0.90
N THR A 65 3.17 -7.51 1.81
CA THR A 65 3.95 -6.82 2.83
C THR A 65 5.44 -7.12 2.69
N LEU A 66 6.25 -6.52 3.54
CA LEU A 66 7.69 -6.73 3.51
C LEU A 66 8.07 -8.07 4.13
N GLU A 67 7.14 -8.63 4.91
CA GLU A 67 7.37 -9.92 5.55
C GLU A 67 6.99 -11.08 4.63
N GLY A 68 6.26 -10.75 3.57
CA GLY A 68 5.84 -11.77 2.63
C GLY A 68 4.40 -12.20 2.84
N LYS A 69 3.60 -11.32 3.43
CA LYS A 69 2.20 -11.62 3.70
C LYS A 69 1.29 -10.98 2.64
N LEU A 70 0.18 -11.64 2.35
CA LEU A 70 -0.76 -11.14 1.36
C LEU A 70 -1.99 -10.54 2.03
N VAL A 71 -2.31 -9.30 1.67
CA VAL A 71 -3.46 -8.60 2.24
C VAL A 71 -4.66 -8.69 1.31
N GLU A 72 -5.68 -9.42 1.75
CA GLU A 72 -6.90 -9.58 0.96
C GLU A 72 -7.95 -8.54 1.35
N SER A 73 -7.74 -7.90 2.49
CA SER A 73 -8.67 -6.89 2.99
C SER A 73 -7.92 -5.74 3.64
N GLY A 74 -8.63 -4.65 3.92
CA GLY A 74 -8.02 -3.49 4.54
C GLY A 74 -7.87 -3.66 6.05
N ALA A 75 -7.74 -4.90 6.49
CA ALA A 75 -7.59 -5.18 7.91
C ALA A 75 -6.14 -5.49 8.27
N GLU A 76 -5.34 -5.81 7.25
CA GLU A 76 -3.94 -6.13 7.46
C GLU A 76 -3.06 -4.89 7.24
N LEU A 77 -3.67 -3.71 7.35
CA LEU A 77 -2.96 -2.46 7.16
C LEU A 77 -2.38 -1.96 8.48
N GLU A 78 -1.64 -0.85 8.42
CA GLU A 78 -1.04 -0.28 9.62
C GLU A 78 -0.73 1.21 9.40
N ASN A 79 -0.26 1.87 10.45
CA ASN A 79 0.06 3.28 10.38
C ASN A 79 1.57 3.50 10.36
N GLY A 80 2.09 3.87 9.20
CA GLY A 80 3.52 4.10 9.06
C GLY A 80 4.26 2.85 8.65
N GLN A 81 3.58 1.95 7.96
CA GLN A 81 4.19 0.70 7.51
C GLN A 81 4.41 0.71 6.00
N PHE A 82 5.17 -0.27 5.52
CA PHE A 82 5.45 -0.37 4.09
C PHE A 82 4.82 -1.64 3.50
N TYR A 83 4.45 -1.57 2.22
CA TYR A 83 3.84 -2.71 1.54
C TYR A 83 4.25 -2.75 0.08
N VAL A 84 3.74 -3.73 -0.64
CA VAL A 84 4.06 -3.89 -2.06
C VAL A 84 2.81 -4.23 -2.87
N ALA A 85 2.63 -3.52 -3.98
CA ALA A 85 1.48 -3.75 -4.85
C ALA A 85 1.77 -4.82 -5.89
N VAL A 86 1.12 -5.97 -5.78
CA VAL A 86 1.32 -7.06 -6.72
C VAL A 86 0.15 -7.17 -7.70
N GLY A 87 0.48 -7.27 -8.98
CA GLY A 87 -0.56 -7.37 -10.00
C GLY A 87 -0.81 -8.81 -10.43
N ARG A 88 -1.05 -9.00 -11.72
CA ARG A 88 -1.31 -10.32 -12.26
C ARG A 88 -0.08 -11.23 -12.10
N ASP A 89 1.04 -10.62 -11.71
CA ASP A 89 2.27 -11.37 -11.51
C ASP A 89 2.39 -11.85 -10.06
N LYS A 90 3.39 -12.68 -9.81
CA LYS A 90 3.62 -13.21 -8.47
C LYS A 90 4.25 -12.15 -7.57
N PHE A 91 4.33 -12.46 -6.27
CA PHE A 91 4.90 -11.53 -5.31
C PHE A 91 6.43 -11.64 -5.30
N LYS A 92 7.09 -10.54 -5.63
CA LYS A 92 8.55 -10.50 -5.67
C LYS A 92 9.12 -10.20 -4.28
N LYS A 93 9.50 -11.24 -3.55
CA LYS A 93 10.06 -11.08 -2.22
C LYS A 93 11.46 -10.47 -2.28
N LEU A 94 11.51 -9.15 -2.17
CA LEU A 94 12.79 -8.44 -2.21
C LEU A 94 12.93 -7.50 -1.01
N PRO A 95 14.19 -7.16 -0.67
CA PRO A 95 14.49 -6.28 0.45
C PRO A 95 14.07 -4.84 0.20
N TYR A 96 12.95 -4.44 0.80
CA TYR A 96 12.43 -3.08 0.63
C TYR A 96 12.85 -2.19 1.79
N GLY A 97 12.90 -2.77 2.99
CA GLY A 97 13.28 -2.01 4.17
C GLY A 97 14.55 -1.21 3.95
N GLU A 98 15.42 -1.71 3.08
CA GLU A 98 16.68 -1.03 2.79
C GLU A 98 16.44 0.22 1.94
N LEU A 99 15.57 0.10 0.94
CA LEU A 99 15.25 1.21 0.06
C LEU A 99 14.71 2.39 0.85
N LEU A 100 14.09 2.10 1.99
CA LEU A 100 13.53 3.14 2.86
C LEU A 100 14.63 4.02 3.43
N PHE A 101 15.51 3.42 4.22
CA PHE A 101 16.61 4.16 4.83
C PHE A 101 17.87 3.30 4.89
N ASP A 102 19.00 3.88 4.48
CA ASP A 102 20.27 3.16 4.49
C ASP A 102 20.79 3.01 5.91
N SER A 103 21.28 1.82 6.23
CA SER A 103 21.80 1.54 7.57
C SER A 103 23.29 1.21 7.50
N GLY A 104 24.11 2.06 8.11
CA GLY A 104 25.54 1.85 8.11
C GLY A 104 26.05 1.30 6.79
N PRO A 105 26.25 2.20 5.82
CA PRO A 105 26.73 1.82 4.48
C PRO A 105 28.19 1.36 4.50
N SER A 106 29.00 2.02 5.33
CA SER A 106 30.42 1.69 5.44
C SER A 106 31.00 2.20 6.75
N SER A 107 31.89 1.40 7.34
CA SER A 107 32.51 1.77 8.61
C SER A 107 33.86 2.44 8.37
N GLY A 108 33.95 3.72 8.73
CA GLY A 108 35.19 4.46 8.54
C GLY A 108 35.02 5.95 8.77
N GLY A 1 -9.18 11.06 -11.84
CA GLY A 1 -10.30 11.25 -10.93
C GLY A 1 -9.84 11.62 -9.53
N SER A 2 -10.75 12.21 -8.76
CA SER A 2 -10.44 12.62 -7.39
C SER A 2 -11.53 12.18 -6.43
N SER A 3 -11.18 12.05 -5.15
CA SER A 3 -12.12 11.63 -4.13
C SER A 3 -12.21 12.65 -3.01
N GLY A 4 -13.35 13.33 -2.92
CA GLY A 4 -13.54 14.33 -1.88
C GLY A 4 -14.99 14.49 -1.49
N SER A 5 -15.38 13.85 -0.39
CA SER A 5 -16.75 13.92 0.08
C SER A 5 -17.08 15.31 0.61
N SER A 6 -18.34 15.71 0.46
CA SER A 6 -18.78 17.03 0.91
C SER A 6 -19.22 16.98 2.38
N GLY A 7 -20.02 15.97 2.71
CA GLY A 7 -20.51 15.83 4.07
C GLY A 7 -19.41 15.46 5.04
N ARG A 8 -19.40 16.13 6.20
CA ARG A 8 -18.39 15.87 7.22
C ARG A 8 -18.09 14.37 7.33
N LYS A 9 -16.88 14.05 7.75
CA LYS A 9 -16.47 12.66 7.90
C LYS A 9 -16.79 12.14 9.31
N PRO A 10 -17.04 10.83 9.42
CA PRO A 10 -17.35 10.19 10.70
C PRO A 10 -16.15 10.14 11.64
N LEU A 11 -16.25 9.32 12.68
CA LEU A 11 -15.17 9.18 13.64
C LEU A 11 -14.10 8.23 13.13
N GLN A 12 -14.21 7.86 11.85
CA GLN A 12 -13.24 6.95 11.24
C GLN A 12 -12.11 7.73 10.56
N GLU A 13 -10.96 7.79 11.21
CA GLU A 13 -9.81 8.50 10.68
C GLU A 13 -9.06 7.64 9.66
N PRO A 14 -8.59 8.28 8.57
CA PRO A 14 -7.85 7.59 7.51
C PRO A 14 -6.48 7.14 7.96
N CYS A 15 -5.81 6.35 7.13
CA CYS A 15 -4.48 5.85 7.44
C CYS A 15 -3.52 6.07 6.29
N THR A 16 -2.33 6.58 6.59
CA THR A 16 -1.33 6.86 5.58
C THR A 16 -0.34 5.70 5.45
N ILE A 17 -0.45 4.95 4.36
CA ILE A 17 0.43 3.81 4.12
C ILE A 17 1.36 4.08 2.94
N PHE A 18 2.45 3.32 2.88
CA PHE A 18 3.42 3.48 1.79
C PHE A 18 3.33 2.32 0.81
N LEU A 19 3.51 2.61 -0.47
CA LEU A 19 3.45 1.60 -1.51
C LEU A 19 4.79 1.44 -2.22
N ILE A 20 5.02 0.28 -2.80
CA ILE A 20 6.27 0.01 -3.51
C ILE A 20 6.04 -0.93 -4.68
N ALA A 21 6.59 -0.57 -5.84
CA ALA A 21 6.44 -1.39 -7.04
C ALA A 21 7.14 -2.74 -6.87
N ASN A 22 6.35 -3.81 -6.88
CA ASN A 22 6.89 -5.15 -6.73
C ASN A 22 8.06 -5.38 -7.68
N GLY A 23 9.20 -5.76 -7.12
CA GLY A 23 10.37 -6.01 -7.95
C GLY A 23 11.25 -4.78 -8.10
N ASP A 24 10.65 -3.61 -7.89
CA ASP A 24 11.38 -2.36 -8.00
C ASP A 24 12.26 -2.12 -6.79
N LEU A 25 13.57 -2.17 -6.98
CA LEU A 25 14.53 -1.96 -5.90
C LEU A 25 15.43 -0.77 -6.19
N ILE A 26 14.92 0.18 -6.97
CA ILE A 26 15.68 1.37 -7.32
C ILE A 26 15.00 2.64 -6.80
N ASN A 27 13.68 2.68 -6.92
CA ASN A 27 12.89 3.82 -6.47
C ASN A 27 12.29 3.57 -5.10
N PRO A 28 12.12 4.64 -4.32
CA PRO A 28 11.54 4.56 -2.97
C PRO A 28 10.06 4.21 -2.99
N ALA A 29 9.40 4.38 -1.85
CA ALA A 29 7.98 4.09 -1.74
C ALA A 29 7.13 5.32 -2.06
N SER A 30 5.83 5.19 -1.89
CA SER A 30 4.90 6.29 -2.17
C SER A 30 3.92 6.48 -1.03
N ARG A 31 3.97 7.64 -0.39
CA ARG A 31 3.09 7.95 0.72
C ARG A 31 1.67 8.25 0.24
N LEU A 32 0.74 7.36 0.54
CA LEU A 32 -0.65 7.54 0.13
C LEU A 32 -1.60 7.27 1.28
N LEU A 33 -2.67 8.05 1.36
CA LEU A 33 -3.66 7.89 2.42
C LEU A 33 -4.93 7.23 1.89
N ILE A 34 -5.54 6.38 2.70
CA ILE A 34 -6.76 5.68 2.32
C ILE A 34 -7.86 5.89 3.35
N PRO A 35 -8.95 6.55 2.92
CA PRO A 35 -10.10 6.83 3.78
C PRO A 35 -10.88 5.58 4.14
N ARG A 36 -11.39 5.52 5.37
CA ARG A 36 -12.16 4.38 5.82
C ARG A 36 -13.14 3.91 4.76
N LYS A 37 -13.90 4.86 4.21
CA LYS A 37 -14.89 4.55 3.18
C LYS A 37 -14.29 3.63 2.12
N THR A 38 -13.03 3.88 1.76
CA THR A 38 -12.35 3.08 0.76
C THR A 38 -11.77 1.80 1.38
N LEU A 39 -11.13 1.95 2.54
CA LEU A 39 -10.53 0.82 3.23
C LEU A 39 -11.49 -0.36 3.27
N ASN A 40 -12.79 -0.07 3.32
CA ASN A 40 -13.81 -1.10 3.36
C ASN A 40 -13.86 -1.88 2.04
N GLN A 41 -13.70 -1.16 0.94
CA GLN A 41 -13.73 -1.77 -0.38
C GLN A 41 -12.31 -2.05 -0.88
N TRP A 42 -12.00 -3.32 -1.11
CA TRP A 42 -10.68 -3.72 -1.59
C TRP A 42 -10.45 -3.23 -3.01
N ASP A 43 -11.43 -3.47 -3.87
CA ASP A 43 -11.33 -3.04 -5.27
C ASP A 43 -11.09 -1.54 -5.37
N HIS A 44 -11.78 -0.78 -4.54
CA HIS A 44 -11.64 0.67 -4.53
C HIS A 44 -10.22 1.08 -4.14
N VAL A 45 -9.58 0.26 -3.31
CA VAL A 45 -8.22 0.52 -2.86
C VAL A 45 -7.22 0.37 -4.00
N LEU A 46 -7.29 -0.77 -4.69
CA LEU A 46 -6.38 -1.03 -5.81
C LEU A 46 -6.54 0.01 -6.90
N GLN A 47 -7.73 0.62 -6.96
CA GLN A 47 -8.01 1.65 -7.96
C GLN A 47 -7.24 2.93 -7.67
N MET A 48 -6.99 3.18 -6.39
CA MET A 48 -6.26 4.37 -5.98
C MET A 48 -4.77 4.08 -5.84
N VAL A 49 -4.45 2.86 -5.40
CA VAL A 49 -3.05 2.46 -5.23
C VAL A 49 -2.29 2.56 -6.54
N THR A 50 -2.91 2.08 -7.62
CA THR A 50 -2.27 2.12 -8.94
C THR A 50 -1.82 3.54 -9.29
N GLU A 51 -2.65 4.52 -8.95
CA GLU A 51 -2.33 5.91 -9.23
C GLU A 51 -0.93 6.26 -8.75
N LYS A 52 -0.53 5.66 -7.63
CA LYS A 52 0.79 5.90 -7.06
C LYS A 52 1.81 4.89 -7.59
N ILE A 53 1.42 3.62 -7.61
CA ILE A 53 2.30 2.56 -8.09
C ILE A 53 1.73 1.91 -9.35
N THR A 54 2.24 2.32 -10.51
CA THR A 54 1.78 1.78 -11.78
C THR A 54 2.77 0.77 -12.34
N LEU A 55 2.47 -0.51 -12.15
CA LEU A 55 3.34 -1.58 -12.63
C LEU A 55 3.32 -1.64 -14.14
N ARG A 56 4.51 -1.74 -14.74
CA ARG A 56 4.63 -1.81 -16.20
C ARG A 56 3.62 -2.81 -16.77
N SER A 57 3.39 -3.90 -16.05
CA SER A 57 2.45 -4.92 -16.50
C SER A 57 1.02 -4.39 -16.48
N GLY A 58 0.74 -3.49 -15.54
CA GLY A 58 -0.59 -2.92 -15.43
C GLY A 58 -0.89 -2.42 -14.04
N ALA A 59 -2.17 -2.32 -13.71
CA ALA A 59 -2.60 -1.85 -12.40
C ALA A 59 -2.32 -2.90 -11.33
N VAL A 60 -2.65 -2.57 -10.08
CA VAL A 60 -2.44 -3.48 -8.97
C VAL A 60 -3.62 -4.43 -8.80
N HIS A 61 -3.33 -5.69 -8.50
CA HIS A 61 -4.37 -6.70 -8.31
C HIS A 61 -4.20 -7.40 -6.97
N ARG A 62 -2.97 -7.44 -6.47
CA ARG A 62 -2.68 -8.09 -5.20
C ARG A 62 -1.76 -7.21 -4.35
N LEU A 63 -1.84 -7.38 -3.04
CA LEU A 63 -1.01 -6.62 -2.11
C LEU A 63 -0.19 -7.54 -1.23
N TYR A 64 1.05 -7.15 -0.96
CA TYR A 64 1.95 -7.94 -0.12
C TYR A 64 2.85 -7.05 0.71
N THR A 65 3.10 -7.45 1.96
CA THR A 65 3.95 -6.68 2.85
C THR A 65 5.41 -7.10 2.71
N LEU A 66 6.31 -6.27 3.22
CA LEU A 66 7.74 -6.56 3.15
C LEU A 66 8.05 -7.94 3.72
N GLU A 67 7.15 -8.45 4.56
CA GLU A 67 7.32 -9.75 5.17
C GLU A 67 6.92 -10.86 4.20
N GLY A 68 5.97 -10.55 3.32
CA GLY A 68 5.49 -11.53 2.35
C GLY A 68 4.06 -11.95 2.60
N LYS A 69 3.41 -11.30 3.55
CA LYS A 69 2.03 -11.62 3.89
C LYS A 69 1.07 -11.06 2.83
N LEU A 70 -0.09 -11.68 2.70
CA LEU A 70 -1.09 -11.25 1.74
C LEU A 70 -2.18 -10.42 2.40
N VAL A 71 -2.52 -9.29 1.78
CA VAL A 71 -3.55 -8.41 2.31
C VAL A 71 -4.83 -8.49 1.48
N GLU A 72 -5.70 -9.43 1.83
CA GLU A 72 -6.96 -9.61 1.12
C GLU A 72 -7.84 -8.38 1.24
N SER A 73 -7.51 -7.52 2.21
CA SER A 73 -8.28 -6.30 2.44
C SER A 73 -7.43 -5.25 3.16
N GLY A 74 -7.72 -3.98 2.90
CA GLY A 74 -6.98 -2.91 3.53
C GLY A 74 -6.98 -3.00 5.04
N ALA A 75 -7.83 -3.88 5.58
CA ALA A 75 -7.93 -4.06 7.02
C ALA A 75 -6.58 -4.42 7.62
N GLU A 76 -5.69 -4.97 6.79
CA GLU A 76 -4.35 -5.35 7.24
C GLU A 76 -3.34 -4.24 6.95
N LEU A 77 -3.83 -3.02 6.82
CA LEU A 77 -2.97 -1.87 6.55
C LEU A 77 -2.81 -1.00 7.78
N GLU A 78 -1.58 -0.89 8.26
CA GLU A 78 -1.29 -0.08 9.44
C GLU A 78 -0.94 1.36 9.05
N ASN A 79 -1.14 2.29 9.97
CA ASN A 79 -0.85 3.69 9.72
C ASN A 79 0.63 3.99 9.94
N GLY A 80 1.36 4.13 8.83
CA GLY A 80 2.79 4.40 8.92
C GLY A 80 3.64 3.19 8.63
N GLN A 81 3.17 2.36 7.70
CA GLN A 81 3.90 1.15 7.33
C GLN A 81 4.14 1.10 5.82
N PHE A 82 4.87 0.08 5.38
CA PHE A 82 5.18 -0.08 3.96
C PHE A 82 4.52 -1.34 3.40
N TYR A 83 4.15 -1.29 2.13
CA TYR A 83 3.50 -2.42 1.47
C TYR A 83 3.83 -2.46 -0.02
N VAL A 84 4.14 -3.65 -0.53
CA VAL A 84 4.47 -3.81 -1.93
C VAL A 84 3.23 -4.16 -2.75
N ALA A 85 3.08 -3.51 -3.90
CA ALA A 85 1.94 -3.75 -4.77
C ALA A 85 2.25 -4.85 -5.79
N VAL A 86 1.60 -5.99 -5.64
CA VAL A 86 1.80 -7.12 -6.55
C VAL A 86 0.70 -7.19 -7.60
N GLY A 87 1.10 -7.20 -8.87
CA GLY A 87 0.14 -7.26 -9.95
C GLY A 87 -0.20 -8.69 -10.34
N ARG A 88 -0.43 -8.90 -11.63
CA ARG A 88 -0.76 -10.22 -12.14
C ARG A 88 0.49 -11.10 -12.26
N ASP A 89 1.30 -11.11 -11.20
CA ASP A 89 2.53 -11.89 -11.19
C ASP A 89 2.94 -12.23 -9.76
N LYS A 90 3.56 -13.40 -9.59
CA LYS A 90 4.02 -13.83 -8.28
C LYS A 90 4.74 -12.71 -7.54
N PHE A 91 4.63 -12.70 -6.22
CA PHE A 91 5.27 -11.68 -5.40
C PHE A 91 6.78 -11.89 -5.35
N LYS A 92 7.52 -10.80 -5.46
CA LYS A 92 8.98 -10.87 -5.43
C LYS A 92 9.51 -10.31 -4.11
N LYS A 93 9.50 -11.14 -3.07
CA LYS A 93 9.99 -10.73 -1.76
C LYS A 93 11.40 -10.16 -1.86
N LEU A 94 11.52 -8.85 -1.68
CA LEU A 94 12.81 -8.18 -1.75
C LEU A 94 13.00 -7.25 -0.56
N PRO A 95 14.26 -6.99 -0.20
CA PRO A 95 14.61 -6.10 0.92
C PRO A 95 14.29 -4.64 0.62
N TYR A 96 13.21 -4.14 1.21
CA TYR A 96 12.79 -2.76 1.00
C TYR A 96 13.17 -1.90 2.20
N GLY A 97 13.20 -2.51 3.38
CA GLY A 97 13.54 -1.79 4.59
C GLY A 97 14.80 -0.96 4.43
N GLU A 98 15.66 -1.37 3.51
CA GLU A 98 16.91 -0.65 3.26
C GLU A 98 16.67 0.58 2.41
N LEU A 99 15.72 0.48 1.48
CA LEU A 99 15.40 1.59 0.60
C LEU A 99 14.70 2.72 1.36
N LEU A 100 14.02 2.35 2.44
CA LEU A 100 13.31 3.32 3.27
C LEU A 100 14.26 4.42 3.75
N PHE A 101 15.30 4.02 4.47
CA PHE A 101 16.28 4.97 4.99
C PHE A 101 17.60 4.86 4.23
N ASP A 102 17.84 5.83 3.35
CA ASP A 102 19.06 5.84 2.56
C ASP A 102 20.23 6.40 3.37
N SER A 103 21.44 6.26 2.83
CA SER A 103 22.63 6.74 3.51
C SER A 103 22.69 8.26 3.49
N GLY A 104 22.41 8.84 2.32
CA GLY A 104 22.44 10.29 2.18
C GLY A 104 23.78 10.79 1.70
N PRO A 105 23.77 11.96 1.03
CA PRO A 105 25.00 12.57 0.51
C PRO A 105 25.89 13.11 1.62
N SER A 106 25.34 13.24 2.81
CA SER A 106 26.09 13.74 3.95
C SER A 106 27.30 12.87 4.25
N SER A 107 28.34 13.48 4.79
CA SER A 107 29.57 12.74 5.12
C SER A 107 29.24 11.46 5.86
N GLY A 108 28.34 11.55 6.83
CA GLY A 108 27.96 10.38 7.61
C GLY A 108 26.46 10.25 7.76
N GLY A 1 -27.38 12.64 2.35
CA GLY A 1 -27.00 13.56 1.29
C GLY A 1 -26.04 14.63 1.77
N SER A 2 -26.20 15.84 1.24
CA SER A 2 -25.34 16.96 1.62
C SER A 2 -25.36 17.17 3.12
N SER A 3 -26.55 17.31 3.68
CA SER A 3 -26.71 17.54 5.12
C SER A 3 -25.71 16.70 5.91
N GLY A 4 -25.42 17.13 7.13
CA GLY A 4 -24.47 16.42 7.97
C GLY A 4 -25.13 15.84 9.21
N SER A 5 -24.35 15.10 9.99
CA SER A 5 -24.86 14.48 11.21
C SER A 5 -23.76 14.31 12.24
N SER A 6 -23.88 15.05 13.35
CA SER A 6 -22.89 14.98 14.42
C SER A 6 -23.40 14.17 15.60
N GLY A 7 -23.11 12.87 15.59
CA GLY A 7 -23.56 12.00 16.66
C GLY A 7 -22.49 11.01 17.08
N ARG A 8 -22.90 9.76 17.30
CA ARG A 8 -21.97 8.72 17.72
C ARG A 8 -21.50 7.91 16.52
N LYS A 9 -20.39 8.34 15.91
CA LYS A 9 -19.83 7.66 14.75
C LYS A 9 -18.67 6.75 15.16
N PRO A 10 -18.44 5.70 14.37
CA PRO A 10 -17.35 4.74 14.63
C PRO A 10 -15.97 5.34 14.40
N LEU A 11 -14.96 4.49 14.34
CA LEU A 11 -13.59 4.94 14.12
C LEU A 11 -13.34 5.22 12.65
N GLN A 12 -13.71 6.42 12.20
CA GLN A 12 -13.53 6.81 10.81
C GLN A 12 -12.33 7.74 10.66
N GLU A 13 -11.18 7.18 10.31
CA GLU A 13 -9.96 7.96 10.14
C GLU A 13 -9.05 7.33 9.09
N PRO A 14 -8.46 8.18 8.24
CA PRO A 14 -7.56 7.74 7.17
C PRO A 14 -6.24 7.19 7.71
N CYS A 15 -5.51 6.47 6.87
CA CYS A 15 -4.23 5.89 7.26
C CYS A 15 -3.19 6.08 6.16
N THR A 16 -2.06 6.68 6.52
CA THR A 16 -0.99 6.91 5.56
C THR A 16 -0.04 5.71 5.48
N ILE A 17 -0.04 5.05 4.33
CA ILE A 17 0.82 3.88 4.13
C ILE A 17 1.69 4.06 2.89
N PHE A 18 2.85 3.41 2.90
CA PHE A 18 3.77 3.48 1.77
C PHE A 18 3.59 2.28 0.83
N LEU A 19 3.69 2.54 -0.47
CA LEU A 19 3.53 1.49 -1.47
C LEU A 19 4.80 1.33 -2.29
N ILE A 20 4.99 0.14 -2.86
CA ILE A 20 6.16 -0.14 -3.67
C ILE A 20 5.84 -1.11 -4.80
N ALA A 21 6.35 -0.83 -5.99
CA ALA A 21 6.11 -1.69 -7.15
C ALA A 21 6.72 -3.07 -6.95
N ASN A 22 5.89 -4.10 -7.04
CA ASN A 22 6.35 -5.47 -6.86
C ASN A 22 7.60 -5.74 -7.71
N GLY A 23 8.59 -6.38 -7.09
CA GLY A 23 9.83 -6.68 -7.78
C GLY A 23 10.52 -5.44 -8.29
N ASP A 24 10.38 -4.34 -7.56
CA ASP A 24 11.00 -3.08 -7.94
C ASP A 24 11.98 -2.60 -6.87
N LEU A 25 13.26 -2.59 -7.21
CA LEU A 25 14.29 -2.16 -6.27
C LEU A 25 15.00 -0.91 -6.77
N ILE A 26 14.54 -0.39 -7.91
CA ILE A 26 15.12 0.81 -8.49
C ILE A 26 14.31 2.05 -8.11
N ASN A 27 13.00 1.88 -7.98
CA ASN A 27 12.12 2.99 -7.62
C ASN A 27 11.70 2.90 -6.16
N PRO A 28 11.72 4.05 -5.47
CA PRO A 28 11.35 4.13 -4.05
C PRO A 28 9.86 3.91 -3.83
N ALA A 29 9.40 4.14 -2.60
CA ALA A 29 7.99 3.97 -2.27
C ALA A 29 7.20 5.24 -2.56
N SER A 30 5.89 5.19 -2.32
CA SER A 30 5.03 6.34 -2.55
C SER A 30 3.96 6.45 -1.46
N ARG A 31 4.08 7.49 -0.63
CA ARG A 31 3.13 7.70 0.45
C ARG A 31 1.71 7.82 -0.08
N LEU A 32 0.94 6.75 0.07
CA LEU A 32 -0.44 6.74 -0.41
C LEU A 32 -1.42 6.65 0.77
N LEU A 33 -2.25 7.67 0.92
CA LEU A 33 -3.22 7.69 2.01
C LEU A 33 -4.53 7.02 1.58
N ILE A 34 -5.15 6.30 2.51
CA ILE A 34 -6.40 5.61 2.23
C ILE A 34 -7.45 5.92 3.29
N PRO A 35 -8.54 6.58 2.88
CA PRO A 35 -9.63 6.96 3.77
C PRO A 35 -10.43 5.74 4.25
N ARG A 36 -10.77 5.73 5.53
CA ARG A 36 -11.53 4.62 6.12
C ARG A 36 -12.57 4.10 5.12
N LYS A 37 -13.35 5.02 4.55
CA LYS A 37 -14.38 4.65 3.59
C LYS A 37 -13.82 3.68 2.54
N THR A 38 -12.68 4.02 1.97
CA THR A 38 -12.04 3.19 0.96
C THR A 38 -11.47 1.92 1.58
N LEU A 39 -10.98 2.04 2.82
CA LEU A 39 -10.40 0.91 3.52
C LEU A 39 -11.42 -0.21 3.69
N ASN A 40 -12.69 0.11 3.43
CA ASN A 40 -13.76 -0.87 3.56
C ASN A 40 -13.97 -1.63 2.25
N GLN A 41 -13.45 -1.06 1.17
CA GLN A 41 -13.57 -1.70 -0.15
C GLN A 41 -12.20 -2.04 -0.72
N TRP A 42 -12.15 -3.11 -1.49
CA TRP A 42 -10.89 -3.55 -2.10
C TRP A 42 -10.80 -3.08 -3.55
N ASP A 43 -11.91 -3.16 -4.27
CA ASP A 43 -11.95 -2.73 -5.67
C ASP A 43 -11.79 -1.22 -5.78
N HIS A 44 -11.97 -0.53 -4.65
CA HIS A 44 -11.85 0.93 -4.64
C HIS A 44 -10.43 1.35 -4.24
N VAL A 45 -9.83 0.60 -3.33
CA VAL A 45 -8.48 0.89 -2.86
C VAL A 45 -7.44 0.51 -3.92
N LEU A 46 -7.61 -0.66 -4.51
CA LEU A 46 -6.69 -1.15 -5.53
C LEU A 46 -6.67 -0.21 -6.73
N GLN A 47 -7.75 0.55 -6.90
CA GLN A 47 -7.86 1.50 -8.01
C GLN A 47 -7.15 2.81 -7.67
N MET A 48 -6.98 3.06 -6.38
CA MET A 48 -6.31 4.28 -5.93
C MET A 48 -4.83 4.05 -5.71
N VAL A 49 -4.49 2.87 -5.19
CA VAL A 49 -3.10 2.53 -4.92
C VAL A 49 -2.27 2.61 -6.21
N THR A 50 -2.74 1.94 -7.26
CA THR A 50 -2.03 1.93 -8.53
C THR A 50 -1.51 3.32 -8.88
N GLU A 51 -2.38 4.32 -8.76
CA GLU A 51 -2.02 5.69 -9.07
C GLU A 51 -0.57 5.98 -8.64
N LYS A 52 -0.20 5.47 -7.47
CA LYS A 52 1.15 5.67 -6.94
C LYS A 52 2.11 4.63 -7.52
N ILE A 53 1.68 3.38 -7.54
CA ILE A 53 2.50 2.29 -8.07
C ILE A 53 1.92 1.73 -9.35
N THR A 54 2.42 2.21 -10.48
CA THR A 54 1.95 1.75 -11.78
C THR A 54 2.84 0.65 -12.34
N LEU A 55 2.40 -0.59 -12.19
CA LEU A 55 3.16 -1.74 -12.68
C LEU A 55 3.21 -1.75 -14.20
N ARG A 56 4.39 -2.06 -14.74
CA ARG A 56 4.57 -2.11 -16.19
C ARG A 56 3.50 -2.97 -16.85
N SER A 57 3.15 -4.07 -16.20
CA SER A 57 2.14 -4.99 -16.72
C SER A 57 0.76 -4.34 -16.72
N GLY A 58 0.56 -3.39 -15.81
CA GLY A 58 -0.71 -2.70 -15.73
C GLY A 58 -0.94 -2.10 -14.35
N ALA A 59 -1.88 -2.68 -13.61
CA ALA A 59 -2.21 -2.18 -12.28
C ALA A 59 -2.10 -3.30 -11.24
N VAL A 60 -2.28 -2.94 -9.97
CA VAL A 60 -2.19 -3.91 -8.88
C VAL A 60 -3.57 -4.47 -8.55
N HIS A 61 -3.61 -5.73 -8.11
CA HIS A 61 -4.86 -6.38 -7.75
C HIS A 61 -4.79 -6.94 -6.33
N ARG A 62 -3.58 -7.18 -5.85
CA ARG A 62 -3.39 -7.71 -4.50
C ARG A 62 -2.39 -6.85 -3.72
N LEU A 63 -2.13 -7.25 -2.49
CA LEU A 63 -1.19 -6.53 -1.63
C LEU A 63 -0.29 -7.50 -0.86
N TYR A 64 1.00 -7.16 -0.78
CA TYR A 64 1.96 -8.00 -0.08
C TYR A 64 2.92 -7.14 0.74
N THR A 65 3.24 -7.60 1.94
CA THR A 65 4.16 -6.89 2.83
C THR A 65 5.59 -7.37 2.64
N LEU A 66 6.53 -6.60 3.16
CA LEU A 66 7.95 -6.94 3.06
C LEU A 66 8.23 -8.29 3.73
N GLU A 67 7.44 -8.61 4.75
CA GLU A 67 7.60 -9.87 5.48
C GLU A 67 7.17 -11.05 4.62
N GLY A 68 6.38 -10.77 3.59
CA GLY A 68 5.91 -11.82 2.71
C GLY A 68 4.47 -12.21 3.00
N LYS A 69 3.73 -11.30 3.62
CA LYS A 69 2.33 -11.55 3.96
C LYS A 69 1.39 -10.91 2.93
N LEU A 70 0.29 -11.58 2.64
CA LEU A 70 -0.68 -11.08 1.67
C LEU A 70 -1.83 -10.36 2.37
N VAL A 71 -2.32 -9.28 1.77
CA VAL A 71 -3.42 -8.52 2.34
C VAL A 71 -4.69 -8.70 1.53
N GLU A 72 -5.55 -9.62 1.98
CA GLU A 72 -6.81 -9.88 1.28
C GLU A 72 -7.83 -8.78 1.56
N SER A 73 -7.62 -8.05 2.64
CA SER A 73 -8.52 -6.97 3.03
C SER A 73 -7.75 -5.83 3.69
N GLY A 74 -8.47 -4.75 4.00
CA GLY A 74 -7.83 -3.60 4.64
C GLY A 74 -7.67 -3.79 6.13
N ALA A 75 -7.53 -5.04 6.57
CA ALA A 75 -7.36 -5.35 7.97
C ALA A 75 -5.90 -5.65 8.31
N GLU A 76 -5.12 -5.97 7.27
CA GLU A 76 -3.71 -6.28 7.45
C GLU A 76 -2.84 -5.07 7.15
N LEU A 77 -3.41 -3.88 7.31
CA LEU A 77 -2.69 -2.64 7.05
C LEU A 77 -2.23 -2.00 8.35
N GLU A 78 -1.42 -0.95 8.23
CA GLU A 78 -0.92 -0.24 9.40
C GLU A 78 -0.49 1.18 9.03
N ASN A 79 -0.42 2.05 10.04
CA ASN A 79 -0.02 3.43 9.82
C ASN A 79 1.50 3.58 9.86
N GLY A 80 2.06 4.19 8.82
CA GLY A 80 3.49 4.39 8.76
C GLY A 80 4.23 3.11 8.40
N GLN A 81 3.60 2.25 7.61
CA GLN A 81 4.20 1.00 7.19
C GLN A 81 4.34 0.91 5.68
N PHE A 82 5.05 -0.10 5.21
CA PHE A 82 5.26 -0.28 3.77
C PHE A 82 4.50 -1.50 3.27
N TYR A 83 4.01 -1.43 2.04
CA TYR A 83 3.26 -2.53 1.44
C TYR A 83 3.49 -2.59 -0.07
N VAL A 84 3.97 -3.74 -0.54
CA VAL A 84 4.23 -3.92 -1.97
C VAL A 84 2.94 -4.27 -2.72
N ALA A 85 2.72 -3.58 -3.83
CA ALA A 85 1.53 -3.83 -4.64
C ALA A 85 1.79 -4.90 -5.69
N VAL A 86 1.21 -6.07 -5.49
CA VAL A 86 1.38 -7.18 -6.42
C VAL A 86 0.20 -7.26 -7.40
N GLY A 87 0.49 -7.12 -8.69
CA GLY A 87 -0.55 -7.19 -9.69
C GLY A 87 -0.82 -8.60 -10.15
N ARG A 88 -1.31 -8.75 -11.37
CA ARG A 88 -1.62 -10.05 -11.93
C ARG A 88 -0.43 -11.00 -11.80
N ASP A 89 0.76 -10.43 -11.71
CA ASP A 89 1.99 -11.21 -11.58
C ASP A 89 2.22 -11.62 -10.13
N LYS A 90 3.07 -12.61 -9.93
CA LYS A 90 3.39 -13.09 -8.59
C LYS A 90 4.22 -12.08 -7.82
N PHE A 91 4.39 -12.31 -6.52
CA PHE A 91 5.17 -11.41 -5.68
C PHE A 91 6.65 -11.81 -5.67
N LYS A 92 7.46 -11.02 -6.37
CA LYS A 92 8.90 -11.28 -6.45
C LYS A 92 9.59 -10.88 -5.16
N LYS A 93 9.51 -11.75 -4.15
CA LYS A 93 10.14 -11.48 -2.86
C LYS A 93 11.50 -10.83 -3.04
N LEU A 94 11.62 -9.58 -2.62
CA LEU A 94 12.88 -8.85 -2.74
C LEU A 94 13.06 -7.90 -1.56
N PRO A 95 14.33 -7.56 -1.26
CA PRO A 95 14.67 -6.65 -0.17
C PRO A 95 14.25 -5.22 -0.45
N TYR A 96 13.16 -4.78 0.19
CA TYR A 96 12.65 -3.43 0.00
C TYR A 96 13.03 -2.54 1.18
N GLY A 97 13.18 -3.15 2.35
CA GLY A 97 13.54 -2.40 3.53
C GLY A 97 14.80 -1.59 3.36
N GLU A 98 15.58 -1.94 2.34
CA GLU A 98 16.83 -1.23 2.06
C GLU A 98 16.56 0.03 1.23
N LEU A 99 15.51 -0.01 0.43
CA LEU A 99 15.15 1.13 -0.42
C LEU A 99 14.49 2.23 0.41
N LEU A 100 14.06 1.88 1.61
CA LEU A 100 13.41 2.85 2.50
C LEU A 100 14.43 3.81 3.09
N PHE A 101 15.37 3.27 3.87
CA PHE A 101 16.41 4.08 4.49
C PHE A 101 17.80 3.63 4.04
N ASP A 102 18.52 4.54 3.39
CA ASP A 102 19.87 4.24 2.90
C ASP A 102 20.65 3.42 3.93
N SER A 103 21.56 2.59 3.44
CA SER A 103 22.36 1.74 4.32
C SER A 103 23.73 1.48 3.71
N GLY A 104 24.77 1.64 4.51
CA GLY A 104 26.13 1.41 4.03
C GLY A 104 26.31 0.04 3.43
N PRO A 105 26.72 0.00 2.14
CA PRO A 105 26.93 -1.26 1.42
C PRO A 105 28.14 -2.02 1.93
N SER A 106 28.07 -3.35 1.90
CA SER A 106 29.15 -4.19 2.36
C SER A 106 29.79 -4.96 1.21
N SER A 107 28.97 -5.73 0.50
CA SER A 107 29.45 -6.50 -0.64
C SER A 107 29.99 -5.59 -1.74
N GLY A 108 31.29 -5.69 -1.99
CA GLY A 108 31.91 -4.87 -3.01
C GLY A 108 31.13 -4.87 -4.31
N GLY A 1 -21.13 -4.31 -16.04
CA GLY A 1 -20.45 -3.90 -14.83
C GLY A 1 -21.33 -4.02 -13.60
N SER A 2 -21.06 -3.18 -12.60
CA SER A 2 -21.84 -3.20 -11.37
C SER A 2 -21.71 -1.88 -10.62
N SER A 3 -22.85 -1.21 -10.43
CA SER A 3 -22.86 0.08 -9.74
C SER A 3 -24.00 0.13 -8.71
N GLY A 4 -23.73 0.75 -7.57
CA GLY A 4 -24.73 0.86 -6.53
C GLY A 4 -24.14 0.82 -5.14
N SER A 5 -24.52 1.78 -4.30
CA SER A 5 -24.01 1.86 -2.94
C SER A 5 -25.16 1.90 -1.94
N SER A 6 -24.86 1.50 -0.70
CA SER A 6 -25.87 1.48 0.35
C SER A 6 -25.35 2.18 1.62
N GLY A 7 -26.27 2.61 2.47
CA GLY A 7 -25.89 3.29 3.69
C GLY A 7 -25.14 4.57 3.44
N ARG A 8 -25.28 5.53 4.35
CA ARG A 8 -24.61 6.82 4.22
C ARG A 8 -23.96 7.24 5.54
N LYS A 9 -23.18 6.34 6.11
CA LYS A 9 -22.50 6.61 7.37
C LYS A 9 -21.21 7.39 7.14
N PRO A 10 -20.80 8.18 8.15
CA PRO A 10 -19.59 8.99 8.08
C PRO A 10 -18.32 8.15 8.09
N LEU A 11 -17.17 8.82 8.01
CA LEU A 11 -15.89 8.12 8.01
C LEU A 11 -15.27 8.12 9.40
N GLN A 12 -14.32 7.20 9.62
CA GLN A 12 -13.66 7.09 10.91
C GLN A 12 -12.36 7.90 10.92
N GLU A 13 -11.33 7.37 10.28
CA GLU A 13 -10.04 8.05 10.22
C GLU A 13 -9.17 7.47 9.12
N PRO A 14 -8.50 8.35 8.36
CA PRO A 14 -7.62 7.94 7.26
C PRO A 14 -6.35 7.26 7.75
N CYS A 15 -5.66 6.59 6.84
CA CYS A 15 -4.42 5.89 7.18
C CYS A 15 -3.36 6.11 6.12
N THR A 16 -2.19 6.58 6.54
CA THR A 16 -1.09 6.84 5.62
C THR A 16 -0.18 5.62 5.49
N ILE A 17 -0.33 4.90 4.39
CA ILE A 17 0.47 3.71 4.13
C ILE A 17 1.41 3.92 2.95
N PHE A 18 2.58 3.30 3.02
CA PHE A 18 3.58 3.42 1.95
C PHE A 18 3.46 2.26 0.97
N LEU A 19 3.63 2.56 -0.30
CA LEU A 19 3.54 1.54 -1.35
C LEU A 19 4.86 1.41 -2.09
N ILE A 20 5.09 0.24 -2.68
CA ILE A 20 6.32 -0.02 -3.42
C ILE A 20 6.06 -0.91 -4.63
N ALA A 21 6.66 -0.57 -5.77
CA ALA A 21 6.50 -1.34 -6.99
C ALA A 21 7.13 -2.73 -6.85
N ASN A 22 6.36 -3.75 -7.22
CA ASN A 22 6.85 -5.13 -7.14
C ASN A 22 8.03 -5.34 -8.08
N GLY A 23 9.10 -5.92 -7.54
CA GLY A 23 10.28 -6.18 -8.33
C GLY A 23 11.18 -4.96 -8.46
N ASP A 24 10.86 -3.92 -7.69
CA ASP A 24 11.64 -2.68 -7.73
C ASP A 24 12.40 -2.50 -6.42
N LEU A 25 13.73 -2.54 -6.51
CA LEU A 25 14.58 -2.38 -5.33
C LEU A 25 15.52 -1.19 -5.51
N ILE A 26 15.17 -0.29 -6.41
CA ILE A 26 15.98 0.89 -6.67
C ILE A 26 15.26 2.17 -6.23
N ASN A 27 13.96 2.23 -6.50
CA ASN A 27 13.15 3.38 -6.14
C ASN A 27 12.48 3.17 -4.79
N PRO A 28 12.29 4.28 -4.04
CA PRO A 28 11.66 4.24 -2.71
C PRO A 28 10.17 3.92 -2.79
N ALA A 29 9.47 4.10 -1.67
CA ALA A 29 8.04 3.83 -1.62
C ALA A 29 7.23 5.07 -2.01
N SER A 30 5.92 4.96 -1.89
CA SER A 30 5.03 6.06 -2.24
C SER A 30 3.96 6.26 -1.17
N ARG A 31 4.16 7.25 -0.31
CA ARG A 31 3.22 7.55 0.76
C ARG A 31 1.84 7.86 0.19
N LEU A 32 0.86 7.03 0.55
CA LEU A 32 -0.51 7.22 0.08
C LEU A 32 -1.50 7.05 1.22
N LEU A 33 -2.41 8.01 1.36
CA LEU A 33 -3.42 7.97 2.41
C LEU A 33 -4.74 7.41 1.88
N ILE A 34 -5.39 6.58 2.68
CA ILE A 34 -6.66 5.99 2.29
C ILE A 34 -7.74 6.26 3.34
N PRO A 35 -8.88 6.81 2.88
CA PRO A 35 -10.00 7.13 3.76
C PRO A 35 -10.71 5.89 4.29
N ARG A 36 -11.18 5.96 5.52
CA ARG A 36 -11.88 4.83 6.14
C ARG A 36 -12.99 4.32 5.24
N LYS A 37 -13.50 5.19 4.37
CA LYS A 37 -14.57 4.84 3.46
C LYS A 37 -14.06 3.92 2.34
N THR A 38 -12.78 4.07 2.01
CA THR A 38 -12.17 3.26 0.97
C THR A 38 -11.40 2.08 1.56
N LEU A 39 -11.00 2.22 2.82
CA LEU A 39 -10.27 1.17 3.50
C LEU A 39 -11.08 -0.11 3.59
N ASN A 40 -12.40 0.04 3.68
CA ASN A 40 -13.30 -1.11 3.76
C ASN A 40 -13.34 -1.86 2.44
N GLN A 41 -13.33 -1.11 1.34
CA GLN A 41 -13.37 -1.71 0.01
C GLN A 41 -11.96 -1.99 -0.50
N TRP A 42 -11.69 -3.26 -0.77
CA TRP A 42 -10.38 -3.67 -1.26
C TRP A 42 -10.20 -3.28 -2.73
N ASP A 43 -11.32 -3.18 -3.44
CA ASP A 43 -11.29 -2.82 -4.86
C ASP A 43 -10.95 -1.34 -5.04
N HIS A 44 -11.38 -0.52 -4.08
CA HIS A 44 -11.12 0.91 -4.12
C HIS A 44 -9.64 1.21 -3.86
N VAL A 45 -9.00 0.36 -3.07
CA VAL A 45 -7.59 0.53 -2.75
C VAL A 45 -6.70 0.11 -3.91
N LEU A 46 -7.02 -1.04 -4.50
CA LEU A 46 -6.26 -1.55 -5.63
C LEU A 46 -6.38 -0.62 -6.84
N GLN A 47 -7.39 0.24 -6.82
CA GLN A 47 -7.62 1.18 -7.91
C GLN A 47 -6.89 2.49 -7.65
N MET A 48 -6.74 2.85 -6.39
CA MET A 48 -6.07 4.08 -6.01
C MET A 48 -4.56 3.86 -5.84
N VAL A 49 -4.19 2.62 -5.53
CA VAL A 49 -2.79 2.27 -5.34
C VAL A 49 -2.03 2.31 -6.65
N THR A 50 -2.72 1.97 -7.74
CA THR A 50 -2.11 1.97 -9.06
C THR A 50 -1.69 3.38 -9.48
N GLU A 51 -2.56 4.35 -9.22
CA GLU A 51 -2.27 5.74 -9.56
C GLU A 51 -0.89 6.15 -9.06
N LYS A 52 -0.48 5.58 -7.94
CA LYS A 52 0.82 5.89 -7.37
C LYS A 52 1.88 4.89 -7.85
N ILE A 53 1.53 3.61 -7.85
CA ILE A 53 2.45 2.57 -8.29
C ILE A 53 2.00 1.96 -9.61
N THR A 54 2.63 2.38 -10.70
CA THR A 54 2.28 1.89 -12.03
C THR A 54 3.18 0.70 -12.42
N LEU A 55 2.64 -0.50 -12.28
CA LEU A 55 3.38 -1.70 -12.63
C LEU A 55 3.60 -1.81 -14.13
N ARG A 56 4.82 -2.17 -14.53
CA ARG A 56 5.16 -2.31 -15.93
C ARG A 56 4.18 -3.26 -16.64
N SER A 57 3.64 -4.21 -15.88
CA SER A 57 2.70 -5.18 -16.42
C SER A 57 1.29 -4.59 -16.51
N GLY A 58 1.01 -3.63 -15.63
CA GLY A 58 -0.30 -3.00 -15.62
C GLY A 58 -0.65 -2.42 -14.27
N ALA A 59 -1.87 -2.68 -13.81
CA ALA A 59 -2.33 -2.17 -12.52
C ALA A 59 -2.09 -3.20 -11.41
N VAL A 60 -2.50 -2.85 -10.20
CA VAL A 60 -2.33 -3.74 -9.06
C VAL A 60 -3.53 -4.67 -8.91
N HIS A 61 -3.26 -5.91 -8.50
CA HIS A 61 -4.32 -6.90 -8.32
C HIS A 61 -4.30 -7.46 -6.90
N ARG A 62 -3.13 -7.38 -6.25
CA ARG A 62 -2.98 -7.88 -4.89
C ARG A 62 -1.85 -7.16 -4.17
N LEU A 63 -1.89 -7.18 -2.84
CA LEU A 63 -0.86 -6.53 -2.04
C LEU A 63 -0.01 -7.55 -1.29
N TYR A 64 1.20 -7.16 -0.92
CA TYR A 64 2.10 -8.05 -0.20
C TYR A 64 3.05 -7.26 0.69
N THR A 65 3.13 -7.64 1.95
CA THR A 65 4.01 -6.97 2.91
C THR A 65 5.47 -7.31 2.65
N LEU A 66 6.35 -6.76 3.48
CA LEU A 66 7.79 -7.01 3.34
C LEU A 66 8.15 -8.39 3.87
N GLU A 67 7.24 -8.98 4.64
CA GLU A 67 7.47 -10.30 5.21
C GLU A 67 6.99 -11.40 4.26
N GLY A 68 6.22 -10.99 3.25
CA GLY A 68 5.71 -11.96 2.29
C GLY A 68 4.25 -12.30 2.52
N LYS A 69 3.61 -11.55 3.43
CA LYS A 69 2.22 -11.79 3.75
C LYS A 69 1.30 -11.21 2.66
N LEU A 70 0.08 -11.72 2.58
CA LEU A 70 -0.88 -11.26 1.60
C LEU A 70 -2.07 -10.57 2.27
N VAL A 71 -2.34 -9.34 1.87
CA VAL A 71 -3.45 -8.57 2.42
C VAL A 71 -4.66 -8.62 1.51
N GLU A 72 -5.49 -9.64 1.69
CA GLU A 72 -6.69 -9.81 0.87
C GLU A 72 -7.70 -8.71 1.17
N SER A 73 -7.39 -7.87 2.17
CA SER A 73 -8.27 -6.79 2.55
C SER A 73 -7.54 -5.78 3.44
N GLY A 74 -7.95 -4.52 3.38
CA GLY A 74 -7.33 -3.50 4.19
C GLY A 74 -7.39 -3.80 5.68
N ALA A 75 -8.17 -4.81 6.03
CA ALA A 75 -8.32 -5.21 7.43
C ALA A 75 -6.97 -5.59 8.03
N GLU A 76 -6.00 -5.91 7.18
CA GLU A 76 -4.67 -6.29 7.63
C GLU A 76 -3.71 -5.11 7.53
N LEU A 77 -4.09 -4.12 6.74
CA LEU A 77 -3.26 -2.93 6.56
C LEU A 77 -2.98 -2.25 7.90
N GLU A 78 -2.00 -1.34 7.90
CA GLU A 78 -1.65 -0.61 9.11
C GLU A 78 -1.30 0.83 8.80
N ASN A 79 -1.31 1.67 9.83
CA ASN A 79 -1.00 3.09 9.67
C ASN A 79 0.49 3.36 9.91
N GLY A 80 1.16 3.86 8.88
CA GLY A 80 2.58 4.15 9.00
C GLY A 80 3.45 2.97 8.60
N GLN A 81 2.84 1.98 7.95
CA GLN A 81 3.58 0.80 7.52
C GLN A 81 3.81 0.82 6.01
N PHE A 82 4.47 -0.21 5.51
CA PHE A 82 4.75 -0.31 4.08
C PHE A 82 4.13 -1.56 3.48
N TYR A 83 3.79 -1.49 2.19
CA TYR A 83 3.19 -2.63 1.50
C TYR A 83 3.56 -2.61 0.01
N VAL A 84 4.01 -3.77 -0.48
CA VAL A 84 4.39 -3.89 -1.88
C VAL A 84 3.19 -4.21 -2.75
N ALA A 85 3.08 -3.52 -3.89
CA ALA A 85 1.98 -3.72 -4.81
C ALA A 85 2.33 -4.79 -5.86
N VAL A 86 1.56 -5.87 -5.87
CA VAL A 86 1.79 -6.95 -6.82
C VAL A 86 0.62 -7.09 -7.78
N GLY A 87 0.92 -7.15 -9.07
CA GLY A 87 -0.12 -7.29 -10.07
C GLY A 87 -0.51 -8.74 -10.31
N ARG A 88 -0.43 -9.18 -11.55
CA ARG A 88 -0.78 -10.55 -11.91
C ARG A 88 0.46 -11.42 -12.02
N ASP A 89 1.36 -11.29 -11.04
CA ASP A 89 2.59 -12.07 -11.03
C ASP A 89 3.06 -12.32 -9.61
N LYS A 90 3.50 -13.55 -9.34
CA LYS A 90 3.97 -13.92 -8.01
C LYS A 90 4.72 -12.76 -7.36
N PHE A 91 4.72 -12.74 -6.03
CA PHE A 91 5.40 -11.69 -5.28
C PHE A 91 6.90 -11.97 -5.19
N LYS A 92 7.70 -11.03 -5.68
CA LYS A 92 9.15 -11.18 -5.65
C LYS A 92 9.70 -10.85 -4.27
N LYS A 93 9.72 -11.84 -3.39
CA LYS A 93 10.22 -11.65 -2.03
C LYS A 93 11.56 -10.92 -2.05
N LEU A 94 11.53 -9.64 -1.68
CA LEU A 94 12.75 -8.83 -1.65
C LEU A 94 12.73 -7.86 -0.47
N PRO A 95 13.92 -7.48 0.00
CA PRO A 95 14.06 -6.55 1.13
C PRO A 95 13.63 -5.13 0.78
N TYR A 96 12.48 -4.72 1.28
CA TYR A 96 11.96 -3.38 1.02
C TYR A 96 12.13 -2.48 2.24
N GLY A 97 12.04 -3.08 3.42
CA GLY A 97 12.18 -2.31 4.65
C GLY A 97 13.53 -1.62 4.76
N GLU A 98 14.46 -2.00 3.88
CA GLU A 98 15.79 -1.42 3.87
C GLU A 98 15.84 -0.16 3.02
N LEU A 99 15.02 -0.14 1.97
CA LEU A 99 14.97 1.01 1.07
C LEU A 99 14.29 2.21 1.74
N LEU A 100 13.53 1.93 2.79
CA LEU A 100 12.84 2.98 3.53
C LEU A 100 13.82 3.79 4.36
N PHE A 101 14.42 3.16 5.36
CA PHE A 101 15.37 3.82 6.24
C PHE A 101 16.73 3.12 6.18
N ASP A 102 17.72 3.80 5.63
CA ASP A 102 19.07 3.25 5.52
C ASP A 102 19.60 2.86 6.90
N SER A 103 20.70 2.11 6.91
CA SER A 103 21.32 1.67 8.16
C SER A 103 22.83 1.84 8.11
N GLY A 104 23.39 2.45 9.16
CA GLY A 104 24.82 2.66 9.21
C GLY A 104 25.60 1.41 8.88
N PRO A 105 25.98 0.65 9.92
CA PRO A 105 26.74 -0.59 9.76
C PRO A 105 25.92 -1.69 9.11
N SER A 106 25.86 -1.68 7.78
CA SER A 106 25.11 -2.68 7.04
C SER A 106 25.36 -2.55 5.54
N SER A 107 25.74 -3.65 4.91
CA SER A 107 26.00 -3.67 3.47
C SER A 107 25.28 -4.81 2.79
N GLY A 108 24.56 -4.50 1.72
CA GLY A 108 23.83 -5.51 0.99
C GLY A 108 24.58 -6.02 -0.22
N GLY A 1 -32.34 21.68 -1.08
CA GLY A 1 -32.24 21.14 0.26
C GLY A 1 -31.79 19.69 0.28
N SER A 2 -32.75 18.78 0.23
CA SER A 2 -32.45 17.35 0.25
C SER A 2 -31.26 17.07 1.16
N SER A 3 -31.25 17.68 2.33
CA SER A 3 -30.17 17.50 3.29
C SER A 3 -30.62 16.65 4.47
N GLY A 4 -29.71 16.39 5.40
CA GLY A 4 -30.04 15.59 6.57
C GLY A 4 -29.21 14.32 6.65
N SER A 5 -28.83 13.94 7.87
CA SER A 5 -28.03 12.75 8.09
C SER A 5 -28.90 11.60 8.59
N SER A 6 -28.58 10.39 8.14
CA SER A 6 -29.33 9.21 8.55
C SER A 6 -29.43 9.11 10.07
N GLY A 7 -28.27 9.11 10.72
CA GLY A 7 -28.24 9.02 12.16
C GLY A 7 -26.96 9.59 12.76
N ARG A 8 -26.07 8.71 13.19
CA ARG A 8 -24.80 9.12 13.78
C ARG A 8 -23.69 8.14 13.44
N LYS A 9 -22.60 8.66 12.87
CA LYS A 9 -21.46 7.83 12.49
C LYS A 9 -20.32 7.96 13.50
N PRO A 10 -19.62 6.85 13.76
CA PRO A 10 -18.50 6.82 14.70
C PRO A 10 -17.28 7.59 14.18
N LEU A 11 -16.18 7.46 14.89
CA LEU A 11 -14.94 8.13 14.50
C LEU A 11 -14.34 7.49 13.25
N GLN A 12 -14.18 8.28 12.21
CA GLN A 12 -13.61 7.79 10.95
C GLN A 12 -12.36 8.59 10.57
N GLU A 13 -11.20 8.07 10.96
CA GLU A 13 -9.93 8.72 10.67
C GLU A 13 -9.20 8.00 9.55
N PRO A 14 -8.57 8.78 8.65
CA PRO A 14 -7.83 8.24 7.51
C PRO A 14 -6.53 7.54 7.94
N CYS A 15 -5.91 6.84 7.01
CA CYS A 15 -4.67 6.13 7.29
C CYS A 15 -3.66 6.32 6.16
N THR A 16 -2.42 6.61 6.52
CA THR A 16 -1.36 6.82 5.54
C THR A 16 -0.47 5.59 5.43
N ILE A 17 -0.48 4.96 4.25
CA ILE A 17 0.33 3.77 4.01
C ILE A 17 1.27 3.98 2.82
N PHE A 18 2.38 3.25 2.83
CA PHE A 18 3.36 3.34 1.75
C PHE A 18 3.19 2.21 0.75
N LEU A 19 3.40 2.50 -0.52
CA LEU A 19 3.27 1.49 -1.57
C LEU A 19 4.53 1.41 -2.41
N ILE A 20 4.80 0.23 -2.96
CA ILE A 20 5.99 0.03 -3.78
C ILE A 20 5.68 -0.87 -4.98
N ALA A 21 6.45 -0.70 -6.05
CA ALA A 21 6.25 -1.50 -7.26
C ALA A 21 6.91 -2.86 -7.13
N ASN A 22 6.17 -3.91 -7.50
CA ASN A 22 6.67 -5.27 -7.43
C ASN A 22 7.82 -5.49 -8.41
N GLY A 23 8.92 -6.04 -7.92
CA GLY A 23 10.07 -6.29 -8.77
C GLY A 23 10.87 -5.03 -9.05
N ASP A 24 10.64 -3.99 -8.25
CA ASP A 24 11.34 -2.73 -8.41
C ASP A 24 12.24 -2.45 -7.21
N LEU A 25 13.54 -2.38 -7.46
CA LEU A 25 14.51 -2.12 -6.40
C LEU A 25 15.32 -0.87 -6.69
N ILE A 26 14.74 0.04 -7.47
CA ILE A 26 15.40 1.28 -7.83
C ILE A 26 14.62 2.49 -7.33
N ASN A 27 13.30 2.42 -7.45
CA ASN A 27 12.44 3.52 -7.01
C ASN A 27 11.89 3.24 -5.61
N PRO A 28 11.88 4.27 -4.76
CA PRO A 28 11.38 4.17 -3.38
C PRO A 28 9.87 4.00 -3.32
N ALA A 29 9.33 3.95 -2.12
CA ALA A 29 7.90 3.78 -1.93
C ALA A 29 7.16 5.10 -2.14
N SER A 30 5.84 5.04 -2.08
CA SER A 30 5.01 6.24 -2.28
C SER A 30 3.97 6.36 -1.17
N ARG A 31 3.99 7.50 -0.47
CA ARG A 31 3.06 7.74 0.61
C ARG A 31 1.66 8.03 0.07
N LEU A 32 0.71 7.18 0.42
CA LEU A 32 -0.68 7.33 -0.03
C LEU A 32 -1.65 7.17 1.13
N LEU A 33 -2.64 8.06 1.19
CA LEU A 33 -3.63 8.03 2.24
C LEU A 33 -4.94 7.41 1.74
N ILE A 34 -5.56 6.59 2.58
CA ILE A 34 -6.82 5.95 2.22
C ILE A 34 -7.89 6.21 3.27
N PRO A 35 -8.97 6.89 2.84
CA PRO A 35 -10.10 7.22 3.72
C PRO A 35 -10.90 5.99 4.13
N ARG A 36 -11.30 5.95 5.40
CA ARG A 36 -12.07 4.83 5.92
C ARG A 36 -13.06 4.32 4.87
N LYS A 37 -13.71 5.24 4.17
CA LYS A 37 -14.68 4.89 3.14
C LYS A 37 -14.08 3.89 2.15
N THR A 38 -12.86 4.17 1.70
CA THR A 38 -12.18 3.29 0.76
C THR A 38 -11.69 2.02 1.44
N LEU A 39 -11.18 2.17 2.66
CA LEU A 39 -10.68 1.03 3.42
C LEU A 39 -11.71 -0.08 3.48
N ASN A 40 -12.98 0.31 3.54
CA ASN A 40 -14.07 -0.67 3.61
C ASN A 40 -14.15 -1.48 2.33
N GLN A 41 -13.65 -0.91 1.23
CA GLN A 41 -13.66 -1.59 -0.06
C GLN A 41 -12.24 -1.88 -0.53
N TRP A 42 -11.97 -3.15 -0.81
CA TRP A 42 -10.64 -3.57 -1.28
C TRP A 42 -10.43 -3.15 -2.73
N ASP A 43 -11.47 -3.30 -3.54
CA ASP A 43 -11.40 -2.95 -4.96
C ASP A 43 -11.01 -1.48 -5.13
N HIS A 44 -11.64 -0.61 -4.34
CA HIS A 44 -11.36 0.82 -4.41
C HIS A 44 -9.88 1.10 -4.20
N VAL A 45 -9.27 0.38 -3.26
CA VAL A 45 -7.86 0.56 -2.97
C VAL A 45 -7.00 0.20 -4.18
N LEU A 46 -7.09 -1.06 -4.61
CA LEU A 46 -6.31 -1.54 -5.74
C LEU A 46 -6.43 -0.57 -6.92
N GLN A 47 -7.50 0.22 -6.93
CA GLN A 47 -7.72 1.19 -8.00
C GLN A 47 -7.00 2.49 -7.70
N MET A 48 -6.83 2.80 -6.42
CA MET A 48 -6.15 4.03 -6.01
C MET A 48 -4.65 3.80 -5.89
N VAL A 49 -4.27 2.76 -5.14
CA VAL A 49 -2.86 2.43 -4.94
C VAL A 49 -2.10 2.45 -6.27
N THR A 50 -2.69 1.83 -7.29
CA THR A 50 -2.07 1.78 -8.61
C THR A 50 -1.60 3.16 -9.04
N GLU A 51 -2.51 4.12 -9.05
CA GLU A 51 -2.18 5.49 -9.45
C GLU A 51 -0.80 5.88 -8.95
N LYS A 52 -0.46 5.42 -7.75
CA LYS A 52 0.84 5.73 -7.15
C LYS A 52 1.90 4.73 -7.61
N ILE A 53 1.51 3.45 -7.65
CA ILE A 53 2.42 2.40 -8.07
C ILE A 53 1.95 1.73 -9.36
N THR A 54 2.49 2.17 -10.49
CA THR A 54 2.12 1.62 -11.78
C THR A 54 3.06 0.50 -12.19
N LEU A 55 2.60 -0.74 -12.07
CA LEU A 55 3.40 -1.90 -12.43
C LEU A 55 3.63 -1.95 -13.94
N ARG A 56 4.70 -2.64 -14.34
CA ARG A 56 5.03 -2.77 -15.76
C ARG A 56 3.92 -3.52 -16.50
N SER A 57 3.29 -4.46 -15.81
CA SER A 57 2.22 -5.26 -16.41
C SER A 57 0.95 -4.44 -16.55
N GLY A 58 0.77 -3.47 -15.66
CA GLY A 58 -0.41 -2.62 -15.71
C GLY A 58 -0.81 -2.11 -14.34
N ALA A 59 -1.93 -2.61 -13.82
CA ALA A 59 -2.42 -2.20 -12.52
C ALA A 59 -2.24 -3.31 -11.48
N VAL A 60 -2.34 -2.96 -10.21
CA VAL A 60 -2.20 -3.93 -9.13
C VAL A 60 -3.53 -4.55 -8.76
N HIS A 61 -3.51 -5.83 -8.40
CA HIS A 61 -4.72 -6.54 -8.01
C HIS A 61 -4.60 -7.10 -6.60
N ARG A 62 -3.37 -7.35 -6.18
CA ARG A 62 -3.12 -7.89 -4.85
C ARG A 62 -2.02 -7.10 -4.14
N LEU A 63 -1.93 -7.26 -2.82
CA LEU A 63 -0.94 -6.57 -2.02
C LEU A 63 -0.07 -7.55 -1.25
N TYR A 64 1.21 -7.21 -1.09
CA TYR A 64 2.15 -8.07 -0.38
C TYR A 64 3.12 -7.24 0.45
N THR A 65 3.26 -7.58 1.72
CA THR A 65 4.16 -6.87 2.62
C THR A 65 5.61 -7.12 2.24
N LEU A 66 6.53 -6.47 2.96
CA LEU A 66 7.95 -6.63 2.71
C LEU A 66 8.45 -7.99 3.17
N GLU A 67 7.65 -8.65 4.00
CA GLU A 67 8.01 -9.96 4.53
C GLU A 67 7.50 -11.07 3.61
N GLY A 68 6.43 -10.77 2.87
CA GLY A 68 5.85 -11.75 1.96
C GLY A 68 4.46 -12.18 2.38
N LYS A 69 3.79 -11.33 3.16
CA LYS A 69 2.45 -11.63 3.64
C LYS A 69 1.39 -11.13 2.65
N LEU A 70 0.23 -11.78 2.66
CA LEU A 70 -0.86 -11.40 1.76
C LEU A 70 -1.93 -10.61 2.51
N VAL A 71 -2.35 -9.49 1.93
CA VAL A 71 -3.37 -8.65 2.54
C VAL A 71 -4.65 -8.65 1.72
N GLU A 72 -5.50 -9.65 1.97
CA GLU A 72 -6.77 -9.77 1.25
C GLU A 72 -7.62 -8.54 1.44
N SER A 73 -7.39 -7.82 2.55
CA SER A 73 -8.14 -6.62 2.85
C SER A 73 -7.28 -5.62 3.62
N GLY A 74 -7.67 -4.35 3.58
CA GLY A 74 -6.94 -3.32 4.29
C GLY A 74 -6.93 -3.52 5.79
N ALA A 75 -7.64 -4.54 6.24
CA ALA A 75 -7.72 -4.84 7.67
C ALA A 75 -6.34 -5.18 8.24
N GLU A 76 -5.45 -5.65 7.36
CA GLU A 76 -4.10 -6.00 7.78
C GLU A 76 -3.14 -4.83 7.59
N LEU A 77 -3.70 -3.63 7.48
CA LEU A 77 -2.90 -2.43 7.30
C LEU A 77 -2.67 -1.72 8.64
N GLU A 78 -1.66 -0.85 8.67
CA GLU A 78 -1.33 -0.10 9.88
C GLU A 78 -0.90 1.31 9.55
N ASN A 79 -1.04 2.21 10.52
CA ASN A 79 -0.67 3.61 10.34
C ASN A 79 0.84 3.77 10.27
N GLY A 80 1.37 3.91 9.05
CA GLY A 80 2.80 4.07 8.87
C GLY A 80 3.48 2.77 8.50
N GLN A 81 2.85 1.99 7.64
CA GLN A 81 3.40 0.71 7.20
C GLN A 81 3.70 0.72 5.71
N PHE A 82 4.39 -0.31 5.24
CA PHE A 82 4.74 -0.42 3.83
C PHE A 82 4.16 -1.70 3.23
N TYR A 83 3.68 -1.60 1.99
CA TYR A 83 3.10 -2.76 1.31
C TYR A 83 3.38 -2.68 -0.19
N VAL A 84 3.91 -3.76 -0.74
CA VAL A 84 4.22 -3.83 -2.17
C VAL A 84 2.99 -4.22 -2.98
N ALA A 85 2.79 -3.56 -4.11
CA ALA A 85 1.66 -3.84 -4.97
C ALA A 85 2.03 -4.87 -6.04
N VAL A 86 1.33 -6.00 -6.03
CA VAL A 86 1.58 -7.07 -6.99
C VAL A 86 0.39 -7.25 -7.94
N GLY A 87 0.67 -7.25 -9.23
CA GLY A 87 -0.39 -7.41 -10.22
C GLY A 87 -0.87 -8.85 -10.33
N ARG A 88 -1.31 -9.24 -11.52
CA ARG A 88 -1.79 -10.59 -11.74
C ARG A 88 -0.64 -11.57 -11.94
N ASP A 89 0.39 -11.44 -11.09
CA ASP A 89 1.55 -12.30 -11.16
C ASP A 89 2.04 -12.69 -9.77
N LYS A 90 3.14 -13.44 -9.71
CA LYS A 90 3.70 -13.87 -8.44
C LYS A 90 4.40 -12.71 -7.73
N PHE A 91 4.42 -12.77 -6.40
CA PHE A 91 5.06 -11.73 -5.60
C PHE A 91 6.56 -11.93 -5.53
N LYS A 92 7.31 -11.05 -6.20
CA LYS A 92 8.76 -11.13 -6.22
C LYS A 92 9.35 -10.72 -4.87
N LYS A 93 9.43 -11.67 -3.95
CA LYS A 93 9.98 -11.40 -2.62
C LYS A 93 11.33 -10.69 -2.73
N LEU A 94 11.30 -9.37 -2.55
CA LEU A 94 12.52 -8.57 -2.62
C LEU A 94 12.60 -7.59 -1.45
N PRO A 95 13.83 -7.26 -1.03
CA PRO A 95 14.07 -6.34 0.08
C PRO A 95 13.70 -4.90 -0.28
N TYR A 96 12.65 -4.40 0.34
CA TYR A 96 12.18 -3.04 0.08
C TYR A 96 12.34 -2.17 1.33
N GLY A 97 12.24 -2.80 2.50
CA GLY A 97 12.37 -2.06 3.74
C GLY A 97 13.60 -1.19 3.76
N GLU A 98 14.56 -1.49 2.90
CA GLU A 98 15.80 -0.71 2.82
C GLU A 98 15.63 0.51 1.93
N LEU A 99 14.88 0.34 0.84
CA LEU A 99 14.64 1.42 -0.10
C LEU A 99 13.85 2.55 0.56
N LEU A 100 13.11 2.22 1.61
CA LEU A 100 12.31 3.21 2.33
C LEU A 100 13.21 4.24 2.99
N PHE A 101 14.12 3.77 3.85
CA PHE A 101 15.04 4.66 4.55
C PHE A 101 16.42 4.03 4.66
N ASP A 102 17.32 4.72 5.35
CA ASP A 102 18.68 4.22 5.53
C ASP A 102 18.69 2.74 5.88
N SER A 103 19.65 2.01 5.33
CA SER A 103 19.76 0.58 5.57
C SER A 103 21.20 0.18 5.89
N GLY A 104 22.11 0.56 5.00
CA GLY A 104 23.51 0.24 5.20
C GLY A 104 24.42 0.98 4.24
N PRO A 105 24.71 0.35 3.08
CA PRO A 105 25.58 0.95 2.06
C PRO A 105 24.92 2.13 1.36
N SER A 106 23.62 2.02 1.11
CA SER A 106 22.88 3.08 0.45
C SER A 106 23.65 3.63 -0.75
N SER A 107 24.12 2.72 -1.60
CA SER A 107 24.88 3.11 -2.78
C SER A 107 24.19 2.65 -4.05
N GLY A 108 23.38 3.53 -4.64
CA GLY A 108 22.66 3.19 -5.86
C GLY A 108 21.19 3.54 -5.78
N GLY A 1 -19.06 16.50 -12.70
CA GLY A 1 -19.52 17.87 -12.80
C GLY A 1 -20.31 18.30 -11.58
N SER A 2 -19.60 18.66 -10.52
CA SER A 2 -20.25 19.09 -9.28
C SER A 2 -19.40 20.14 -8.56
N SER A 3 -20.07 21.08 -7.91
CA SER A 3 -19.39 22.15 -7.20
C SER A 3 -18.96 21.68 -5.80
N GLY A 4 -19.92 21.20 -5.03
CA GLY A 4 -19.64 20.72 -3.69
C GLY A 4 -18.96 21.78 -2.84
N SER A 5 -19.71 22.35 -1.91
CA SER A 5 -19.18 23.38 -1.03
C SER A 5 -18.89 22.82 0.36
N SER A 6 -19.85 22.07 0.90
CA SER A 6 -19.70 21.48 2.23
C SER A 6 -19.22 20.03 2.11
N GLY A 7 -18.03 19.77 2.63
CA GLY A 7 -17.48 18.42 2.58
C GLY A 7 -16.51 18.15 3.72
N ARG A 8 -17.04 17.66 4.83
CA ARG A 8 -16.21 17.35 6.00
C ARG A 8 -16.23 15.85 6.30
N LYS A 9 -15.06 15.24 6.28
CA LYS A 9 -14.94 13.81 6.56
C LYS A 9 -15.56 13.47 7.92
N PRO A 10 -16.23 12.30 7.98
CA PRO A 10 -16.87 11.83 9.21
C PRO A 10 -15.87 11.42 10.27
N LEU A 11 -16.37 11.08 11.45
CA LEU A 11 -15.50 10.67 12.56
C LEU A 11 -14.41 9.73 12.07
N GLN A 12 -14.75 8.90 11.08
CA GLN A 12 -13.79 7.96 10.52
C GLN A 12 -12.56 8.68 9.96
N GLU A 13 -11.48 8.67 10.72
CA GLU A 13 -10.25 9.33 10.30
C GLU A 13 -9.47 8.45 9.34
N PRO A 14 -8.87 9.08 8.30
CA PRO A 14 -8.09 8.36 7.29
C PRO A 14 -6.78 7.83 7.84
N CYS A 15 -6.10 7.02 7.04
CA CYS A 15 -4.82 6.43 7.46
C CYS A 15 -3.82 6.47 6.31
N THR A 16 -2.58 6.87 6.64
CA THR A 16 -1.52 6.96 5.64
C THR A 16 -0.64 5.71 5.66
N ILE A 17 -0.49 5.07 4.51
CA ILE A 17 0.33 3.86 4.40
C ILE A 17 1.38 4.01 3.31
N PHE A 18 2.34 3.09 3.28
CA PHE A 18 3.40 3.13 2.28
C PHE A 18 3.29 1.94 1.33
N LEU A 19 3.35 2.21 0.03
CA LEU A 19 3.25 1.17 -0.98
C LEU A 19 4.45 1.22 -1.93
N ILE A 20 4.81 0.06 -2.46
CA ILE A 20 5.94 -0.03 -3.38
C ILE A 20 5.58 -0.85 -4.63
N ALA A 21 6.39 -0.73 -5.66
CA ALA A 21 6.15 -1.45 -6.91
C ALA A 21 6.84 -2.81 -6.89
N ASN A 22 6.05 -3.88 -6.93
CA ASN A 22 6.60 -5.23 -6.91
C ASN A 22 7.66 -5.41 -7.99
N GLY A 23 8.88 -5.70 -7.57
CA GLY A 23 9.98 -5.88 -8.52
C GLY A 23 10.89 -4.67 -8.59
N ASP A 24 10.38 -3.53 -8.14
CA ASP A 24 11.17 -2.29 -8.17
C ASP A 24 12.03 -2.18 -6.92
N LEU A 25 13.35 -2.19 -7.11
CA LEU A 25 14.29 -2.09 -6.01
C LEU A 25 15.15 -0.84 -6.14
N ILE A 26 14.64 0.16 -6.86
CA ILE A 26 15.37 1.40 -7.06
C ILE A 26 14.61 2.58 -6.45
N ASN A 27 13.30 2.64 -6.72
CA ASN A 27 12.47 3.72 -6.19
C ASN A 27 11.78 3.28 -4.91
N PRO A 28 11.66 4.23 -3.96
CA PRO A 28 11.01 3.97 -2.66
C PRO A 28 9.50 3.77 -2.79
N ALA A 29 8.81 3.79 -1.66
CA ALA A 29 7.36 3.62 -1.65
C ALA A 29 6.65 4.92 -2.02
N SER A 30 5.32 4.87 -2.03
CA SER A 30 4.52 6.04 -2.37
C SER A 30 3.53 6.37 -1.26
N ARG A 31 3.90 7.31 -0.40
CA ARG A 31 3.04 7.72 0.71
C ARG A 31 1.65 8.09 0.21
N LEU A 32 0.73 7.12 0.26
CA LEU A 32 -0.64 7.34 -0.18
C LEU A 32 -1.62 7.11 0.95
N LEU A 33 -2.51 8.06 1.16
CA LEU A 33 -3.52 7.96 2.21
C LEU A 33 -4.76 7.22 1.72
N ILE A 34 -5.43 6.54 2.64
CA ILE A 34 -6.65 5.80 2.30
C ILE A 34 -7.77 6.10 3.27
N PRO A 35 -8.89 6.63 2.74
CA PRO A 35 -10.05 6.98 3.54
C PRO A 35 -10.79 5.75 4.06
N ARG A 36 -11.29 5.84 5.28
CA ARG A 36 -12.01 4.73 5.90
C ARG A 36 -13.10 4.19 4.95
N LYS A 37 -13.58 5.05 4.07
CA LYS A 37 -14.61 4.68 3.11
C LYS A 37 -14.05 3.72 2.07
N THR A 38 -12.77 3.88 1.75
CA THR A 38 -12.12 3.03 0.76
C THR A 38 -11.51 1.79 1.42
N LEU A 39 -11.02 1.96 2.64
CA LEU A 39 -10.41 0.85 3.38
C LEU A 39 -11.37 -0.34 3.47
N ASN A 40 -12.67 -0.05 3.35
CA ASN A 40 -13.68 -1.10 3.42
C ASN A 40 -13.78 -1.84 2.09
N GLN A 41 -13.62 -1.10 0.99
CA GLN A 41 -13.70 -1.69 -0.34
C GLN A 41 -12.31 -1.98 -0.89
N TRP A 42 -12.06 -3.24 -1.21
CA TRP A 42 -10.76 -3.65 -1.76
C TRP A 42 -10.62 -3.22 -3.21
N ASP A 43 -11.74 -3.10 -3.91
CA ASP A 43 -11.73 -2.70 -5.30
C ASP A 43 -11.62 -1.19 -5.43
N HIS A 44 -11.72 -0.49 -4.31
CA HIS A 44 -11.63 0.97 -4.30
C HIS A 44 -10.21 1.40 -3.94
N VAL A 45 -9.54 0.61 -3.12
CA VAL A 45 -8.17 0.92 -2.71
C VAL A 45 -7.16 0.51 -3.78
N LEU A 46 -7.43 -0.60 -4.45
CA LEU A 46 -6.55 -1.10 -5.50
C LEU A 46 -6.69 -0.26 -6.76
N GLN A 47 -7.73 0.56 -6.81
CA GLN A 47 -7.97 1.41 -7.97
C GLN A 47 -7.27 2.76 -7.81
N MET A 48 -7.00 3.12 -6.56
CA MET A 48 -6.32 4.39 -6.27
C MET A 48 -4.83 4.19 -6.09
N VAL A 49 -4.43 3.01 -5.64
CA VAL A 49 -3.03 2.68 -5.43
C VAL A 49 -2.27 2.67 -6.76
N THR A 50 -2.88 2.05 -7.77
CA THR A 50 -2.26 1.95 -9.09
C THR A 50 -1.83 3.33 -9.59
N GLU A 51 -2.72 4.31 -9.44
CA GLU A 51 -2.44 5.67 -9.88
C GLU A 51 -1.11 6.16 -9.31
N LYS A 52 -0.71 5.59 -8.17
CA LYS A 52 0.53 5.97 -7.52
C LYS A 52 1.62 4.93 -7.80
N ILE A 53 1.22 3.69 -7.98
CA ILE A 53 2.16 2.61 -8.26
C ILE A 53 1.85 1.93 -9.59
N THR A 54 2.39 2.48 -10.67
CA THR A 54 2.16 1.93 -12.00
C THR A 54 3.14 0.81 -12.30
N LEU A 55 2.65 -0.43 -12.24
CA LEU A 55 3.49 -1.60 -12.51
C LEU A 55 3.73 -1.76 -14.01
N ARG A 56 4.75 -2.55 -14.36
CA ARG A 56 5.09 -2.79 -15.75
C ARG A 56 4.00 -3.59 -16.44
N SER A 57 3.51 -4.63 -15.77
CA SER A 57 2.46 -5.48 -16.31
C SER A 57 1.15 -4.73 -16.45
N GLY A 58 0.97 -3.73 -15.60
CA GLY A 58 -0.25 -2.93 -15.64
C GLY A 58 -0.61 -2.37 -14.28
N ALA A 59 -1.77 -2.75 -13.77
CA ALA A 59 -2.24 -2.29 -12.48
C ALA A 59 -2.09 -3.37 -11.41
N VAL A 60 -2.22 -2.97 -10.15
CA VAL A 60 -2.09 -3.90 -9.03
C VAL A 60 -3.42 -4.57 -8.73
N HIS A 61 -3.35 -5.77 -8.14
CA HIS A 61 -4.55 -6.52 -7.79
C HIS A 61 -4.47 -7.03 -6.36
N ARG A 62 -3.26 -7.34 -5.90
CA ARG A 62 -3.05 -7.85 -4.55
C ARG A 62 -1.95 -7.06 -3.85
N LEU A 63 -1.85 -7.24 -2.53
CA LEU A 63 -0.84 -6.54 -1.74
C LEU A 63 0.06 -7.54 -1.02
N TYR A 64 1.29 -7.12 -0.73
CA TYR A 64 2.25 -7.97 -0.05
C TYR A 64 3.24 -7.14 0.76
N THR A 65 3.42 -7.51 2.03
CA THR A 65 4.34 -6.80 2.91
C THR A 65 5.79 -7.10 2.56
N LEU A 66 6.72 -6.54 3.32
CA LEU A 66 8.14 -6.75 3.09
C LEU A 66 8.56 -8.14 3.57
N GLU A 67 7.72 -8.76 4.37
CA GLU A 67 8.00 -10.09 4.89
C GLU A 67 7.46 -11.18 3.96
N GLY A 68 6.50 -10.79 3.11
CA GLY A 68 5.91 -11.74 2.19
C GLY A 68 4.49 -12.11 2.56
N LYS A 69 3.86 -11.28 3.39
CA LYS A 69 2.50 -11.53 3.83
C LYS A 69 1.50 -11.20 2.72
N LEU A 70 0.28 -11.71 2.85
CA LEU A 70 -0.76 -11.46 1.86
C LEU A 70 -1.95 -10.73 2.49
N VAL A 71 -2.29 -9.59 1.91
CA VAL A 71 -3.40 -8.79 2.40
C VAL A 71 -4.58 -8.81 1.43
N GLU A 72 -5.38 -9.87 1.50
CA GLU A 72 -6.53 -10.01 0.62
C GLU A 72 -7.58 -8.95 0.92
N SER A 73 -7.57 -8.45 2.16
CA SER A 73 -8.52 -7.44 2.58
C SER A 73 -7.82 -6.31 3.34
N GLY A 74 -8.55 -5.23 3.59
CA GLY A 74 -7.98 -4.11 4.32
C GLY A 74 -7.99 -4.32 5.82
N ALA A 75 -8.07 -5.58 6.24
CA ALA A 75 -8.08 -5.92 7.65
C ALA A 75 -6.67 -6.19 8.16
N GLU A 76 -5.75 -6.46 7.24
CA GLU A 76 -4.37 -6.74 7.60
C GLU A 76 -3.49 -5.52 7.35
N LEU A 77 -4.10 -4.35 7.35
CA LEU A 77 -3.37 -3.10 7.12
C LEU A 77 -3.02 -2.43 8.45
N GLU A 78 -2.11 -1.47 8.40
CA GLU A 78 -1.68 -0.74 9.59
C GLU A 78 -1.23 0.66 9.24
N ASN A 79 -1.03 1.49 10.26
CA ASN A 79 -0.60 2.87 10.06
C ASN A 79 0.92 2.94 9.93
N GLY A 80 1.38 3.66 8.90
CA GLY A 80 2.81 3.80 8.69
C GLY A 80 3.47 2.48 8.33
N GLN A 81 2.72 1.59 7.70
CA GLN A 81 3.24 0.29 7.31
C GLN A 81 3.60 0.27 5.83
N PHE A 82 4.63 -0.49 5.48
CA PHE A 82 5.08 -0.60 4.10
C PHE A 82 4.52 -1.85 3.44
N TYR A 83 3.97 -1.69 2.24
CA TYR A 83 3.39 -2.81 1.51
C TYR A 83 3.90 -2.84 0.07
N VAL A 84 3.51 -3.87 -0.66
CA VAL A 84 3.93 -4.02 -2.06
C VAL A 84 2.73 -4.28 -2.96
N ALA A 85 2.64 -3.52 -4.05
CA ALA A 85 1.54 -3.68 -4.99
C ALA A 85 1.89 -4.69 -6.08
N VAL A 86 1.25 -5.86 -6.02
CA VAL A 86 1.50 -6.91 -7.00
C VAL A 86 0.36 -7.00 -8.00
N GLY A 87 0.70 -7.00 -9.28
CA GLY A 87 -0.32 -7.09 -10.32
C GLY A 87 -0.74 -8.52 -10.59
N ARG A 88 -1.15 -8.79 -11.83
CA ARG A 88 -1.58 -10.12 -12.22
C ARG A 88 -0.39 -11.05 -12.40
N ASP A 89 0.52 -11.05 -11.44
CA ASP A 89 1.71 -11.88 -11.50
C ASP A 89 2.16 -12.31 -10.10
N LYS A 90 3.25 -13.05 -10.03
CA LYS A 90 3.77 -13.52 -8.75
C LYS A 90 4.47 -12.39 -8.00
N PHE A 91 4.39 -12.42 -6.68
CA PHE A 91 5.02 -11.40 -5.85
C PHE A 91 6.51 -11.67 -5.69
N LYS A 92 7.32 -10.97 -6.48
CA LYS A 92 8.77 -11.13 -6.42
C LYS A 92 9.32 -10.62 -5.10
N LYS A 93 9.15 -11.43 -4.05
CA LYS A 93 9.64 -11.07 -2.73
C LYS A 93 11.04 -10.46 -2.81
N LEU A 94 11.17 -9.22 -2.34
CA LEU A 94 12.46 -8.54 -2.36
C LEU A 94 12.58 -7.58 -1.17
N PRO A 95 13.83 -7.28 -0.77
CA PRO A 95 14.12 -6.39 0.35
C PRO A 95 13.77 -4.94 0.03
N TYR A 96 12.64 -4.47 0.58
CA TYR A 96 12.20 -3.10 0.35
C TYR A 96 12.55 -2.20 1.53
N GLY A 97 12.49 -2.77 2.74
CA GLY A 97 12.79 -2.02 3.94
C GLY A 97 14.12 -1.28 3.83
N GLU A 98 14.94 -1.68 2.88
CA GLU A 98 16.24 -1.06 2.67
C GLU A 98 16.12 0.18 1.79
N LEU A 99 15.18 0.13 0.86
CA LEU A 99 14.95 1.25 -0.05
C LEU A 99 14.31 2.42 0.67
N LEU A 100 13.62 2.13 1.77
CA LEU A 100 12.95 3.16 2.55
C LEU A 100 13.96 4.15 3.13
N PHE A 101 14.87 3.64 3.96
CA PHE A 101 15.89 4.48 4.57
C PHE A 101 17.21 3.71 4.72
N ASP A 102 18.29 4.32 4.26
CA ASP A 102 19.61 3.70 4.34
C ASP A 102 20.18 3.82 5.75
N SER A 103 20.67 2.70 6.28
CA SER A 103 21.25 2.68 7.62
C SER A 103 22.09 3.92 7.86
N GLY A 104 23.03 4.19 6.97
CA GLY A 104 23.89 5.35 7.11
C GLY A 104 24.37 5.89 5.78
N PRO A 105 24.45 7.22 5.67
CA PRO A 105 24.88 7.90 4.44
C PRO A 105 26.37 7.69 4.16
N SER A 106 26.73 7.69 2.88
CA SER A 106 28.12 7.50 2.49
C SER A 106 28.66 8.74 1.77
N SER A 107 28.32 9.90 2.30
CA SER A 107 28.76 11.17 1.71
C SER A 107 30.27 11.16 1.48
N GLY A 108 30.76 12.16 0.77
CA GLY A 108 32.18 12.27 0.49
C GLY A 108 32.47 12.57 -0.97
N GLY A 1 -20.37 15.57 -13.92
CA GLY A 1 -20.03 16.91 -13.45
C GLY A 1 -19.34 16.89 -12.09
N SER A 2 -19.99 17.51 -11.11
CA SER A 2 -19.44 17.56 -9.76
C SER A 2 -20.42 16.99 -8.74
N SER A 3 -19.88 16.43 -7.66
CA SER A 3 -20.70 15.83 -6.62
C SER A 3 -20.23 16.26 -5.24
N GLY A 4 -21.03 17.10 -4.59
CA GLY A 4 -20.67 17.58 -3.26
C GLY A 4 -21.68 17.16 -2.21
N SER A 5 -22.29 18.14 -1.54
CA SER A 5 -23.27 17.87 -0.51
C SER A 5 -22.66 17.01 0.60
N SER A 6 -21.46 17.37 1.04
CA SER A 6 -20.77 16.64 2.09
C SER A 6 -20.27 17.59 3.18
N GLY A 7 -20.86 17.49 4.35
CA GLY A 7 -20.47 18.34 5.47
C GLY A 7 -19.62 17.61 6.49
N ARG A 8 -20.11 17.56 7.72
CA ARG A 8 -19.38 16.89 8.80
C ARG A 8 -19.19 15.42 8.48
N LYS A 9 -17.96 14.94 8.64
CA LYS A 9 -17.63 13.54 8.37
C LYS A 9 -17.75 12.69 9.64
N PRO A 10 -18.23 11.45 9.48
CA PRO A 10 -18.39 10.53 10.60
C PRO A 10 -17.06 10.05 11.16
N LEU A 11 -17.12 9.12 12.12
CA LEU A 11 -15.91 8.59 12.74
C LEU A 11 -15.13 7.73 11.76
N GLN A 12 -14.42 8.37 10.84
CA GLN A 12 -13.62 7.66 9.84
C GLN A 12 -12.21 8.24 9.77
N GLU A 13 -11.31 7.68 10.57
CA GLU A 13 -9.92 8.14 10.58
C GLU A 13 -9.13 7.50 9.45
N PRO A 14 -8.37 8.35 8.72
CA PRO A 14 -7.56 7.90 7.58
C PRO A 14 -6.36 7.06 8.03
N CYS A 15 -5.75 6.36 7.09
CA CYS A 15 -4.60 5.52 7.39
C CYS A 15 -3.50 5.71 6.34
N THR A 16 -2.59 6.64 6.62
CA THR A 16 -1.49 6.93 5.71
C THR A 16 -0.60 5.70 5.52
N ILE A 17 -0.71 5.07 4.35
CA ILE A 17 0.09 3.89 4.04
C ILE A 17 0.98 4.13 2.83
N PHE A 18 2.12 3.45 2.79
CA PHE A 18 3.05 3.59 1.68
C PHE A 18 2.96 2.40 0.73
N LEU A 19 3.16 2.66 -0.56
CA LEU A 19 3.08 1.61 -1.56
C LEU A 19 4.40 1.48 -2.31
N ILE A 20 4.68 0.28 -2.82
CA ILE A 20 5.91 0.03 -3.55
C ILE A 20 5.66 -0.91 -4.73
N ALA A 21 6.44 -0.72 -5.80
CA ALA A 21 6.30 -1.55 -6.99
C ALA A 21 7.02 -2.88 -6.82
N ASN A 22 6.27 -3.98 -6.94
CA ASN A 22 6.84 -5.31 -6.80
C ASN A 22 7.95 -5.55 -7.82
N GLY A 23 9.17 -5.76 -7.33
CA GLY A 23 10.29 -5.99 -8.21
C GLY A 23 11.17 -4.77 -8.37
N ASP A 24 10.64 -3.61 -7.99
CA ASP A 24 11.38 -2.35 -8.10
C ASP A 24 12.20 -2.11 -6.85
N LEU A 25 13.53 -2.15 -7.00
CA LEU A 25 14.44 -1.92 -5.87
C LEU A 25 15.35 -0.73 -6.13
N ILE A 26 14.87 0.22 -6.93
CA ILE A 26 15.64 1.41 -7.25
C ILE A 26 14.93 2.67 -6.75
N ASN A 27 13.62 2.69 -6.88
CA ASN A 27 12.82 3.84 -6.44
C ASN A 27 12.17 3.57 -5.09
N PRO A 28 12.04 4.61 -4.27
CA PRO A 28 11.42 4.51 -2.94
C PRO A 28 9.92 4.27 -3.02
N ALA A 29 9.25 4.40 -1.87
CA ALA A 29 7.80 4.20 -1.81
C ALA A 29 7.06 5.51 -2.03
N SER A 30 5.73 5.43 -2.11
CA SER A 30 4.90 6.61 -2.31
C SER A 30 3.81 6.69 -1.25
N ARG A 31 4.07 7.47 -0.21
CA ARG A 31 3.11 7.64 0.87
C ARG A 31 1.73 7.98 0.33
N LEU A 32 0.83 7.00 0.38
CA LEU A 32 -0.53 7.19 -0.11
C LEU A 32 -1.55 6.92 0.99
N LEU A 33 -2.32 7.95 1.35
CA LEU A 33 -3.33 7.83 2.39
C LEU A 33 -4.67 7.40 1.79
N ILE A 34 -5.43 6.65 2.57
CA ILE A 34 -6.74 6.17 2.12
C ILE A 34 -7.81 6.40 3.19
N PRO A 35 -8.94 6.99 2.79
CA PRO A 35 -10.06 7.27 3.69
C PRO A 35 -10.77 6.00 4.14
N ARG A 36 -10.94 5.87 5.46
CA ARG A 36 -11.62 4.70 6.02
C ARG A 36 -12.75 4.23 5.11
N LYS A 37 -13.46 5.19 4.52
CA LYS A 37 -14.56 4.87 3.62
C LYS A 37 -14.14 3.88 2.56
N THR A 38 -13.00 4.15 1.92
CA THR A 38 -12.47 3.27 0.88
C THR A 38 -12.03 1.93 1.45
N LEU A 39 -11.35 1.98 2.60
CA LEU A 39 -10.87 0.77 3.26
C LEU A 39 -11.95 -0.30 3.29
N ASN A 40 -13.19 0.13 3.55
CA ASN A 40 -14.31 -0.80 3.61
C ASN A 40 -14.30 -1.76 2.42
N GLN A 41 -13.86 -1.26 1.28
CA GLN A 41 -13.79 -2.07 0.06
C GLN A 41 -12.35 -2.45 -0.27
N TRP A 42 -12.18 -3.40 -1.17
CA TRP A 42 -10.85 -3.85 -1.57
C TRP A 42 -10.54 -3.44 -3.00
N ASP A 43 -11.57 -3.43 -3.85
CA ASP A 43 -11.41 -3.05 -5.24
C ASP A 43 -11.15 -1.55 -5.37
N HIS A 44 -11.81 -0.77 -4.50
CA HIS A 44 -11.65 0.68 -4.52
C HIS A 44 -10.25 1.09 -4.07
N VAL A 45 -9.74 0.40 -3.05
CA VAL A 45 -8.42 0.68 -2.52
C VAL A 45 -7.35 0.55 -3.60
N LEU A 46 -7.26 -0.64 -4.18
CA LEU A 46 -6.28 -0.90 -5.24
C LEU A 46 -6.35 0.18 -6.32
N GLN A 47 -7.56 0.61 -6.65
CA GLN A 47 -7.76 1.63 -7.67
C GLN A 47 -6.87 2.84 -7.40
N MET A 48 -6.60 3.10 -6.12
CA MET A 48 -5.76 4.22 -5.73
C MET A 48 -4.29 3.80 -5.62
N VAL A 49 -4.06 2.56 -5.20
CA VAL A 49 -2.71 2.05 -5.06
C VAL A 49 -1.97 2.05 -6.40
N THR A 50 -2.70 1.73 -7.47
CA THR A 50 -2.12 1.70 -8.80
C THR A 50 -1.72 3.10 -9.26
N GLU A 51 -2.53 4.09 -8.91
CA GLU A 51 -2.26 5.47 -9.29
C GLU A 51 -0.85 5.88 -8.87
N LYS A 52 -0.38 5.32 -7.77
CA LYS A 52 0.96 5.61 -7.26
C LYS A 52 1.97 4.58 -7.73
N ILE A 53 1.58 3.30 -7.66
CA ILE A 53 2.44 2.21 -8.09
C ILE A 53 1.86 1.47 -9.28
N THR A 54 2.33 1.83 -10.48
CA THR A 54 1.86 1.20 -11.70
C THR A 54 2.81 0.10 -12.16
N LEU A 55 2.46 -1.15 -11.90
CA LEU A 55 3.28 -2.29 -12.29
C LEU A 55 3.28 -2.46 -13.80
N ARG A 56 4.46 -2.76 -14.35
CA ARG A 56 4.60 -2.95 -15.79
C ARG A 56 3.49 -3.86 -16.33
N SER A 57 3.17 -4.91 -15.58
CA SER A 57 2.14 -5.85 -15.98
C SER A 57 0.77 -5.17 -16.01
N GLY A 58 0.58 -4.19 -15.13
CA GLY A 58 -0.68 -3.48 -15.07
C GLY A 58 -0.97 -2.94 -13.69
N ALA A 59 -2.24 -2.99 -13.30
CA ALA A 59 -2.65 -2.49 -11.99
C ALA A 59 -2.38 -3.52 -10.90
N VAL A 60 -2.68 -3.16 -9.66
CA VAL A 60 -2.47 -4.06 -8.52
C VAL A 60 -3.75 -4.83 -8.19
N HIS A 61 -3.64 -6.15 -8.12
CA HIS A 61 -4.78 -6.99 -7.81
C HIS A 61 -4.67 -7.54 -6.38
N ARG A 62 -3.44 -7.71 -5.91
CA ARG A 62 -3.20 -8.23 -4.57
C ARG A 62 -2.11 -7.43 -3.87
N LEU A 63 -2.10 -7.49 -2.54
CA LEU A 63 -1.09 -6.79 -1.75
C LEU A 63 -0.20 -7.76 -1.00
N TYR A 64 1.05 -7.37 -0.80
CA TYR A 64 2.01 -8.21 -0.09
C TYR A 64 2.90 -7.38 0.83
N THR A 65 2.95 -7.77 2.10
CA THR A 65 3.76 -7.05 3.08
C THR A 65 5.24 -7.37 2.91
N LEU A 66 6.09 -6.57 3.55
CA LEU A 66 7.53 -6.77 3.47
C LEU A 66 7.91 -8.18 3.92
N GLU A 67 7.11 -8.75 4.82
CA GLU A 67 7.36 -10.09 5.32
C GLU A 67 6.94 -11.15 4.32
N GLY A 68 6.12 -10.75 3.35
CA GLY A 68 5.66 -11.66 2.33
C GLY A 68 4.23 -12.12 2.57
N LYS A 69 3.58 -11.54 3.58
CA LYS A 69 2.21 -11.89 3.91
C LYS A 69 1.24 -11.23 2.94
N LEU A 70 0.11 -11.90 2.71
CA LEU A 70 -0.91 -11.39 1.80
C LEU A 70 -2.02 -10.69 2.56
N VAL A 71 -2.56 -9.62 1.98
CA VAL A 71 -3.64 -8.87 2.61
C VAL A 71 -4.91 -8.93 1.77
N GLU A 72 -5.68 -9.99 1.94
CA GLU A 72 -6.92 -10.16 1.21
C GLU A 72 -7.86 -8.97 1.41
N SER A 73 -7.66 -8.26 2.53
CA SER A 73 -8.49 -7.11 2.85
C SER A 73 -7.72 -6.12 3.73
N GLY A 74 -7.93 -4.83 3.47
CA GLY A 74 -7.25 -3.81 4.25
C GLY A 74 -7.22 -4.12 5.73
N ALA A 75 -8.15 -4.96 6.17
CA ALA A 75 -8.23 -5.35 7.58
C ALA A 75 -6.85 -5.64 8.14
N GLU A 76 -5.91 -5.96 7.27
CA GLU A 76 -4.54 -6.26 7.68
C GLU A 76 -3.69 -5.00 7.70
N LEU A 77 -3.99 -4.07 6.80
CA LEU A 77 -3.25 -2.82 6.72
C LEU A 77 -3.07 -2.20 8.09
N GLU A 78 -2.16 -1.24 8.19
CA GLU A 78 -1.89 -0.56 9.45
C GLU A 78 -1.49 0.89 9.23
N ASN A 79 -1.62 1.71 10.27
CA ASN A 79 -1.27 3.13 10.17
C ASN A 79 0.24 3.32 10.27
N GLY A 80 0.81 3.93 9.23
CA GLY A 80 2.24 4.16 9.20
C GLY A 80 3.03 2.91 8.87
N GLN A 81 2.52 2.12 7.94
CA GLN A 81 3.18 0.88 7.52
C GLN A 81 3.47 0.90 6.03
N PHE A 82 4.28 -0.06 5.58
CA PHE A 82 4.63 -0.16 4.17
C PHE A 82 4.03 -1.43 3.55
N TYR A 83 3.63 -1.32 2.29
CA TYR A 83 3.04 -2.45 1.58
C TYR A 83 3.43 -2.43 0.10
N VAL A 84 3.72 -3.60 -0.44
CA VAL A 84 4.11 -3.73 -1.84
C VAL A 84 2.93 -4.17 -2.69
N ALA A 85 2.81 -3.59 -3.88
CA ALA A 85 1.73 -3.92 -4.80
C ALA A 85 2.11 -5.07 -5.71
N VAL A 86 1.26 -6.09 -5.76
CA VAL A 86 1.52 -7.27 -6.60
C VAL A 86 0.40 -7.47 -7.62
N GLY A 87 0.73 -7.34 -8.90
CA GLY A 87 -0.24 -7.51 -9.95
C GLY A 87 -0.62 -8.97 -10.17
N ARG A 88 -0.84 -9.33 -11.43
CA ARG A 88 -1.21 -10.71 -11.77
C ARG A 88 0.03 -11.58 -11.90
N ASP A 89 0.96 -11.43 -10.96
CA ASP A 89 2.20 -12.20 -10.97
C ASP A 89 2.68 -12.49 -9.56
N LYS A 90 3.41 -13.58 -9.40
CA LYS A 90 3.93 -13.97 -8.09
C LYS A 90 4.60 -12.79 -7.39
N PHE A 91 4.70 -12.86 -6.07
CA PHE A 91 5.33 -11.80 -5.29
C PHE A 91 6.84 -11.99 -5.21
N LYS A 92 7.58 -10.96 -5.60
CA LYS A 92 9.04 -11.02 -5.57
C LYS A 92 9.58 -10.51 -4.24
N LYS A 93 9.68 -11.41 -3.27
CA LYS A 93 10.18 -11.05 -1.94
C LYS A 93 11.51 -10.33 -2.04
N LEU A 94 11.49 -9.01 -1.80
CA LEU A 94 12.70 -8.20 -1.87
C LEU A 94 12.79 -7.27 -0.67
N PRO A 95 14.03 -6.90 -0.30
CA PRO A 95 14.28 -6.00 0.83
C PRO A 95 13.83 -4.58 0.55
N TYR A 96 12.70 -4.20 1.13
CA TYR A 96 12.16 -2.86 0.95
C TYR A 96 12.50 -1.96 2.14
N GLY A 97 12.57 -2.56 3.32
CA GLY A 97 12.89 -1.80 4.51
C GLY A 97 14.14 -0.97 4.37
N GLU A 98 15.03 -1.40 3.48
CA GLU A 98 16.28 -0.69 3.24
C GLU A 98 16.04 0.56 2.39
N LEU A 99 15.13 0.44 1.42
CA LEU A 99 14.82 1.55 0.55
C LEU A 99 14.15 2.68 1.32
N LEU A 100 13.44 2.33 2.39
CA LEU A 100 12.76 3.32 3.20
C LEU A 100 13.73 4.39 3.69
N PHE A 101 14.76 3.96 4.41
CA PHE A 101 15.76 4.89 4.93
C PHE A 101 17.14 4.23 4.97
N ASP A 102 18.11 4.95 5.53
CA ASP A 102 19.48 4.44 5.62
C ASP A 102 20.07 4.73 7.00
N SER A 103 21.09 3.96 7.37
CA SER A 103 21.74 4.13 8.66
C SER A 103 22.03 5.60 8.94
N GLY A 104 22.54 6.30 7.93
CA GLY A 104 22.86 7.71 8.09
C GLY A 104 21.79 8.46 8.84
N PRO A 105 22.05 8.74 10.12
CA PRO A 105 21.11 9.47 10.98
C PRO A 105 20.97 10.94 10.59
N SER A 106 20.05 11.21 9.67
CA SER A 106 19.82 12.58 9.19
C SER A 106 19.14 13.41 10.28
N SER A 107 19.54 14.68 10.36
CA SER A 107 18.97 15.59 11.34
C SER A 107 17.82 16.39 10.75
N GLY A 108 16.61 15.84 10.83
CA GLY A 108 15.45 16.52 10.29
C GLY A 108 14.54 17.05 11.38
N GLY A 1 -34.07 11.04 15.56
CA GLY A 1 -32.96 10.17 15.89
C GLY A 1 -31.61 10.84 15.66
N SER A 2 -31.31 11.13 14.40
CA SER A 2 -30.05 11.77 14.04
C SER A 2 -30.05 13.24 14.45
N SER A 3 -29.57 13.51 15.65
CA SER A 3 -29.52 14.89 16.16
C SER A 3 -28.11 15.44 16.08
N GLY A 4 -27.16 14.73 16.68
CA GLY A 4 -25.77 15.17 16.66
C GLY A 4 -25.02 14.76 17.91
N SER A 5 -24.69 13.48 18.01
CA SER A 5 -23.97 12.97 19.17
C SER A 5 -23.19 11.71 18.80
N SER A 6 -22.16 11.41 19.58
CA SER A 6 -21.33 10.23 19.35
C SER A 6 -20.98 9.54 20.66
N GLY A 7 -21.09 8.22 20.67
CA GLY A 7 -20.78 7.45 21.87
C GLY A 7 -19.83 6.31 21.60
N ARG A 8 -20.38 5.13 21.32
CA ARG A 8 -19.58 3.96 21.04
C ARG A 8 -19.14 3.92 19.57
N LYS A 9 -18.71 5.07 19.06
CA LYS A 9 -18.27 5.18 17.67
C LYS A 9 -16.77 4.94 17.56
N PRO A 10 -16.37 4.09 16.61
CA PRO A 10 -14.96 3.77 16.37
C PRO A 10 -14.18 4.95 15.80
N LEU A 11 -12.86 4.90 15.93
CA LEU A 11 -12.01 5.96 15.42
C LEU A 11 -12.53 6.50 14.08
N GLN A 12 -12.75 5.59 13.13
CA GLN A 12 -13.25 5.98 11.82
C GLN A 12 -12.46 7.16 11.26
N GLU A 13 -11.14 7.00 11.22
CA GLU A 13 -10.27 8.06 10.69
C GLU A 13 -9.38 7.52 9.58
N PRO A 14 -8.92 8.43 8.70
CA PRO A 14 -8.05 8.07 7.58
C PRO A 14 -6.65 7.65 8.03
N CYS A 15 -6.09 6.65 7.35
CA CYS A 15 -4.76 6.15 7.68
C CYS A 15 -3.78 6.39 6.54
N THR A 16 -2.53 6.67 6.87
CA THR A 16 -1.51 6.92 5.87
C THR A 16 -0.56 5.73 5.74
N ILE A 17 -0.60 5.06 4.59
CA ILE A 17 0.26 3.92 4.35
C ILE A 17 1.16 4.15 3.13
N PHE A 18 2.28 3.44 3.10
CA PHE A 18 3.22 3.57 2.00
C PHE A 18 3.07 2.41 1.00
N LEU A 19 3.40 2.67 -0.26
CA LEU A 19 3.30 1.66 -1.30
C LEU A 19 4.63 1.46 -2.00
N ILE A 20 4.84 0.27 -2.55
CA ILE A 20 6.07 -0.04 -3.26
C ILE A 20 5.82 -1.03 -4.41
N ALA A 21 6.35 -0.70 -5.58
CA ALA A 21 6.18 -1.56 -6.75
C ALA A 21 6.75 -2.95 -6.50
N ASN A 22 5.95 -3.96 -6.78
CA ASN A 22 6.37 -5.35 -6.59
C ASN A 22 7.61 -5.66 -7.43
N GLY A 23 8.71 -5.96 -6.74
CA GLY A 23 9.95 -6.28 -7.43
C GLY A 23 10.75 -5.04 -7.78
N ASP A 24 10.61 -4.00 -6.96
CA ASP A 24 11.33 -2.75 -7.19
C ASP A 24 12.22 -2.41 -6.00
N LEU A 25 13.53 -2.50 -6.20
CA LEU A 25 14.49 -2.21 -5.13
C LEU A 25 15.26 -0.92 -5.44
N ILE A 26 14.96 -0.32 -6.59
CA ILE A 26 15.63 0.91 -6.99
C ILE A 26 14.76 2.12 -6.68
N ASN A 27 13.45 1.94 -6.73
CA ASN A 27 12.52 3.03 -6.45
C ASN A 27 11.98 2.92 -5.03
N PRO A 28 11.89 4.07 -4.33
CA PRO A 28 11.40 4.12 -2.96
C PRO A 28 9.90 3.85 -2.88
N ALA A 29 9.32 4.07 -1.69
CA ALA A 29 7.90 3.86 -1.48
C ALA A 29 7.10 5.12 -1.80
N SER A 30 5.78 5.04 -1.64
CA SER A 30 4.91 6.16 -1.91
C SER A 30 3.86 6.32 -0.82
N ARG A 31 3.92 7.43 -0.09
CA ARG A 31 2.98 7.70 0.99
C ARG A 31 1.59 8.05 0.43
N LEU A 32 0.63 7.18 0.66
CA LEU A 32 -0.73 7.41 0.18
C LEU A 32 -1.75 7.16 1.29
N LEU A 33 -2.58 8.16 1.56
CA LEU A 33 -3.60 8.05 2.59
C LEU A 33 -4.87 7.41 2.04
N ILE A 34 -5.55 6.64 2.88
CA ILE A 34 -6.78 5.98 2.48
C ILE A 34 -7.91 6.27 3.47
N PRO A 35 -9.01 6.86 2.95
CA PRO A 35 -10.17 7.20 3.78
C PRO A 35 -10.94 5.97 4.23
N ARG A 36 -11.33 5.96 5.50
CA ARG A 36 -12.07 4.84 6.07
C ARG A 36 -13.09 4.30 5.07
N LYS A 37 -13.76 5.21 4.36
CA LYS A 37 -14.76 4.83 3.37
C LYS A 37 -14.16 3.85 2.36
N THR A 38 -12.95 4.12 1.91
CA THR A 38 -12.28 3.26 0.95
C THR A 38 -11.78 1.98 1.60
N LEU A 39 -11.18 2.12 2.78
CA LEU A 39 -10.66 0.98 3.51
C LEU A 39 -11.65 -0.17 3.53
N ASN A 40 -12.94 0.17 3.55
CA ASN A 40 -14.01 -0.82 3.55
C ASN A 40 -14.02 -1.61 2.25
N GLN A 41 -13.82 -0.91 1.14
CA GLN A 41 -13.82 -1.54 -0.18
C GLN A 41 -12.40 -1.93 -0.59
N TRP A 42 -12.17 -3.23 -0.75
CA TRP A 42 -10.86 -3.73 -1.14
C TRP A 42 -10.55 -3.37 -2.58
N ASP A 43 -11.58 -3.38 -3.43
CA ASP A 43 -11.42 -3.06 -4.83
C ASP A 43 -11.04 -1.59 -5.01
N HIS A 44 -11.71 -0.72 -4.26
CA HIS A 44 -11.43 0.72 -4.33
C HIS A 44 -9.98 1.01 -4.02
N VAL A 45 -9.41 0.26 -3.08
CA VAL A 45 -8.01 0.45 -2.69
C VAL A 45 -7.07 0.06 -3.82
N LEU A 46 -7.40 -1.02 -4.52
CA LEU A 46 -6.58 -1.50 -5.63
C LEU A 46 -6.63 -0.52 -6.80
N GLN A 47 -7.71 0.25 -6.87
CA GLN A 47 -7.88 1.23 -7.95
C GLN A 47 -7.09 2.50 -7.65
N MET A 48 -6.81 2.73 -6.36
CA MET A 48 -6.06 3.91 -5.95
C MET A 48 -4.58 3.59 -5.81
N VAL A 49 -4.27 2.42 -5.27
CA VAL A 49 -2.89 2.00 -5.08
C VAL A 49 -2.10 2.09 -6.38
N THR A 50 -2.81 1.97 -7.51
CA THR A 50 -2.18 2.04 -8.82
C THR A 50 -1.74 3.45 -9.15
N GLU A 51 -2.63 4.41 -8.92
CA GLU A 51 -2.34 5.81 -9.20
C GLU A 51 -0.94 6.18 -8.68
N LYS A 52 -0.54 5.56 -7.58
CA LYS A 52 0.77 5.82 -7.00
C LYS A 52 1.81 4.83 -7.53
N ILE A 53 1.43 3.56 -7.57
CA ILE A 53 2.33 2.52 -8.05
C ILE A 53 1.79 1.87 -9.32
N THR A 54 2.28 2.32 -10.46
CA THR A 54 1.84 1.77 -11.74
C THR A 54 2.76 0.65 -12.20
N LEU A 55 2.32 -0.59 -12.00
CA LEU A 55 3.11 -1.75 -12.39
C LEU A 55 3.21 -1.85 -13.91
N ARG A 56 4.39 -2.20 -14.40
CA ARG A 56 4.61 -2.33 -15.84
C ARG A 56 3.58 -3.25 -16.47
N SER A 57 3.15 -4.26 -15.70
CA SER A 57 2.16 -5.22 -16.19
C SER A 57 0.77 -4.61 -16.20
N GLY A 58 0.60 -3.52 -15.45
CA GLY A 58 -0.69 -2.86 -15.38
C GLY A 58 -1.00 -2.35 -13.99
N ALA A 59 -2.27 -2.43 -13.60
CA ALA A 59 -2.71 -1.97 -12.29
C ALA A 59 -2.45 -3.02 -11.22
N VAL A 60 -2.72 -2.67 -9.97
CA VAL A 60 -2.53 -3.60 -8.86
C VAL A 60 -3.78 -4.42 -8.60
N HIS A 61 -3.59 -5.71 -8.30
CA HIS A 61 -4.70 -6.61 -8.04
C HIS A 61 -4.63 -7.16 -6.61
N ARG A 62 -3.41 -7.31 -6.11
CA ARG A 62 -3.21 -7.83 -4.77
C ARG A 62 -2.12 -7.06 -4.04
N LEU A 63 -2.01 -7.26 -2.73
CA LEU A 63 -1.01 -6.57 -1.93
C LEU A 63 -0.12 -7.58 -1.21
N TYR A 64 1.15 -7.21 -1.02
CA TYR A 64 2.10 -8.08 -0.34
C TYR A 64 3.02 -7.27 0.57
N THR A 65 3.20 -7.75 1.80
CA THR A 65 4.06 -7.08 2.77
C THR A 65 5.53 -7.34 2.47
N LEU A 66 6.40 -6.58 3.13
CA LEU A 66 7.84 -6.73 2.95
C LEU A 66 8.30 -8.14 3.31
N GLU A 67 7.55 -8.78 4.21
CA GLU A 67 7.88 -10.13 4.65
C GLU A 67 7.42 -11.16 3.61
N GLY A 68 6.33 -10.83 2.90
CA GLY A 68 5.80 -11.74 1.90
C GLY A 68 4.44 -12.28 2.26
N LYS A 69 3.67 -11.49 3.01
CA LYS A 69 2.33 -11.89 3.43
C LYS A 69 1.27 -11.31 2.48
N LEU A 70 0.16 -12.03 2.36
CA LEU A 70 -0.92 -11.58 1.49
C LEU A 70 -2.03 -10.91 2.29
N VAL A 71 -2.44 -9.72 1.85
CA VAL A 71 -3.50 -8.98 2.53
C VAL A 71 -4.80 -9.06 1.77
N GLU A 72 -5.52 -10.16 1.96
CA GLU A 72 -6.81 -10.36 1.28
C GLU A 72 -7.71 -9.15 1.47
N SER A 73 -7.55 -8.46 2.60
CA SER A 73 -8.36 -7.29 2.90
C SER A 73 -7.56 -6.28 3.73
N GLY A 74 -7.77 -5.00 3.44
CA GLY A 74 -7.06 -3.95 4.16
C GLY A 74 -7.01 -4.22 5.64
N ALA A 75 -7.92 -5.05 6.13
CA ALA A 75 -7.98 -5.38 7.55
C ALA A 75 -6.59 -5.68 8.10
N GLU A 76 -5.72 -6.20 7.24
CA GLU A 76 -4.36 -6.55 7.63
C GLU A 76 -3.47 -5.31 7.64
N LEU A 77 -3.79 -4.35 6.77
CA LEU A 77 -3.01 -3.12 6.68
C LEU A 77 -2.84 -2.47 8.05
N GLU A 78 -1.91 -1.53 8.14
CA GLU A 78 -1.65 -0.84 9.40
C GLU A 78 -1.44 0.65 9.15
N ASN A 79 -1.70 1.45 10.20
CA ASN A 79 -1.55 2.90 10.10
C ASN A 79 -0.08 3.30 10.16
N GLY A 80 0.44 3.77 9.02
CA GLY A 80 1.83 4.18 8.96
C GLY A 80 2.76 3.01 8.69
N GLN A 81 2.38 2.15 7.76
CA GLN A 81 3.20 0.98 7.41
C GLN A 81 3.45 0.92 5.91
N PHE A 82 4.39 0.09 5.50
CA PHE A 82 4.72 -0.07 4.09
C PHE A 82 4.13 -1.36 3.53
N TYR A 83 3.65 -1.30 2.29
CA TYR A 83 3.06 -2.46 1.64
C TYR A 83 3.38 -2.47 0.15
N VAL A 84 3.83 -3.61 -0.34
CA VAL A 84 4.18 -3.75 -1.75
C VAL A 84 2.93 -4.08 -2.59
N ALA A 85 2.73 -3.31 -3.66
CA ALA A 85 1.60 -3.52 -4.54
C ALA A 85 1.93 -4.51 -5.64
N VAL A 86 1.29 -5.68 -5.60
CA VAL A 86 1.52 -6.72 -6.60
C VAL A 86 0.38 -6.75 -7.62
N GLY A 87 0.75 -6.89 -8.90
CA GLY A 87 -0.25 -6.94 -9.95
C GLY A 87 -0.46 -8.34 -10.49
N ARG A 88 -1.01 -8.43 -11.70
CA ARG A 88 -1.27 -9.72 -12.31
C ARG A 88 -0.07 -10.65 -12.16
N ASP A 89 1.13 -10.08 -12.16
CA ASP A 89 2.35 -10.86 -12.02
C ASP A 89 2.53 -11.31 -10.57
N LYS A 90 3.26 -12.40 -10.38
CA LYS A 90 3.53 -12.93 -9.04
C LYS A 90 4.25 -11.90 -8.18
N PHE A 91 4.45 -12.24 -6.91
CA PHE A 91 5.13 -11.35 -5.98
C PHE A 91 6.62 -11.67 -5.91
N LYS A 92 7.44 -10.79 -6.46
CA LYS A 92 8.89 -10.97 -6.46
C LYS A 92 9.46 -10.74 -5.06
N LYS A 93 9.39 -11.77 -4.22
CA LYS A 93 9.90 -11.67 -2.86
C LYS A 93 11.26 -10.96 -2.84
N LEU A 94 11.29 -9.78 -2.22
CA LEU A 94 12.52 -9.01 -2.14
C LEU A 94 12.52 -8.13 -0.89
N PRO A 95 13.72 -7.82 -0.38
CA PRO A 95 13.88 -6.98 0.81
C PRO A 95 13.50 -5.52 0.55
N TYR A 96 12.34 -5.13 1.04
CA TYR A 96 11.86 -3.76 0.85
C TYR A 96 12.12 -2.92 2.10
N GLY A 97 11.97 -3.54 3.26
CA GLY A 97 12.21 -2.84 4.52
C GLY A 97 13.55 -2.16 4.56
N GLU A 98 14.48 -2.62 3.74
CA GLU A 98 15.82 -2.06 3.69
C GLU A 98 15.82 -0.75 2.91
N LEU A 99 14.98 -0.67 1.88
CA LEU A 99 14.88 0.52 1.05
C LEU A 99 14.31 1.69 1.84
N LEU A 100 13.58 1.37 2.90
CA LEU A 100 12.97 2.41 3.74
C LEU A 100 14.04 3.18 4.52
N PHE A 101 14.90 2.44 5.22
CA PHE A 101 15.97 3.05 6.00
C PHE A 101 17.32 2.44 5.64
N ASP A 102 18.26 3.29 5.27
CA ASP A 102 19.60 2.84 4.90
C ASP A 102 19.56 1.97 3.64
N SER A 103 18.71 2.37 2.70
CA SER A 103 18.57 1.63 1.45
C SER A 103 19.93 1.27 0.86
N GLY A 104 20.31 0.00 0.99
CA GLY A 104 21.59 -0.44 0.47
C GLY A 104 21.87 -1.90 0.80
N PRO A 105 21.93 -2.74 -0.25
CA PRO A 105 22.19 -4.17 -0.10
C PRO A 105 23.62 -4.45 0.35
N SER A 106 23.81 -5.56 1.06
CA SER A 106 25.12 -5.95 1.55
C SER A 106 26.18 -5.81 0.45
N SER A 107 26.99 -4.76 0.57
CA SER A 107 28.04 -4.51 -0.41
C SER A 107 29.13 -3.61 0.17
N GLY A 108 30.17 -3.36 -0.62
CA GLY A 108 31.26 -2.51 -0.17
C GLY A 108 32.33 -3.30 0.58
#